data_4AYA
# 
_entry.id   4AYA 
# 
_audit_conform.dict_name       mmcif_pdbx.dic 
_audit_conform.dict_version    5.391 
_audit_conform.dict_location   http://mmcif.pdb.org/dictionaries/ascii/mmcif_pdbx.dic 
# 
loop_
_database_2.database_id 
_database_2.database_code 
_database_2.pdbx_database_accession 
_database_2.pdbx_DOI 
PDB   4AYA         pdb_00004aya 10.2210/pdb4aya/pdb 
PDBE  EBI-47470    ?            ?                   
WWPDB D_1290047470 ?            ?                   
# 
loop_
_pdbx_audit_revision_history.ordinal 
_pdbx_audit_revision_history.data_content_type 
_pdbx_audit_revision_history.major_revision 
_pdbx_audit_revision_history.minor_revision 
_pdbx_audit_revision_history.revision_date 
1 'Structure model' 1 0 2012-11-14 
2 'Structure model' 1 1 2024-05-01 
# 
_pdbx_audit_revision_details.ordinal             1 
_pdbx_audit_revision_details.revision_ordinal    1 
_pdbx_audit_revision_details.data_content_type   'Structure model' 
_pdbx_audit_revision_details.provider            repository 
_pdbx_audit_revision_details.type                'Initial release' 
_pdbx_audit_revision_details.description         ? 
_pdbx_audit_revision_details.details             ? 
# 
loop_
_pdbx_audit_revision_group.ordinal 
_pdbx_audit_revision_group.revision_ordinal 
_pdbx_audit_revision_group.data_content_type 
_pdbx_audit_revision_group.group 
1 2 'Structure model' 'Data collection'        
2 2 'Structure model' 'Database references'    
3 2 'Structure model' 'Derived calculations'   
4 2 'Structure model' Other                    
5 2 'Structure model' 'Refinement description' 
# 
loop_
_pdbx_audit_revision_category.ordinal 
_pdbx_audit_revision_category.revision_ordinal 
_pdbx_audit_revision_category.data_content_type 
_pdbx_audit_revision_category.category 
1 2 'Structure model' chem_comp_atom                
2 2 'Structure model' chem_comp_bond                
3 2 'Structure model' database_2                    
4 2 'Structure model' pdbx_database_status          
5 2 'Structure model' pdbx_initial_refinement_model 
6 2 'Structure model' pdbx_struct_conn_angle        
7 2 'Structure model' struct_conn                   
8 2 'Structure model' struct_site                   
# 
loop_
_pdbx_audit_revision_item.ordinal 
_pdbx_audit_revision_item.revision_ordinal 
_pdbx_audit_revision_item.data_content_type 
_pdbx_audit_revision_item.item 
1  2 'Structure model' '_database_2.pdbx_DOI'                        
2  2 'Structure model' '_database_2.pdbx_database_accession'         
3  2 'Structure model' '_pdbx_database_status.status_code_sf'        
4  2 'Structure model' '_pdbx_struct_conn_angle.ptnr1_auth_comp_id'  
5  2 'Structure model' '_pdbx_struct_conn_angle.ptnr1_auth_seq_id'   
6  2 'Structure model' '_pdbx_struct_conn_angle.ptnr1_label_asym_id' 
7  2 'Structure model' '_pdbx_struct_conn_angle.ptnr1_label_atom_id' 
8  2 'Structure model' '_pdbx_struct_conn_angle.ptnr1_label_comp_id' 
9  2 'Structure model' '_pdbx_struct_conn_angle.ptnr1_label_seq_id'  
10 2 'Structure model' '_pdbx_struct_conn_angle.ptnr3_auth_comp_id'  
11 2 'Structure model' '_pdbx_struct_conn_angle.ptnr3_auth_seq_id'   
12 2 'Structure model' '_pdbx_struct_conn_angle.ptnr3_label_asym_id' 
13 2 'Structure model' '_pdbx_struct_conn_angle.ptnr3_label_atom_id' 
14 2 'Structure model' '_pdbx_struct_conn_angle.ptnr3_label_comp_id' 
15 2 'Structure model' '_pdbx_struct_conn_angle.ptnr3_label_seq_id'  
16 2 'Structure model' '_pdbx_struct_conn_angle.value'               
17 2 'Structure model' '_struct_conn.pdbx_dist_value'                
18 2 'Structure model' '_struct_conn.ptnr1_auth_comp_id'             
19 2 'Structure model' '_struct_conn.ptnr1_auth_seq_id'              
20 2 'Structure model' '_struct_conn.ptnr1_label_asym_id'            
21 2 'Structure model' '_struct_conn.ptnr1_label_atom_id'            
22 2 'Structure model' '_struct_conn.ptnr1_label_comp_id'            
23 2 'Structure model' '_struct_conn.ptnr1_label_seq_id'             
24 2 'Structure model' '_struct_conn.ptnr2_auth_comp_id'             
25 2 'Structure model' '_struct_conn.ptnr2_auth_seq_id'              
26 2 'Structure model' '_struct_conn.ptnr2_label_asym_id'            
27 2 'Structure model' '_struct_conn.ptnr2_label_atom_id'            
28 2 'Structure model' '_struct_conn.ptnr2_label_comp_id'            
29 2 'Structure model' '_struct_conn.ptnr2_label_seq_id'             
30 2 'Structure model' '_struct_site.pdbx_auth_asym_id'              
31 2 'Structure model' '_struct_site.pdbx_auth_comp_id'              
32 2 'Structure model' '_struct_site.pdbx_auth_seq_id'               
# 
_pdbx_database_status.status_code                     REL 
_pdbx_database_status.entry_id                        4AYA 
_pdbx_database_status.deposit_site                    PDBE 
_pdbx_database_status.process_site                    PDBE 
_pdbx_database_status.SG_entry                        . 
_pdbx_database_status.recvd_initial_deposition_date   2012-06-19 
_pdbx_database_status.pdb_format_compatible           Y 
_pdbx_database_status.status_code_sf                  REL 
_pdbx_database_status.status_code_mr                  ? 
_pdbx_database_status.status_code_cs                  ? 
_pdbx_database_status.methods_development_category    ? 
_pdbx_database_status.status_code_nmr_data            ? 
# 
loop_
_audit_author.name 
_audit_author.pdbx_ordinal 
'Wong, M.V.'     1 
'Jiang, S.'      2 
'Palasingam, P.' 3 
'Kolatkar, P.R.' 4 
# 
_citation.id                        primary 
_citation.title                     
;A Divalent Ion is Crucial in the Structure and Dominant-Negative Function of Id Proteins, a Class of Helix-Loop-Helix Transcription Regulators.
;
_citation.journal_abbrev            'Plos One' 
_citation.journal_volume            7 
_citation.page_first                48591 
_citation.page_last                 ? 
_citation.year                      2012 
_citation.journal_id_ASTM           ? 
_citation.country                   US 
_citation.journal_id_ISSN           1932-6203 
_citation.journal_id_CSD            ? 
_citation.book_publisher            ? 
_citation.pdbx_database_id_PubMed   23119064 
_citation.pdbx_database_id_DOI      10.1371/JOURNAL.PONE.0048591 
# 
loop_
_citation_author.citation_id 
_citation_author.name 
_citation_author.ordinal 
_citation_author.identifier_ORCID 
primary 'Wong, M.V.'     1 ? 
primary 'Jiang, S.'      2 ? 
primary 'Palasingam, P.' 3 ? 
primary 'Kolatkar, P.R.' 4 ? 
# 
loop_
_entity.id 
_entity.type 
_entity.src_method 
_entity.pdbx_description 
_entity.formula_weight 
_entity.pdbx_number_of_molecules 
_entity.pdbx_ec 
_entity.pdbx_mutation 
_entity.pdbx_fragment 
_entity.details 
1 polymer     man 'DNA-BINDING PROTEIN INHIBITOR ID-2' 10844.563 2  ? ? 'HELIX-LOOP-HELIX DOMAIN, RESIDUES 1-82' ? 
2 non-polymer syn 'POTASSIUM ION'                      39.098    2  ? ? ?                                        ? 
3 non-polymer syn 'ACETATE ION'                        59.044    1  ? ? ?                                        ? 
4 water       nat water                                18.015    24 ? ? ?                                        ? 
# 
_entity_name_com.entity_id   1 
_entity_name_com.name        
'CLASS D BASIC HELIX-LOOP-HELIX PROTEIN 26, CLASS B BASIC HELIX-LOOP-HELIX PROTEIN 26, BHLHB26, INHIBITOR OF DNA BINDING 2' 
# 
_entity_poly.entity_id                      1 
_entity_poly.type                           'polypeptide(L)' 
_entity_poly.nstd_linkage                   no 
_entity_poly.nstd_monomer                   no 
_entity_poly.pdbx_seq_one_letter_code       
;GMKAFSPVRSVRKNSLSDHSLGISRSKTPVDDPMSLLYNMNDCYSKLKELVPSIPQNKKVSKMEILQHVIDYILDLQIAL
DSHLKPSFLVQSGDIAS
;
_entity_poly.pdbx_seq_one_letter_code_can   
;GMKAFSPVRSVRKNSLSDHSLGISRSKTPVDDPMSLLYNMNDCYSKLKELVPSIPQNKKVSKMEILQHVIDYILDLQIAL
DSHLKPSFLVQSGDIAS
;
_entity_poly.pdbx_strand_id                 A,B 
_entity_poly.pdbx_target_identifier         ? 
# 
loop_
_pdbx_entity_nonpoly.entity_id 
_pdbx_entity_nonpoly.name 
_pdbx_entity_nonpoly.comp_id 
2 'POTASSIUM ION' K   
3 'ACETATE ION'   ACT 
4 water           HOH 
# 
loop_
_entity_poly_seq.entity_id 
_entity_poly_seq.num 
_entity_poly_seq.mon_id 
_entity_poly_seq.hetero 
1 1  GLY n 
1 2  MET n 
1 3  LYS n 
1 4  ALA n 
1 5  PHE n 
1 6  SER n 
1 7  PRO n 
1 8  VAL n 
1 9  ARG n 
1 10 SER n 
1 11 VAL n 
1 12 ARG n 
1 13 LYS n 
1 14 ASN n 
1 15 SER n 
1 16 LEU n 
1 17 SER n 
1 18 ASP n 
1 19 HIS n 
1 20 SER n 
1 21 LEU n 
1 22 GLY n 
1 23 ILE n 
1 24 SER n 
1 25 ARG n 
1 26 SER n 
1 27 LYS n 
1 28 THR n 
1 29 PRO n 
1 30 VAL n 
1 31 ASP n 
1 32 ASP n 
1 33 PRO n 
1 34 MET n 
1 35 SER n 
1 36 LEU n 
1 37 LEU n 
1 38 TYR n 
1 39 ASN n 
1 40 MET n 
1 41 ASN n 
1 42 ASP n 
1 43 CYS n 
1 44 TYR n 
1 45 SER n 
1 46 LYS n 
1 47 LEU n 
1 48 LYS n 
1 49 GLU n 
1 50 LEU n 
1 51 VAL n 
1 52 PRO n 
1 53 SER n 
1 54 ILE n 
1 55 PRO n 
1 56 GLN n 
1 57 ASN n 
1 58 LYS n 
1 59 LYS n 
1 60 VAL n 
1 61 SER n 
1 62 LYS n 
1 63 MET n 
1 64 GLU n 
1 65 ILE n 
1 66 LEU n 
1 67 GLN n 
1 68 HIS n 
1 69 VAL n 
1 70 ILE n 
1 71 ASP n 
1 72 TYR n 
1 73 ILE n 
1 74 LEU n 
1 75 ASP n 
1 76 LEU n 
1 77 GLN n 
1 78 ILE n 
1 79 ALA n 
1 80 LEU n 
1 81 ASP n 
1 82 SER n 
1 83 HIS n 
1 84 LEU n 
1 85 LYS n 
1 86 PRO n 
1 87 SER n 
1 88 PHE n 
1 89 LEU n 
1 90 VAL n 
1 91 GLN n 
1 92 SER n 
1 93 GLY n 
1 94 ASP n 
1 95 ILE n 
1 96 ALA n 
1 97 SER n 
# 
_entity_src_gen.entity_id                          1 
_entity_src_gen.pdbx_src_id                        1 
_entity_src_gen.pdbx_alt_source_flag               sample 
_entity_src_gen.pdbx_seq_type                      ? 
_entity_src_gen.pdbx_beg_seq_num                   ? 
_entity_src_gen.pdbx_end_seq_num                   ? 
_entity_src_gen.gene_src_common_name               HUMAN 
_entity_src_gen.gene_src_genus                     ? 
_entity_src_gen.pdbx_gene_src_gene                 ? 
_entity_src_gen.gene_src_species                   ? 
_entity_src_gen.gene_src_strain                    ? 
_entity_src_gen.gene_src_tissue                    ? 
_entity_src_gen.gene_src_tissue_fraction           ? 
_entity_src_gen.gene_src_details                   ? 
_entity_src_gen.pdbx_gene_src_fragment             ? 
_entity_src_gen.pdbx_gene_src_scientific_name      'HOMO SAPIENS' 
_entity_src_gen.pdbx_gene_src_ncbi_taxonomy_id     9606 
_entity_src_gen.pdbx_gene_src_variant              ? 
_entity_src_gen.pdbx_gene_src_cell_line            ? 
_entity_src_gen.pdbx_gene_src_atcc                 ? 
_entity_src_gen.pdbx_gene_src_organ                ? 
_entity_src_gen.pdbx_gene_src_organelle            ? 
_entity_src_gen.pdbx_gene_src_cell                 ? 
_entity_src_gen.pdbx_gene_src_cellular_location    ? 
_entity_src_gen.host_org_common_name               ? 
_entity_src_gen.pdbx_host_org_scientific_name      'ESCHERICHIA COLI' 
_entity_src_gen.pdbx_host_org_ncbi_taxonomy_id     469008 
_entity_src_gen.host_org_genus                     ? 
_entity_src_gen.pdbx_host_org_gene                 ? 
_entity_src_gen.pdbx_host_org_organ                ? 
_entity_src_gen.host_org_species                   ? 
_entity_src_gen.pdbx_host_org_tissue               ? 
_entity_src_gen.pdbx_host_org_tissue_fraction      ? 
_entity_src_gen.pdbx_host_org_strain               'BL21(DE3)' 
_entity_src_gen.pdbx_host_org_variant              ? 
_entity_src_gen.pdbx_host_org_cell_line            ? 
_entity_src_gen.pdbx_host_org_atcc                 ? 
_entity_src_gen.pdbx_host_org_culture_collection   ? 
_entity_src_gen.pdbx_host_org_cell                 ? 
_entity_src_gen.pdbx_host_org_organelle            ? 
_entity_src_gen.pdbx_host_org_cellular_location    ? 
_entity_src_gen.pdbx_host_org_vector_type          PLASMID 
_entity_src_gen.pdbx_host_org_vector               ? 
_entity_src_gen.host_org_details                   ? 
_entity_src_gen.expression_system_id               ? 
_entity_src_gen.plasmid_name                       PDEST-565 
_entity_src_gen.plasmid_details                    ? 
_entity_src_gen.pdbx_description                   ? 
# 
loop_
_chem_comp.id 
_chem_comp.type 
_chem_comp.mon_nstd_flag 
_chem_comp.name 
_chem_comp.pdbx_synonyms 
_chem_comp.formula 
_chem_comp.formula_weight 
ACT non-polymer         . 'ACETATE ION'   ? 'C2 H3 O2 -1'    59.044  
ALA 'L-peptide linking' y ALANINE         ? 'C3 H7 N O2'     89.093  
ARG 'L-peptide linking' y ARGININE        ? 'C6 H15 N4 O2 1' 175.209 
ASN 'L-peptide linking' y ASPARAGINE      ? 'C4 H8 N2 O3'    132.118 
ASP 'L-peptide linking' y 'ASPARTIC ACID' ? 'C4 H7 N O4'     133.103 
CYS 'L-peptide linking' y CYSTEINE        ? 'C3 H7 N O2 S'   121.158 
GLN 'L-peptide linking' y GLUTAMINE       ? 'C5 H10 N2 O3'   146.144 
GLU 'L-peptide linking' y 'GLUTAMIC ACID' ? 'C5 H9 N O4'     147.129 
GLY 'peptide linking'   y GLYCINE         ? 'C2 H5 N O2'     75.067  
HIS 'L-peptide linking' y HISTIDINE       ? 'C6 H10 N3 O2 1' 156.162 
HOH non-polymer         . WATER           ? 'H2 O'           18.015  
ILE 'L-peptide linking' y ISOLEUCINE      ? 'C6 H13 N O2'    131.173 
K   non-polymer         . 'POTASSIUM ION' ? 'K 1'            39.098  
LEU 'L-peptide linking' y LEUCINE         ? 'C6 H13 N O2'    131.173 
LYS 'L-peptide linking' y LYSINE          ? 'C6 H15 N2 O2 1' 147.195 
MET 'L-peptide linking' y METHIONINE      ? 'C5 H11 N O2 S'  149.211 
PHE 'L-peptide linking' y PHENYLALANINE   ? 'C9 H11 N O2'    165.189 
PRO 'L-peptide linking' y PROLINE         ? 'C5 H9 N O2'     115.130 
SER 'L-peptide linking' y SERINE          ? 'C3 H7 N O3'     105.093 
THR 'L-peptide linking' y THREONINE       ? 'C4 H9 N O3'     119.119 
TYR 'L-peptide linking' y TYROSINE        ? 'C9 H11 N O3'    181.189 
VAL 'L-peptide linking' y VALINE          ? 'C5 H11 N O2'    117.146 
# 
loop_
_pdbx_poly_seq_scheme.asym_id 
_pdbx_poly_seq_scheme.entity_id 
_pdbx_poly_seq_scheme.seq_id 
_pdbx_poly_seq_scheme.mon_id 
_pdbx_poly_seq_scheme.ndb_seq_num 
_pdbx_poly_seq_scheme.pdb_seq_num 
_pdbx_poly_seq_scheme.auth_seq_num 
_pdbx_poly_seq_scheme.pdb_mon_id 
_pdbx_poly_seq_scheme.auth_mon_id 
_pdbx_poly_seq_scheme.pdb_strand_id 
_pdbx_poly_seq_scheme.pdb_ins_code 
_pdbx_poly_seq_scheme.hetero 
A 1 1  GLY 1  0  ?  ?   ?   A . n 
A 1 2  MET 2  1  ?  ?   ?   A . n 
A 1 3  LYS 3  2  ?  ?   ?   A . n 
A 1 4  ALA 4  3  ?  ?   ?   A . n 
A 1 5  PHE 5  4  ?  ?   ?   A . n 
A 1 6  SER 6  5  ?  ?   ?   A . n 
A 1 7  PRO 7  6  ?  ?   ?   A . n 
A 1 8  VAL 8  7  ?  ?   ?   A . n 
A 1 9  ARG 9  8  ?  ?   ?   A . n 
A 1 10 SER 10 9  ?  ?   ?   A . n 
A 1 11 VAL 11 10 ?  ?   ?   A . n 
A 1 12 ARG 12 11 ?  ?   ?   A . n 
A 1 13 LYS 13 12 ?  ?   ?   A . n 
A 1 14 ASN 14 13 ?  ?   ?   A . n 
A 1 15 SER 15 14 ?  ?   ?   A . n 
A 1 16 LEU 16 15 ?  ?   ?   A . n 
A 1 17 SER 17 16 ?  ?   ?   A . n 
A 1 18 ASP 18 17 ?  ?   ?   A . n 
A 1 19 HIS 19 18 ?  ?   ?   A . n 
A 1 20 SER 20 19 ?  ?   ?   A . n 
A 1 21 LEU 21 20 ?  ?   ?   A . n 
A 1 22 GLY 22 21 ?  ?   ?   A . n 
A 1 23 ILE 23 22 ?  ?   ?   A . n 
A 1 24 SER 24 23 ?  ?   ?   A . n 
A 1 25 ARG 25 24 ?  ?   ?   A . n 
A 1 26 SER 26 25 ?  ?   ?   A . n 
A 1 27 LYS 27 26 ?  ?   ?   A . n 
A 1 28 THR 28 27 ?  ?   ?   A . n 
A 1 29 PRO 29 28 ?  ?   ?   A . n 
A 1 30 VAL 30 29 ?  ?   ?   A . n 
A 1 31 ASP 31 30 30 ASP ASP A . n 
A 1 32 ASP 32 31 31 ASP ASP A . n 
A 1 33 PRO 33 32 32 PRO PRO A . n 
A 1 34 MET 34 33 33 MET MET A . n 
A 1 35 SER 35 34 34 SER SER A . n 
A 1 36 LEU 36 35 35 LEU LEU A . n 
A 1 37 LEU 37 36 36 LEU LEU A . n 
A 1 38 TYR 38 37 37 TYR TYR A . n 
A 1 39 ASN 39 38 38 ASN ASN A . n 
A 1 40 MET 40 39 39 MET MET A . n 
A 1 41 ASN 41 40 40 ASN ASN A . n 
A 1 42 ASP 42 41 41 ASP ASP A . n 
A 1 43 CYS 43 42 42 CYS CYS A . n 
A 1 44 TYR 44 43 43 TYR TYR A . n 
A 1 45 SER 45 44 44 SER SER A . n 
A 1 46 LYS 46 45 45 LYS LYS A . n 
A 1 47 LEU 47 46 46 LEU LEU A . n 
A 1 48 LYS 48 47 47 LYS LYS A . n 
A 1 49 GLU 49 48 48 GLU GLU A . n 
A 1 50 LEU 50 49 49 LEU LEU A . n 
A 1 51 VAL 51 50 50 VAL VAL A . n 
A 1 52 PRO 52 51 51 PRO PRO A . n 
A 1 53 SER 53 52 52 SER SER A . n 
A 1 54 ILE 54 53 53 ILE ILE A . n 
A 1 55 PRO 55 54 54 PRO PRO A . n 
A 1 56 GLN 56 55 55 GLN GLN A . n 
A 1 57 ASN 57 56 56 ASN ASN A . n 
A 1 58 LYS 58 57 57 LYS LYS A . n 
A 1 59 LYS 59 58 58 LYS LYS A . n 
A 1 60 VAL 60 59 59 VAL VAL A . n 
A 1 61 SER 61 60 60 SER SER A . n 
A 1 62 LYS 62 61 61 LYS LYS A . n 
A 1 63 MET 63 62 62 MET MET A . n 
A 1 64 GLU 64 63 63 GLU GLU A . n 
A 1 65 ILE 65 64 64 ILE ILE A . n 
A 1 66 LEU 66 65 65 LEU LEU A . n 
A 1 67 GLN 67 66 66 GLN GLN A . n 
A 1 68 HIS 68 67 67 HIS HIS A . n 
A 1 69 VAL 69 68 68 VAL VAL A . n 
A 1 70 ILE 70 69 69 ILE ILE A . n 
A 1 71 ASP 71 70 70 ASP ASP A . n 
A 1 72 TYR 72 71 71 TYR TYR A . n 
A 1 73 ILE 73 72 72 ILE ILE A . n 
A 1 74 LEU 74 73 73 LEU LEU A . n 
A 1 75 ASP 75 74 74 ASP ASP A . n 
A 1 76 LEU 76 75 75 LEU LEU A . n 
A 1 77 GLN 77 76 76 GLN GLN A . n 
A 1 78 ILE 78 77 77 ILE ILE A . n 
A 1 79 ALA 79 78 78 ALA ALA A . n 
A 1 80 LEU 80 79 79 LEU LEU A . n 
A 1 81 ASP 81 80 80 ASP ASP A . n 
A 1 82 SER 82 81 81 SER SER A . n 
A 1 83 HIS 83 82 82 HIS HIS A . n 
A 1 84 LEU 84 83 83 LEU LEU A . n 
A 1 85 LYS 85 84 84 LYS LYS A . n 
A 1 86 PRO 86 85 85 PRO PRO A . n 
A 1 87 SER 87 86 86 SER SER A . n 
A 1 88 PHE 88 87 87 PHE PHE A . n 
A 1 89 LEU 89 88 88 LEU LEU A . n 
A 1 90 VAL 90 89 ?  ?   ?   A . n 
A 1 91 GLN 91 90 ?  ?   ?   A . n 
A 1 92 SER 92 91 ?  ?   ?   A . n 
A 1 93 GLY 93 92 ?  ?   ?   A . n 
A 1 94 ASP 94 93 ?  ?   ?   A . n 
A 1 95 ILE 95 94 ?  ?   ?   A . n 
A 1 96 ALA 96 95 ?  ?   ?   A . n 
A 1 97 SER 97 96 ?  ?   ?   A . n 
B 1 1  GLY 1  0  ?  ?   ?   B . n 
B 1 2  MET 2  1  ?  ?   ?   B . n 
B 1 3  LYS 3  2  ?  ?   ?   B . n 
B 1 4  ALA 4  3  ?  ?   ?   B . n 
B 1 5  PHE 5  4  ?  ?   ?   B . n 
B 1 6  SER 6  5  ?  ?   ?   B . n 
B 1 7  PRO 7  6  ?  ?   ?   B . n 
B 1 8  VAL 8  7  ?  ?   ?   B . n 
B 1 9  ARG 9  8  ?  ?   ?   B . n 
B 1 10 SER 10 9  ?  ?   ?   B . n 
B 1 11 VAL 11 10 ?  ?   ?   B . n 
B 1 12 ARG 12 11 ?  ?   ?   B . n 
B 1 13 LYS 13 12 ?  ?   ?   B . n 
B 1 14 ASN 14 13 ?  ?   ?   B . n 
B 1 15 SER 15 14 ?  ?   ?   B . n 
B 1 16 LEU 16 15 ?  ?   ?   B . n 
B 1 17 SER 17 16 ?  ?   ?   B . n 
B 1 18 ASP 18 17 ?  ?   ?   B . n 
B 1 19 HIS 19 18 ?  ?   ?   B . n 
B 1 20 SER 20 19 ?  ?   ?   B . n 
B 1 21 LEU 21 20 ?  ?   ?   B . n 
B 1 22 GLY 22 21 ?  ?   ?   B . n 
B 1 23 ILE 23 22 ?  ?   ?   B . n 
B 1 24 SER 24 23 ?  ?   ?   B . n 
B 1 25 ARG 25 24 ?  ?   ?   B . n 
B 1 26 SER 26 25 ?  ?   ?   B . n 
B 1 27 LYS 27 26 ?  ?   ?   B . n 
B 1 28 THR 28 27 ?  ?   ?   B . n 
B 1 29 PRO 29 28 ?  ?   ?   B . n 
B 1 30 VAL 30 29 ?  ?   ?   B . n 
B 1 31 ASP 31 30 ?  ?   ?   B . n 
B 1 32 ASP 32 31 ?  ?   ?   B . n 
B 1 33 PRO 33 32 ?  ?   ?   B . n 
B 1 34 MET 34 33 ?  ?   ?   B . n 
B 1 35 SER 35 34 ?  ?   ?   B . n 
B 1 36 LEU 36 35 35 LEU LEU B . n 
B 1 37 LEU 37 36 36 LEU LEU B . n 
B 1 38 TYR 38 37 37 TYR TYR B . n 
B 1 39 ASN 39 38 38 ASN ASN B . n 
B 1 40 MET 40 39 39 MET MET B . n 
B 1 41 ASN 41 40 40 ASN ASN B . n 
B 1 42 ASP 42 41 41 ASP ASP B . n 
B 1 43 CYS 43 42 42 CYS CYS B . n 
B 1 44 TYR 44 43 43 TYR TYR B . n 
B 1 45 SER 45 44 44 SER SER B . n 
B 1 46 LYS 46 45 45 LYS LYS B . n 
B 1 47 LEU 47 46 46 LEU LEU B . n 
B 1 48 LYS 48 47 47 LYS LYS B . n 
B 1 49 GLU 49 48 48 GLU GLU B . n 
B 1 50 LEU 50 49 49 LEU LEU B . n 
B 1 51 VAL 51 50 50 VAL VAL B . n 
B 1 52 PRO 52 51 51 PRO PRO B . n 
B 1 53 SER 53 52 52 SER SER B . n 
B 1 54 ILE 54 53 53 ILE ILE B . n 
B 1 55 PRO 55 54 54 PRO PRO B . n 
B 1 56 GLN 56 55 55 GLN GLN B . n 
B 1 57 ASN 57 56 56 ASN ASN B . n 
B 1 58 LYS 58 57 57 LYS LYS B . n 
B 1 59 LYS 59 58 58 LYS LYS B . n 
B 1 60 VAL 60 59 59 VAL VAL B . n 
B 1 61 SER 61 60 60 SER SER B . n 
B 1 62 LYS 62 61 61 LYS LYS B . n 
B 1 63 MET 63 62 62 MET MET B . n 
B 1 64 GLU 64 63 63 GLU GLU B . n 
B 1 65 ILE 65 64 64 ILE ILE B . n 
B 1 66 LEU 66 65 65 LEU LEU B . n 
B 1 67 GLN 67 66 66 GLN GLN B . n 
B 1 68 HIS 68 67 67 HIS HIS B . n 
B 1 69 VAL 69 68 68 VAL VAL B . n 
B 1 70 ILE 70 69 69 ILE ILE B . n 
B 1 71 ASP 71 70 70 ASP ASP B . n 
B 1 72 TYR 72 71 71 TYR TYR B . n 
B 1 73 ILE 73 72 72 ILE ILE B . n 
B 1 74 LEU 74 73 73 LEU LEU B . n 
B 1 75 ASP 75 74 74 ASP ASP B . n 
B 1 76 LEU 76 75 75 LEU LEU B . n 
B 1 77 GLN 77 76 76 GLN GLN B . n 
B 1 78 ILE 78 77 77 ILE ILE B . n 
B 1 79 ALA 79 78 78 ALA ALA B . n 
B 1 80 LEU 80 79 79 LEU LEU B . n 
B 1 81 ASP 81 80 80 ASP ASP B . n 
B 1 82 SER 82 81 81 SER SER B . n 
B 1 83 HIS 83 82 82 HIS HIS B . n 
B 1 84 LEU 84 83 ?  ?   ?   B . n 
B 1 85 LYS 85 84 ?  ?   ?   B . n 
B 1 86 PRO 86 85 ?  ?   ?   B . n 
B 1 87 SER 87 86 ?  ?   ?   B . n 
B 1 88 PHE 88 87 ?  ?   ?   B . n 
B 1 89 LEU 89 88 ?  ?   ?   B . n 
B 1 90 VAL 90 89 ?  ?   ?   B . n 
B 1 91 GLN 91 90 ?  ?   ?   B . n 
B 1 92 SER 92 91 ?  ?   ?   B . n 
B 1 93 GLY 93 92 ?  ?   ?   B . n 
B 1 94 ASP 94 93 ?  ?   ?   B . n 
B 1 95 ILE 95 94 ?  ?   ?   B . n 
B 1 96 ALA 96 95 ?  ?   ?   B . n 
B 1 97 SER 97 96 ?  ?   ?   B . n 
# 
loop_
_pdbx_nonpoly_scheme.asym_id 
_pdbx_nonpoly_scheme.entity_id 
_pdbx_nonpoly_scheme.mon_id 
_pdbx_nonpoly_scheme.ndb_seq_num 
_pdbx_nonpoly_scheme.pdb_seq_num 
_pdbx_nonpoly_scheme.auth_seq_num 
_pdbx_nonpoly_scheme.pdb_mon_id 
_pdbx_nonpoly_scheme.auth_mon_id 
_pdbx_nonpoly_scheme.pdb_strand_id 
_pdbx_nonpoly_scheme.pdb_ins_code 
C 2 K   1  1089 1089 K   K   A . 
D 3 ACT 1  1090 1090 ACT ACT A . 
E 2 K   1  1083 1083 K   K   B . 
F 4 HOH 1  2001 2001 HOH HOH A . 
F 4 HOH 2  2002 2002 HOH HOH A . 
F 4 HOH 3  2003 2003 HOH HOH A . 
F 4 HOH 4  2004 2004 HOH HOH A . 
F 4 HOH 5  2005 2005 HOH HOH A . 
F 4 HOH 6  2006 2006 HOH HOH A . 
F 4 HOH 7  2007 2007 HOH HOH A . 
G 4 HOH 1  2001 2001 HOH HOH B . 
G 4 HOH 2  2002 2002 HOH HOH B . 
G 4 HOH 3  2003 2003 HOH HOH B . 
G 4 HOH 4  2004 2004 HOH HOH B . 
G 4 HOH 5  2005 2005 HOH HOH B . 
G 4 HOH 6  2006 2006 HOH HOH B . 
G 4 HOH 7  2007 2007 HOH HOH B . 
G 4 HOH 8  2008 2008 HOH HOH B . 
G 4 HOH 9  2009 2009 HOH HOH B . 
G 4 HOH 10 2010 2010 HOH HOH B . 
G 4 HOH 11 2011 2011 HOH HOH B . 
G 4 HOH 12 2012 2012 HOH HOH B . 
G 4 HOH 13 2013 2013 HOH HOH B . 
G 4 HOH 14 2014 2014 HOH HOH B . 
G 4 HOH 15 2015 2015 HOH HOH B . 
G 4 HOH 16 2016 2016 HOH HOH B . 
G 4 HOH 17 2017 2017 HOH HOH B . 
# 
loop_
_software.name 
_software.classification 
_software.version 
_software.citation_id 
_software.pdbx_ordinal 
PHENIX    refinement       '(PHENIX.REFINE)' ? 1 
HKL-2000  'data reduction' .                 ? 2 
SCALEPACK 'data scaling'   .                 ? 3 
PHENIX    phasing          .                 ? 4 
# 
_cell.entry_id           4AYA 
_cell.length_a           51.622 
_cell.length_b           51.622 
_cell.length_c           111.474 
_cell.angle_alpha        90.00 
_cell.angle_beta         90.00 
_cell.angle_gamma        120.00 
_cell.Z_PDB              12 
_cell.pdbx_unique_axis   ? 
# 
_symmetry.entry_id                         4AYA 
_symmetry.space_group_name_H-M             'P 32 2 1' 
_symmetry.pdbx_full_space_group_name_H-M   ? 
_symmetry.cell_setting                     ? 
_symmetry.Int_Tables_number                154 
# 
_exptl.entry_id          4AYA 
_exptl.method            'X-RAY DIFFRACTION' 
_exptl.crystals_number   1 
# 
_exptl_crystal.id                    1 
_exptl_crystal.density_meas          ? 
_exptl_crystal.density_Matthews      1.98 
_exptl_crystal.density_percent_sol   37.8 
_exptl_crystal.description           ? 
# 
_exptl_crystal_grow.crystal_id      1 
_exptl_crystal_grow.method          ? 
_exptl_crystal_grow.temp            ? 
_exptl_crystal_grow.temp_details    ? 
_exptl_crystal_grow.pH              6.5 
_exptl_crystal_grow.pdbx_pH_range   ? 
_exptl_crystal_grow.pdbx_details    'PROTEIN WAS CRYSTALLIZED FROM 0.1 M MES PH6.5, 2.0 M POTASSIUM ACETATE' 
# 
_diffrn.id                     1 
_diffrn.ambient_temp           103 
_diffrn.ambient_temp_details   ? 
_diffrn.crystal_id             1 
# 
_diffrn_detector.diffrn_id              1 
_diffrn_detector.detector               CCD 
_diffrn_detector.type                   'ADSC CCD' 
_diffrn_detector.pdbx_collection_date   2009-06-29 
_diffrn_detector.details                ? 
# 
_diffrn_radiation.diffrn_id                        1 
_diffrn_radiation.wavelength_id                    1 
_diffrn_radiation.pdbx_monochromatic_or_laue_m_l   M 
_diffrn_radiation.monochromator                    ? 
_diffrn_radiation.pdbx_diffrn_protocol             'SINGLE WAVELENGTH' 
_diffrn_radiation.pdbx_scattering_type             x-ray 
# 
_diffrn_radiation_wavelength.id           1 
_diffrn_radiation_wavelength.wavelength   1.080900 
_diffrn_radiation_wavelength.wt           1.0 
# 
_diffrn_source.diffrn_id                   1 
_diffrn_source.source                      SYNCHROTRON 
_diffrn_source.type                        'NSLS BEAMLINE X29A' 
_diffrn_source.pdbx_synchrotron_site       NSLS 
_diffrn_source.pdbx_synchrotron_beamline   X29A 
_diffrn_source.pdbx_wavelength             1.080900 
_diffrn_source.pdbx_wavelength_list        ? 
# 
_reflns.pdbx_diffrn_id               1 
_reflns.pdbx_ordinal                 1 
_reflns.entry_id                     4AYA 
_reflns.observed_criterion_sigma_I   0.0 
_reflns.observed_criterion_sigma_F   ? 
_reflns.d_resolution_low             50.00 
_reflns.d_resolution_high            2.10 
_reflns.number_obs                   10569 
_reflns.number_all                   ? 
_reflns.percent_possible_obs         100.0 
_reflns.pdbx_Rmerge_I_obs            0.06 
_reflns.pdbx_Rsym_value              ? 
_reflns.pdbx_netI_over_sigmaI        40.60 
_reflns.B_iso_Wilson_estimate        41.98 
_reflns.pdbx_redundancy              11.9 
# 
_reflns_shell.pdbx_diffrn_id         1 
_reflns_shell.pdbx_ordinal           1 
_reflns_shell.d_res_high             2.10 
_reflns_shell.d_res_low              2.18 
_reflns_shell.percent_possible_all   100.0 
_reflns_shell.Rmerge_I_obs           0.42 
_reflns_shell.pdbx_Rsym_value        ? 
_reflns_shell.meanI_over_sigI_obs    4.20 
_reflns_shell.pdbx_redundancy        10.2 
# 
_refine.pdbx_refine_id                           'X-RAY DIFFRACTION' 
_refine.entry_id                                 4AYA 
_refine.pdbx_diffrn_id                           1 
_refine.pdbx_TLS_residual_ADP_flag               ? 
_refine.ls_number_reflns_obs                     10026 
_refine.ls_number_reflns_all                     ? 
_refine.pdbx_ls_sigma_I                          ? 
_refine.pdbx_ls_sigma_F                          0.65 
_refine.pdbx_data_cutoff_high_absF               ? 
_refine.pdbx_data_cutoff_low_absF                ? 
_refine.pdbx_data_cutoff_high_rms_absF           ? 
_refine.ls_d_res_low                             44.706 
_refine.ls_d_res_high                            2.103 
_refine.ls_percent_reflns_obs                    95.20 
_refine.ls_R_factor_obs                          0.2271 
_refine.ls_R_factor_all                          ? 
_refine.ls_R_factor_R_work                       0.2246 
_refine.ls_R_factor_R_free                       0.2497 
_refine.ls_R_factor_R_free_error                 ? 
_refine.ls_R_factor_R_free_error_details         ? 
_refine.ls_percent_reflns_R_free                 9.8 
_refine.ls_number_reflns_R_free                  987 
_refine.ls_number_parameters                     ? 
_refine.ls_number_restraints                     ? 
_refine.occupancy_min                            ? 
_refine.occupancy_max                            ? 
_refine.correlation_coeff_Fo_to_Fc               ? 
_refine.correlation_coeff_Fo_to_Fc_free          ? 
_refine.B_iso_mean                               54.4 
_refine.aniso_B[1][1]                            ? 
_refine.aniso_B[2][2]                            ? 
_refine.aniso_B[3][3]                            ? 
_refine.aniso_B[1][2]                            ? 
_refine.aniso_B[1][3]                            ? 
_refine.aniso_B[2][3]                            ? 
_refine.solvent_model_details                    'FLAT BULK SOLVENT MODEL' 
_refine.solvent_model_param_ksol                 0 
_refine.solvent_model_param_bsol                 0 
_refine.pdbx_solvent_vdw_probe_radii             1.11 
_refine.pdbx_solvent_ion_probe_radii             ? 
_refine.pdbx_solvent_shrinkage_radii             0.90 
_refine.pdbx_ls_cross_valid_method               ? 
_refine.details                                  'RESIDUES 1-29 ARE MISSING IN CHAIN A. RESIDUES 1-34 ARE MISSING IN CHAIN B.' 
_refine.pdbx_starting_model                      'INTERNAL SELENOMETHIONINE-SUBSTITUTED ID2 STRUCTURE AT 3.0A' 
_refine.pdbx_method_to_determine_struct          'MOLECULAR REPLACEMENT' 
_refine.pdbx_isotropic_thermal_model             ? 
_refine.pdbx_stereochemistry_target_values       ML 
_refine.pdbx_stereochem_target_val_spec_case     ? 
_refine.pdbx_R_Free_selection_details            ? 
_refine.pdbx_overall_ESU_R                       ? 
_refine.pdbx_overall_ESU_R_Free                  ? 
_refine.overall_SU_ML                            0.23 
_refine.pdbx_overall_phase_error                 27.31 
_refine.overall_SU_B                             ? 
_refine.overall_SU_R_Cruickshank_DPI             ? 
_refine.pdbx_overall_SU_R_free_Cruickshank_DPI   ? 
_refine.pdbx_overall_SU_R_Blow_DPI               ? 
_refine.pdbx_overall_SU_R_free_Blow_DPI          ? 
# 
_refine_hist.pdbx_refine_id                   'X-RAY DIFFRACTION' 
_refine_hist.cycle_id                         LAST 
_refine_hist.pdbx_number_atoms_protein        870 
_refine_hist.pdbx_number_atoms_nucleic_acid   0 
_refine_hist.pdbx_number_atoms_ligand         6 
_refine_hist.number_atoms_solvent             24 
_refine_hist.number_atoms_total               900 
_refine_hist.d_res_high                       2.103 
_refine_hist.d_res_low                        44.706 
# 
loop_
_refine_ls_restr.type 
_refine_ls_restr.dev_ideal 
_refine_ls_restr.dev_ideal_target 
_refine_ls_restr.weight 
_refine_ls_restr.number 
_refine_ls_restr.pdbx_refine_id 
_refine_ls_restr.pdbx_restraint_function 
f_bond_d           0.007  ? ? 888  'X-RAY DIFFRACTION' ? 
f_angle_d          1.071  ? ? 1198 'X-RAY DIFFRACTION' ? 
f_dihedral_angle_d 13.029 ? ? 346  'X-RAY DIFFRACTION' ? 
f_chiral_restr     0.059  ? ? 141  'X-RAY DIFFRACTION' ? 
f_plane_restr      0.004  ? ? 149  'X-RAY DIFFRACTION' ? 
# 
loop_
_refine_ls_shell.pdbx_refine_id 
_refine_ls_shell.pdbx_total_number_of_bins_used 
_refine_ls_shell.d_res_high 
_refine_ls_shell.d_res_low 
_refine_ls_shell.number_reflns_R_work 
_refine_ls_shell.R_factor_R_work 
_refine_ls_shell.percent_reflns_obs 
_refine_ls_shell.R_factor_R_free 
_refine_ls_shell.R_factor_R_free_error 
_refine_ls_shell.percent_reflns_R_free 
_refine_ls_shell.number_reflns_R_free 
_refine_ls_shell.number_reflns_all 
_refine_ls_shell.R_factor_all 
'X-RAY DIFFRACTION' . 2.1031 2.2139  1147 0.2513 88.00  0.3049 . . 129 . . 
'X-RAY DIFFRACTION' . 2.2139 2.3526  1228 0.2351 91.00  0.3124 . . 136 . . 
'X-RAY DIFFRACTION' . 2.3526 2.5343  1229 0.2357 94.00  0.3081 . . 133 . . 
'X-RAY DIFFRACTION' . 2.5343 2.7893  1300 0.2585 97.00  0.2775 . . 140 . . 
'X-RAY DIFFRACTION' . 2.7893 3.1928  1335 0.2613 98.00  0.3268 . . 148 . . 
'X-RAY DIFFRACTION' . 3.1928 4.0222  1356 0.2096 100.00 0.2479 . . 148 . . 
'X-RAY DIFFRACTION' . 4.0222 44.7160 1444 0.2091 99.00  0.1968 . . 153 . . 
# 
_struct.entry_id                  4AYA 
_struct.title                     'Crystal structure of ID2 HLH homodimer at 2.1A resolution' 
_struct.pdbx_model_details        ? 
_struct.pdbx_CASP_flag            ? 
_struct.pdbx_model_type_details   ? 
# 
_struct_keywords.entry_id        4AYA 
_struct_keywords.pdbx_keywords   'CELL CYCLE' 
_struct_keywords.text            'CELL CYCLE' 
# 
loop_
_struct_asym.id 
_struct_asym.pdbx_blank_PDB_chainid_flag 
_struct_asym.pdbx_modified 
_struct_asym.entity_id 
_struct_asym.details 
A N N 1 ? 
B N N 1 ? 
C N N 2 ? 
D N N 3 ? 
E N N 2 ? 
F N N 4 ? 
G N N 4 ? 
# 
_struct_ref.id                         1 
_struct_ref.db_name                    UNP 
_struct_ref.db_code                    ID2_HUMAN 
_struct_ref.entity_id                  1 
_struct_ref.pdbx_seq_one_letter_code   ? 
_struct_ref.pdbx_align_begin           ? 
_struct_ref.pdbx_db_accession          Q02363 
_struct_ref.pdbx_db_isoform            ? 
# 
loop_
_struct_ref_seq.align_id 
_struct_ref_seq.ref_id 
_struct_ref_seq.pdbx_PDB_id_code 
_struct_ref_seq.pdbx_strand_id 
_struct_ref_seq.seq_align_beg 
_struct_ref_seq.pdbx_seq_align_beg_ins_code 
_struct_ref_seq.seq_align_end 
_struct_ref_seq.pdbx_seq_align_end_ins_code 
_struct_ref_seq.pdbx_db_accession 
_struct_ref_seq.db_align_beg 
_struct_ref_seq.pdbx_db_align_beg_ins_code 
_struct_ref_seq.db_align_end 
_struct_ref_seq.pdbx_db_align_end_ins_code 
_struct_ref_seq.pdbx_auth_seq_align_beg 
_struct_ref_seq.pdbx_auth_seq_align_end 
1 1 4AYA A 2 ? 83 ? Q02363 1 ? 82 ? 1 82 
2 1 4AYA B 2 ? 83 ? Q02363 1 ? 82 ? 1 82 
# 
loop_
_struct_ref_seq_dif.align_id 
_struct_ref_seq_dif.pdbx_pdb_id_code 
_struct_ref_seq_dif.mon_id 
_struct_ref_seq_dif.pdbx_pdb_strand_id 
_struct_ref_seq_dif.seq_num 
_struct_ref_seq_dif.pdbx_pdb_ins_code 
_struct_ref_seq_dif.pdbx_seq_db_name 
_struct_ref_seq_dif.pdbx_seq_db_accession_code 
_struct_ref_seq_dif.db_mon_id 
_struct_ref_seq_dif.pdbx_seq_db_seq_num 
_struct_ref_seq_dif.details 
_struct_ref_seq_dif.pdbx_auth_seq_num 
_struct_ref_seq_dif.pdbx_ordinal 
1 4AYA GLY A 1  ? UNP Q02363 ? ? 'cloning artifact' 0  1  
1 4AYA LEU A 84 ? UNP Q02363 ? ? 'SEE REMARK 999'   83 2  
1 4AYA LYS A 85 ? UNP Q02363 ? ? 'SEE REMARK 999'   84 3  
1 4AYA PRO A 86 ? UNP Q02363 ? ? 'SEE REMARK 999'   85 4  
1 4AYA SER A 87 ? UNP Q02363 ? ? 'SEE REMARK 999'   86 5  
1 4AYA PHE A 88 ? UNP Q02363 ? ? 'SEE REMARK 999'   87 6  
1 4AYA LEU A 89 ? UNP Q02363 ? ? 'SEE REMARK 999'   88 7  
1 4AYA VAL A 90 ? UNP Q02363 ? ? 'SEE REMARK 999'   89 8  
1 4AYA GLN A 91 ? UNP Q02363 ? ? 'SEE REMARK 999'   90 9  
1 4AYA SER A 92 ? UNP Q02363 ? ? 'SEE REMARK 999'   91 10 
1 4AYA GLY A 93 ? UNP Q02363 ? ? 'SEE REMARK 999'   92 11 
1 4AYA ASP A 94 ? UNP Q02363 ? ? 'SEE REMARK 999'   93 12 
1 4AYA ILE A 95 ? UNP Q02363 ? ? 'SEE REMARK 999'   94 13 
1 4AYA ALA A 96 ? UNP Q02363 ? ? 'SEE REMARK 999'   95 14 
1 4AYA SER A 97 ? UNP Q02363 ? ? 'SEE REMARK 999'   96 15 
2 4AYA GLY B 1  ? UNP Q02363 ? ? 'cloning artifact' 0  16 
2 4AYA LEU B 84 ? UNP Q02363 ? ? 'SEE REMARK 999'   83 17 
2 4AYA LYS B 85 ? UNP Q02363 ? ? 'SEE REMARK 999'   84 18 
2 4AYA PRO B 86 ? UNP Q02363 ? ? 'SEE REMARK 999'   85 19 
2 4AYA SER B 87 ? UNP Q02363 ? ? 'SEE REMARK 999'   86 20 
2 4AYA PHE B 88 ? UNP Q02363 ? ? 'SEE REMARK 999'   87 21 
2 4AYA LEU B 89 ? UNP Q02363 ? ? 'SEE REMARK 999'   88 22 
2 4AYA VAL B 90 ? UNP Q02363 ? ? 'SEE REMARK 999'   89 23 
2 4AYA GLN B 91 ? UNP Q02363 ? ? 'SEE REMARK 999'   90 24 
2 4AYA SER B 92 ? UNP Q02363 ? ? 'SEE REMARK 999'   91 25 
2 4AYA GLY B 93 ? UNP Q02363 ? ? 'SEE REMARK 999'   92 26 
2 4AYA ASP B 94 ? UNP Q02363 ? ? 'SEE REMARK 999'   93 27 
2 4AYA ILE B 95 ? UNP Q02363 ? ? 'SEE REMARK 999'   94 28 
2 4AYA ALA B 96 ? UNP Q02363 ? ? 'SEE REMARK 999'   95 29 
2 4AYA SER B 97 ? UNP Q02363 ? ? 'SEE REMARK 999'   96 30 
# 
_pdbx_struct_assembly.id                   1 
_pdbx_struct_assembly.details              author_and_software_defined_assembly 
_pdbx_struct_assembly.method_details       PISA 
_pdbx_struct_assembly.oligomeric_details   dimeric 
_pdbx_struct_assembly.oligomeric_count     2 
# 
loop_
_pdbx_struct_assembly_prop.biol_id 
_pdbx_struct_assembly_prop.type 
_pdbx_struct_assembly_prop.value 
_pdbx_struct_assembly_prop.details 
1 'ABSA (A^2)' 2350  ? 
1 MORE         -30.1 ? 
1 'SSA (A^2)'  7350  ? 
# 
_pdbx_struct_assembly_gen.assembly_id       1 
_pdbx_struct_assembly_gen.oper_expression   1 
_pdbx_struct_assembly_gen.asym_id_list      A,B,C,D,E,F,G 
# 
_pdbx_struct_oper_list.id                   1 
_pdbx_struct_oper_list.type                 'identity operation' 
_pdbx_struct_oper_list.name                 1_555 
_pdbx_struct_oper_list.symmetry_operation   x,y,z 
_pdbx_struct_oper_list.matrix[1][1]         1.0000000000 
_pdbx_struct_oper_list.matrix[1][2]         0.0000000000 
_pdbx_struct_oper_list.matrix[1][3]         0.0000000000 
_pdbx_struct_oper_list.vector[1]            0.0000000000 
_pdbx_struct_oper_list.matrix[2][1]         0.0000000000 
_pdbx_struct_oper_list.matrix[2][2]         1.0000000000 
_pdbx_struct_oper_list.matrix[2][3]         0.0000000000 
_pdbx_struct_oper_list.vector[2]            0.0000000000 
_pdbx_struct_oper_list.matrix[3][1]         0.0000000000 
_pdbx_struct_oper_list.matrix[3][2]         0.0000000000 
_pdbx_struct_oper_list.matrix[3][3]         1.0000000000 
_pdbx_struct_oper_list.vector[3]            0.0000000000 
# 
_struct_biol.id   1 
# 
loop_
_struct_conf.conf_type_id 
_struct_conf.id 
_struct_conf.pdbx_PDB_helix_id 
_struct_conf.beg_label_comp_id 
_struct_conf.beg_label_asym_id 
_struct_conf.beg_label_seq_id 
_struct_conf.pdbx_beg_PDB_ins_code 
_struct_conf.end_label_comp_id 
_struct_conf.end_label_asym_id 
_struct_conf.end_label_seq_id 
_struct_conf.pdbx_end_PDB_ins_code 
_struct_conf.beg_auth_comp_id 
_struct_conf.beg_auth_asym_id 
_struct_conf.beg_auth_seq_id 
_struct_conf.end_auth_comp_id 
_struct_conf.end_auth_asym_id 
_struct_conf.end_auth_seq_id 
_struct_conf.pdbx_PDB_helix_class 
_struct_conf.details 
_struct_conf.pdbx_PDB_helix_length 
HELX_P HELX_P1 1 ASP A 32 ? VAL A 51 ? ASP A 31 VAL A 50 1 ? 20 
HELX_P HELX_P2 2 SER A 61 ? SER A 82 ? SER A 60 SER A 81 1 ? 22 
HELX_P HELX_P3 3 ASN B 39 ? VAL B 51 ? ASN B 38 VAL B 50 1 ? 13 
HELX_P HELX_P4 4 SER B 61 ? SER B 82 ? SER B 60 SER B 81 1 ? 22 
# 
_struct_conf_type.id          HELX_P 
_struct_conf_type.criteria    ? 
_struct_conf_type.reference   ? 
# 
loop_
_struct_conn.id 
_struct_conn.conn_type_id 
_struct_conn.pdbx_leaving_atom_flag 
_struct_conn.pdbx_PDB_id 
_struct_conn.ptnr1_label_asym_id 
_struct_conn.ptnr1_label_comp_id 
_struct_conn.ptnr1_label_seq_id 
_struct_conn.ptnr1_label_atom_id 
_struct_conn.pdbx_ptnr1_label_alt_id 
_struct_conn.pdbx_ptnr1_PDB_ins_code 
_struct_conn.pdbx_ptnr1_standard_comp_id 
_struct_conn.ptnr1_symmetry 
_struct_conn.ptnr2_label_asym_id 
_struct_conn.ptnr2_label_comp_id 
_struct_conn.ptnr2_label_seq_id 
_struct_conn.ptnr2_label_atom_id 
_struct_conn.pdbx_ptnr2_label_alt_id 
_struct_conn.pdbx_ptnr2_PDB_ins_code 
_struct_conn.ptnr1_auth_asym_id 
_struct_conn.ptnr1_auth_comp_id 
_struct_conn.ptnr1_auth_seq_id 
_struct_conn.ptnr2_auth_asym_id 
_struct_conn.ptnr2_auth_comp_id 
_struct_conn.ptnr2_auth_seq_id 
_struct_conn.ptnr2_symmetry 
_struct_conn.pdbx_ptnr3_label_atom_id 
_struct_conn.pdbx_ptnr3_label_seq_id 
_struct_conn.pdbx_ptnr3_label_comp_id 
_struct_conn.pdbx_ptnr3_label_asym_id 
_struct_conn.pdbx_ptnr3_label_alt_id 
_struct_conn.pdbx_ptnr3_PDB_ins_code 
_struct_conn.details 
_struct_conn.pdbx_dist_value 
_struct_conn.pdbx_value_order 
_struct_conn.pdbx_role 
metalc1  metalc ? ? A LYS 48 O   ? ? ? 1_555 C K   . K ? ? A LYS 47   A K   1089 1_555 ? ? ? ? ? ? ? 2.703 ? ? 
metalc2  metalc ? ? A VAL 51 O   ? ? ? 1_555 C K   . K ? ? A VAL 50   A K   1089 1_555 ? ? ? ? ? ? ? 2.680 ? ? 
metalc3  metalc ? ? A ILE 54 O   ? ? ? 1_555 C K   . K ? ? A ILE 53   A K   1089 1_555 ? ? ? ? ? ? ? 2.631 ? ? 
metalc4  metalc ? ? A GLN 56 OE1 ? ? ? 1_555 C K   . K ? ? A GLN 55   A K   1089 1_555 ? ? ? ? ? ? ? 3.029 ? ? 
metalc5  metalc ? ? C K   .  K   ? ? ? 1_555 F HOH . O ? ? A K   1089 A HOH 2001 1_555 ? ? ? ? ? ? ? 3.060 ? ? 
metalc6  metalc ? ? B LYS 48 O   ? ? ? 1_555 E K   . K ? ? B LYS 47   B K   1083 1_555 ? ? ? ? ? ? ? 2.602 ? ? 
metalc7  metalc ? ? B VAL 51 O   ? ? ? 1_555 E K   . K ? ? B VAL 50   B K   1083 1_555 ? ? ? ? ? ? ? 2.604 ? ? 
metalc8  metalc ? ? B ILE 54 O   ? ? ? 1_555 E K   . K ? ? B ILE 53   B K   1083 1_555 ? ? ? ? ? ? ? 2.703 ? ? 
metalc9  metalc ? ? B GLN 56 OE1 ? ? ? 1_555 E K   . K ? ? B GLN 55   B K   1083 1_555 ? ? ? ? ? ? ? 2.884 ? ? 
metalc10 metalc ? ? E K   .  K   ? ? ? 1_555 G HOH . O ? ? B K   1083 B HOH 2007 1_555 ? ? ? ? ? ? ? 2.837 ? ? 
# 
_struct_conn_type.id          metalc 
_struct_conn_type.criteria    ? 
_struct_conn_type.reference   ? 
# 
loop_
_pdbx_struct_conn_angle.id 
_pdbx_struct_conn_angle.ptnr1_label_atom_id 
_pdbx_struct_conn_angle.ptnr1_label_alt_id 
_pdbx_struct_conn_angle.ptnr1_label_asym_id 
_pdbx_struct_conn_angle.ptnr1_label_comp_id 
_pdbx_struct_conn_angle.ptnr1_label_seq_id 
_pdbx_struct_conn_angle.ptnr1_auth_atom_id 
_pdbx_struct_conn_angle.ptnr1_auth_asym_id 
_pdbx_struct_conn_angle.ptnr1_auth_comp_id 
_pdbx_struct_conn_angle.ptnr1_auth_seq_id 
_pdbx_struct_conn_angle.ptnr1_PDB_ins_code 
_pdbx_struct_conn_angle.ptnr1_symmetry 
_pdbx_struct_conn_angle.ptnr2_label_atom_id 
_pdbx_struct_conn_angle.ptnr2_label_alt_id 
_pdbx_struct_conn_angle.ptnr2_label_asym_id 
_pdbx_struct_conn_angle.ptnr2_label_comp_id 
_pdbx_struct_conn_angle.ptnr2_label_seq_id 
_pdbx_struct_conn_angle.ptnr2_auth_atom_id 
_pdbx_struct_conn_angle.ptnr2_auth_asym_id 
_pdbx_struct_conn_angle.ptnr2_auth_comp_id 
_pdbx_struct_conn_angle.ptnr2_auth_seq_id 
_pdbx_struct_conn_angle.ptnr2_PDB_ins_code 
_pdbx_struct_conn_angle.ptnr2_symmetry 
_pdbx_struct_conn_angle.ptnr3_label_atom_id 
_pdbx_struct_conn_angle.ptnr3_label_alt_id 
_pdbx_struct_conn_angle.ptnr3_label_asym_id 
_pdbx_struct_conn_angle.ptnr3_label_comp_id 
_pdbx_struct_conn_angle.ptnr3_label_seq_id 
_pdbx_struct_conn_angle.ptnr3_auth_atom_id 
_pdbx_struct_conn_angle.ptnr3_auth_asym_id 
_pdbx_struct_conn_angle.ptnr3_auth_comp_id 
_pdbx_struct_conn_angle.ptnr3_auth_seq_id 
_pdbx_struct_conn_angle.ptnr3_PDB_ins_code 
_pdbx_struct_conn_angle.ptnr3_symmetry 
_pdbx_struct_conn_angle.value 
_pdbx_struct_conn_angle.value_esd 
1  O   ? A LYS 48 ? A LYS 47 ? 1_555 K ? C K . ? A K 1089 ? 1_555 O   ? A VAL 51 ? A VAL 50   ? 1_555 85.1  ? 
2  O   ? A LYS 48 ? A LYS 47 ? 1_555 K ? C K . ? A K 1089 ? 1_555 O   ? A ILE 54 ? A ILE 53   ? 1_555 98.2  ? 
3  O   ? A VAL 51 ? A VAL 50 ? 1_555 K ? C K . ? A K 1089 ? 1_555 O   ? A ILE 54 ? A ILE 53   ? 1_555 88.7  ? 
4  O   ? A LYS 48 ? A LYS 47 ? 1_555 K ? C K . ? A K 1089 ? 1_555 OE1 ? A GLN 56 ? A GLN 55   ? 1_555 85.7  ? 
5  O   ? A VAL 51 ? A VAL 50 ? 1_555 K ? C K . ? A K 1089 ? 1_555 OE1 ? A GLN 56 ? A GLN 55   ? 1_555 161.2 ? 
6  O   ? A ILE 54 ? A ILE 53 ? 1_555 K ? C K . ? A K 1089 ? 1_555 OE1 ? A GLN 56 ? A GLN 55   ? 1_555 108.9 ? 
7  O   ? A LYS 48 ? A LYS 47 ? 1_555 K ? C K . ? A K 1089 ? 1_555 O   ? F HOH .  ? A HOH 2001 ? 1_555 105.7 ? 
8  O   ? A VAL 51 ? A VAL 50 ? 1_555 K ? C K . ? A K 1089 ? 1_555 O   ? F HOH .  ? A HOH 2001 ? 1_555 82.4  ? 
9  O   ? A ILE 54 ? A ILE 53 ? 1_555 K ? C K . ? A K 1089 ? 1_555 O   ? F HOH .  ? A HOH 2001 ? 1_555 153.6 ? 
10 OE1 ? A GLN 56 ? A GLN 55 ? 1_555 K ? C K . ? A K 1089 ? 1_555 O   ? F HOH .  ? A HOH 2001 ? 1_555 84.3  ? 
11 O   ? B LYS 48 ? B LYS 47 ? 1_555 K ? E K . ? B K 1083 ? 1_555 O   ? B VAL 51 ? B VAL 50   ? 1_555 82.6  ? 
12 O   ? B LYS 48 ? B LYS 47 ? 1_555 K ? E K . ? B K 1083 ? 1_555 O   ? B ILE 54 ? B ILE 53   ? 1_555 87.6  ? 
13 O   ? B VAL 51 ? B VAL 50 ? 1_555 K ? E K . ? B K 1083 ? 1_555 O   ? B ILE 54 ? B ILE 53   ? 1_555 91.5  ? 
14 O   ? B LYS 48 ? B LYS 47 ? 1_555 K ? E K . ? B K 1083 ? 1_555 OE1 ? B GLN 56 ? B GLN 55   ? 1_555 78.5  ? 
15 O   ? B VAL 51 ? B VAL 50 ? 1_555 K ? E K . ? B K 1083 ? 1_555 OE1 ? B GLN 56 ? B GLN 55   ? 1_555 152.1 ? 
16 O   ? B ILE 54 ? B ILE 53 ? 1_555 K ? E K . ? B K 1083 ? 1_555 OE1 ? B GLN 56 ? B GLN 55   ? 1_555 107.9 ? 
17 O   ? B LYS 48 ? B LYS 47 ? 1_555 K ? E K . ? B K 1083 ? 1_555 O   ? G HOH .  ? B HOH 2007 ? 1_555 141.4 ? 
18 O   ? B VAL 51 ? B VAL 50 ? 1_555 K ? E K . ? B K 1083 ? 1_555 O   ? G HOH .  ? B HOH 2007 ? 1_555 118.3 ? 
19 O   ? B ILE 54 ? B ILE 53 ? 1_555 K ? E K . ? B K 1083 ? 1_555 O   ? G HOH .  ? B HOH 2007 ? 1_555 61.6  ? 
20 OE1 ? B GLN 56 ? B GLN 55 ? 1_555 K ? E K . ? B K 1083 ? 1_555 O   ? G HOH .  ? B HOH 2007 ? 1_555 89.0  ? 
# 
loop_
_struct_site.id 
_struct_site.pdbx_evidence_code 
_struct_site.pdbx_auth_asym_id 
_struct_site.pdbx_auth_comp_id 
_struct_site.pdbx_auth_seq_id 
_struct_site.pdbx_auth_ins_code 
_struct_site.pdbx_num_residues 
_struct_site.details 
AC1 Software A K   1089 ? 6 'BINDING SITE FOR RESIDUE K A 1089'   
AC2 Software A ACT 1090 ? 4 'BINDING SITE FOR RESIDUE ACT A 1090' 
AC3 Software B K   1083 ? 6 'BINDING SITE FOR RESIDUE K B 1083'   
# 
loop_
_struct_site_gen.id 
_struct_site_gen.site_id 
_struct_site_gen.pdbx_num_res 
_struct_site_gen.label_comp_id 
_struct_site_gen.label_asym_id 
_struct_site_gen.label_seq_id 
_struct_site_gen.pdbx_auth_ins_code 
_struct_site_gen.auth_comp_id 
_struct_site_gen.auth_asym_id 
_struct_site_gen.auth_seq_id 
_struct_site_gen.label_atom_id 
_struct_site_gen.label_alt_id 
_struct_site_gen.symmetry 
_struct_site_gen.details 
1  AC1 6 LYS A 48 ? LYS A 47   . ? 1_555 ? 
2  AC1 6 VAL A 51 ? VAL A 50   . ? 1_555 ? 
3  AC1 6 PRO A 52 ? PRO A 51   . ? 1_555 ? 
4  AC1 6 ILE A 54 ? ILE A 53   . ? 1_555 ? 
5  AC1 6 GLN A 56 ? GLN A 55   . ? 1_555 ? 
6  AC1 6 HOH F .  ? HOH A 2001 . ? 1_555 ? 
7  AC2 4 MET A 40 ? MET A 39   . ? 1_555 ? 
8  AC2 4 LYS A 62 ? LYS A 61   . ? 1_555 ? 
9  AC2 4 TYR B 44 ? TYR B 43   . ? 1_555 ? 
10 AC2 4 LYS B 62 ? LYS B 61   . ? 1_555 ? 
11 AC3 6 LYS B 48 ? LYS B 47   . ? 1_555 ? 
12 AC3 6 VAL B 51 ? VAL B 50   . ? 1_555 ? 
13 AC3 6 PRO B 52 ? PRO B 51   . ? 1_555 ? 
14 AC3 6 ILE B 54 ? ILE B 53   . ? 1_555 ? 
15 AC3 6 GLN B 56 ? GLN B 55   . ? 1_555 ? 
16 AC3 6 HOH G .  ? HOH B 2007 . ? 1_555 ? 
# 
loop_
_pdbx_validate_torsion.id 
_pdbx_validate_torsion.PDB_model_num 
_pdbx_validate_torsion.auth_comp_id 
_pdbx_validate_torsion.auth_asym_id 
_pdbx_validate_torsion.auth_seq_id 
_pdbx_validate_torsion.PDB_ins_code 
_pdbx_validate_torsion.label_alt_id 
_pdbx_validate_torsion.phi 
_pdbx_validate_torsion.psi 
1 1 ASN A 56 ? ? -85.06  39.03  
2 1 SER A 81 ? ? -116.19 -72.41 
# 
_pdbx_entry_details.entry_id                 4AYA 
_pdbx_entry_details.compound_details         ? 
_pdbx_entry_details.source_details           ? 
_pdbx_entry_details.nonpolymer_details       ? 
_pdbx_entry_details.sequence_details         
;FIRST RESIDUE IN SEQUENCE AFTER TEV CLEAVAGE IS A GLYCINE.
 ID2 SEQUENCE NUMBERING STARTS FROM SECOND RESIDUE,
METHIONINE. RESIDUE 83 ONWARDS CONTAINS THE C-TERMINAL
STABILIZER POLYPEPTIDE.
;
_pdbx_entry_details.has_ligand_of_interest   ? 
# 
loop_
_pdbx_unobs_or_zero_occ_residues.id 
_pdbx_unobs_or_zero_occ_residues.PDB_model_num 
_pdbx_unobs_or_zero_occ_residues.polymer_flag 
_pdbx_unobs_or_zero_occ_residues.occupancy_flag 
_pdbx_unobs_or_zero_occ_residues.auth_asym_id 
_pdbx_unobs_or_zero_occ_residues.auth_comp_id 
_pdbx_unobs_or_zero_occ_residues.auth_seq_id 
_pdbx_unobs_or_zero_occ_residues.PDB_ins_code 
_pdbx_unobs_or_zero_occ_residues.label_asym_id 
_pdbx_unobs_or_zero_occ_residues.label_comp_id 
_pdbx_unobs_or_zero_occ_residues.label_seq_id 
1  1 Y 1 A GLY 0  ? A GLY 1  
2  1 Y 1 A MET 1  ? A MET 2  
3  1 Y 1 A LYS 2  ? A LYS 3  
4  1 Y 1 A ALA 3  ? A ALA 4  
5  1 Y 1 A PHE 4  ? A PHE 5  
6  1 Y 1 A SER 5  ? A SER 6  
7  1 Y 1 A PRO 6  ? A PRO 7  
8  1 Y 1 A VAL 7  ? A VAL 8  
9  1 Y 1 A ARG 8  ? A ARG 9  
10 1 Y 1 A SER 9  ? A SER 10 
11 1 Y 1 A VAL 10 ? A VAL 11 
12 1 Y 1 A ARG 11 ? A ARG 12 
13 1 Y 1 A LYS 12 ? A LYS 13 
14 1 Y 1 A ASN 13 ? A ASN 14 
15 1 Y 1 A SER 14 ? A SER 15 
16 1 Y 1 A LEU 15 ? A LEU 16 
17 1 Y 1 A SER 16 ? A SER 17 
18 1 Y 1 A ASP 17 ? A ASP 18 
19 1 Y 1 A HIS 18 ? A HIS 19 
20 1 Y 1 A SER 19 ? A SER 20 
21 1 Y 1 A LEU 20 ? A LEU 21 
22 1 Y 1 A GLY 21 ? A GLY 22 
23 1 Y 1 A ILE 22 ? A ILE 23 
24 1 Y 1 A SER 23 ? A SER 24 
25 1 Y 1 A ARG 24 ? A ARG 25 
26 1 Y 1 A SER 25 ? A SER 26 
27 1 Y 1 A LYS 26 ? A LYS 27 
28 1 Y 1 A THR 27 ? A THR 28 
29 1 Y 1 A PRO 28 ? A PRO 29 
30 1 Y 1 A VAL 29 ? A VAL 30 
31 1 Y 1 A VAL 89 ? A VAL 90 
32 1 Y 1 A GLN 90 ? A GLN 91 
33 1 Y 1 A SER 91 ? A SER 92 
34 1 Y 1 A GLY 92 ? A GLY 93 
35 1 Y 1 A ASP 93 ? A ASP 94 
36 1 Y 1 A ILE 94 ? A ILE 95 
37 1 Y 1 A ALA 95 ? A ALA 96 
38 1 Y 1 A SER 96 ? A SER 97 
39 1 Y 1 B GLY 0  ? B GLY 1  
40 1 Y 1 B MET 1  ? B MET 2  
41 1 Y 1 B LYS 2  ? B LYS 3  
42 1 Y 1 B ALA 3  ? B ALA 4  
43 1 Y 1 B PHE 4  ? B PHE 5  
44 1 Y 1 B SER 5  ? B SER 6  
45 1 Y 1 B PRO 6  ? B PRO 7  
46 1 Y 1 B VAL 7  ? B VAL 8  
47 1 Y 1 B ARG 8  ? B ARG 9  
48 1 Y 1 B SER 9  ? B SER 10 
49 1 Y 1 B VAL 10 ? B VAL 11 
50 1 Y 1 B ARG 11 ? B ARG 12 
51 1 Y 1 B LYS 12 ? B LYS 13 
52 1 Y 1 B ASN 13 ? B ASN 14 
53 1 Y 1 B SER 14 ? B SER 15 
54 1 Y 1 B LEU 15 ? B LEU 16 
55 1 Y 1 B SER 16 ? B SER 17 
56 1 Y 1 B ASP 17 ? B ASP 18 
57 1 Y 1 B HIS 18 ? B HIS 19 
58 1 Y 1 B SER 19 ? B SER 20 
59 1 Y 1 B LEU 20 ? B LEU 21 
60 1 Y 1 B GLY 21 ? B GLY 22 
61 1 Y 1 B ILE 22 ? B ILE 23 
62 1 Y 1 B SER 23 ? B SER 24 
63 1 Y 1 B ARG 24 ? B ARG 25 
64 1 Y 1 B SER 25 ? B SER 26 
65 1 Y 1 B LYS 26 ? B LYS 27 
66 1 Y 1 B THR 27 ? B THR 28 
67 1 Y 1 B PRO 28 ? B PRO 29 
68 1 Y 1 B VAL 29 ? B VAL 30 
69 1 Y 1 B ASP 30 ? B ASP 31 
70 1 Y 1 B ASP 31 ? B ASP 32 
71 1 Y 1 B PRO 32 ? B PRO 33 
72 1 Y 1 B MET 33 ? B MET 34 
73 1 Y 1 B SER 34 ? B SER 35 
74 1 Y 1 B LEU 83 ? B LEU 84 
75 1 Y 1 B LYS 84 ? B LYS 85 
76 1 Y 1 B PRO 85 ? B PRO 86 
77 1 Y 1 B SER 86 ? B SER 87 
78 1 Y 1 B PHE 87 ? B PHE 88 
79 1 Y 1 B LEU 88 ? B LEU 89 
80 1 Y 1 B VAL 89 ? B VAL 90 
81 1 Y 1 B GLN 90 ? B GLN 91 
82 1 Y 1 B SER 91 ? B SER 92 
83 1 Y 1 B GLY 92 ? B GLY 93 
84 1 Y 1 B ASP 93 ? B ASP 94 
85 1 Y 1 B ILE 94 ? B ILE 95 
86 1 Y 1 B ALA 95 ? B ALA 96 
87 1 Y 1 B SER 96 ? B SER 97 
# 
loop_
_chem_comp_atom.comp_id 
_chem_comp_atom.atom_id 
_chem_comp_atom.type_symbol 
_chem_comp_atom.pdbx_aromatic_flag 
_chem_comp_atom.pdbx_stereo_config 
_chem_comp_atom.pdbx_ordinal 
ACT C    C N N 1   
ACT O    O N N 2   
ACT OXT  O N N 3   
ACT CH3  C N N 4   
ACT H1   H N N 5   
ACT H2   H N N 6   
ACT H3   H N N 7   
ALA N    N N N 8   
ALA CA   C N S 9   
ALA C    C N N 10  
ALA O    O N N 11  
ALA CB   C N N 12  
ALA OXT  O N N 13  
ALA H    H N N 14  
ALA H2   H N N 15  
ALA HA   H N N 16  
ALA HB1  H N N 17  
ALA HB2  H N N 18  
ALA HB3  H N N 19  
ALA HXT  H N N 20  
ARG N    N N N 21  
ARG CA   C N S 22  
ARG C    C N N 23  
ARG O    O N N 24  
ARG CB   C N N 25  
ARG CG   C N N 26  
ARG CD   C N N 27  
ARG NE   N N N 28  
ARG CZ   C N N 29  
ARG NH1  N N N 30  
ARG NH2  N N N 31  
ARG OXT  O N N 32  
ARG H    H N N 33  
ARG H2   H N N 34  
ARG HA   H N N 35  
ARG HB2  H N N 36  
ARG HB3  H N N 37  
ARG HG2  H N N 38  
ARG HG3  H N N 39  
ARG HD2  H N N 40  
ARG HD3  H N N 41  
ARG HE   H N N 42  
ARG HH11 H N N 43  
ARG HH12 H N N 44  
ARG HH21 H N N 45  
ARG HH22 H N N 46  
ARG HXT  H N N 47  
ASN N    N N N 48  
ASN CA   C N S 49  
ASN C    C N N 50  
ASN O    O N N 51  
ASN CB   C N N 52  
ASN CG   C N N 53  
ASN OD1  O N N 54  
ASN ND2  N N N 55  
ASN OXT  O N N 56  
ASN H    H N N 57  
ASN H2   H N N 58  
ASN HA   H N N 59  
ASN HB2  H N N 60  
ASN HB3  H N N 61  
ASN HD21 H N N 62  
ASN HD22 H N N 63  
ASN HXT  H N N 64  
ASP N    N N N 65  
ASP CA   C N S 66  
ASP C    C N N 67  
ASP O    O N N 68  
ASP CB   C N N 69  
ASP CG   C N N 70  
ASP OD1  O N N 71  
ASP OD2  O N N 72  
ASP OXT  O N N 73  
ASP H    H N N 74  
ASP H2   H N N 75  
ASP HA   H N N 76  
ASP HB2  H N N 77  
ASP HB3  H N N 78  
ASP HD2  H N N 79  
ASP HXT  H N N 80  
CYS N    N N N 81  
CYS CA   C N R 82  
CYS C    C N N 83  
CYS O    O N N 84  
CYS CB   C N N 85  
CYS SG   S N N 86  
CYS OXT  O N N 87  
CYS H    H N N 88  
CYS H2   H N N 89  
CYS HA   H N N 90  
CYS HB2  H N N 91  
CYS HB3  H N N 92  
CYS HG   H N N 93  
CYS HXT  H N N 94  
GLN N    N N N 95  
GLN CA   C N S 96  
GLN C    C N N 97  
GLN O    O N N 98  
GLN CB   C N N 99  
GLN CG   C N N 100 
GLN CD   C N N 101 
GLN OE1  O N N 102 
GLN NE2  N N N 103 
GLN OXT  O N N 104 
GLN H    H N N 105 
GLN H2   H N N 106 
GLN HA   H N N 107 
GLN HB2  H N N 108 
GLN HB3  H N N 109 
GLN HG2  H N N 110 
GLN HG3  H N N 111 
GLN HE21 H N N 112 
GLN HE22 H N N 113 
GLN HXT  H N N 114 
GLU N    N N N 115 
GLU CA   C N S 116 
GLU C    C N N 117 
GLU O    O N N 118 
GLU CB   C N N 119 
GLU CG   C N N 120 
GLU CD   C N N 121 
GLU OE1  O N N 122 
GLU OE2  O N N 123 
GLU OXT  O N N 124 
GLU H    H N N 125 
GLU H2   H N N 126 
GLU HA   H N N 127 
GLU HB2  H N N 128 
GLU HB3  H N N 129 
GLU HG2  H N N 130 
GLU HG3  H N N 131 
GLU HE2  H N N 132 
GLU HXT  H N N 133 
GLY N    N N N 134 
GLY CA   C N N 135 
GLY C    C N N 136 
GLY O    O N N 137 
GLY OXT  O N N 138 
GLY H    H N N 139 
GLY H2   H N N 140 
GLY HA2  H N N 141 
GLY HA3  H N N 142 
GLY HXT  H N N 143 
HIS N    N N N 144 
HIS CA   C N S 145 
HIS C    C N N 146 
HIS O    O N N 147 
HIS CB   C N N 148 
HIS CG   C Y N 149 
HIS ND1  N Y N 150 
HIS CD2  C Y N 151 
HIS CE1  C Y N 152 
HIS NE2  N Y N 153 
HIS OXT  O N N 154 
HIS H    H N N 155 
HIS H2   H N N 156 
HIS HA   H N N 157 
HIS HB2  H N N 158 
HIS HB3  H N N 159 
HIS HD1  H N N 160 
HIS HD2  H N N 161 
HIS HE1  H N N 162 
HIS HE2  H N N 163 
HIS HXT  H N N 164 
HOH O    O N N 165 
HOH H1   H N N 166 
HOH H2   H N N 167 
ILE N    N N N 168 
ILE CA   C N S 169 
ILE C    C N N 170 
ILE O    O N N 171 
ILE CB   C N S 172 
ILE CG1  C N N 173 
ILE CG2  C N N 174 
ILE CD1  C N N 175 
ILE OXT  O N N 176 
ILE H    H N N 177 
ILE H2   H N N 178 
ILE HA   H N N 179 
ILE HB   H N N 180 
ILE HG12 H N N 181 
ILE HG13 H N N 182 
ILE HG21 H N N 183 
ILE HG22 H N N 184 
ILE HG23 H N N 185 
ILE HD11 H N N 186 
ILE HD12 H N N 187 
ILE HD13 H N N 188 
ILE HXT  H N N 189 
K   K    K N N 190 
LEU N    N N N 191 
LEU CA   C N S 192 
LEU C    C N N 193 
LEU O    O N N 194 
LEU CB   C N N 195 
LEU CG   C N N 196 
LEU CD1  C N N 197 
LEU CD2  C N N 198 
LEU OXT  O N N 199 
LEU H    H N N 200 
LEU H2   H N N 201 
LEU HA   H N N 202 
LEU HB2  H N N 203 
LEU HB3  H N N 204 
LEU HG   H N N 205 
LEU HD11 H N N 206 
LEU HD12 H N N 207 
LEU HD13 H N N 208 
LEU HD21 H N N 209 
LEU HD22 H N N 210 
LEU HD23 H N N 211 
LEU HXT  H N N 212 
LYS N    N N N 213 
LYS CA   C N S 214 
LYS C    C N N 215 
LYS O    O N N 216 
LYS CB   C N N 217 
LYS CG   C N N 218 
LYS CD   C N N 219 
LYS CE   C N N 220 
LYS NZ   N N N 221 
LYS OXT  O N N 222 
LYS H    H N N 223 
LYS H2   H N N 224 
LYS HA   H N N 225 
LYS HB2  H N N 226 
LYS HB3  H N N 227 
LYS HG2  H N N 228 
LYS HG3  H N N 229 
LYS HD2  H N N 230 
LYS HD3  H N N 231 
LYS HE2  H N N 232 
LYS HE3  H N N 233 
LYS HZ1  H N N 234 
LYS HZ2  H N N 235 
LYS HZ3  H N N 236 
LYS HXT  H N N 237 
MET N    N N N 238 
MET CA   C N S 239 
MET C    C N N 240 
MET O    O N N 241 
MET CB   C N N 242 
MET CG   C N N 243 
MET SD   S N N 244 
MET CE   C N N 245 
MET OXT  O N N 246 
MET H    H N N 247 
MET H2   H N N 248 
MET HA   H N N 249 
MET HB2  H N N 250 
MET HB3  H N N 251 
MET HG2  H N N 252 
MET HG3  H N N 253 
MET HE1  H N N 254 
MET HE2  H N N 255 
MET HE3  H N N 256 
MET HXT  H N N 257 
PHE N    N N N 258 
PHE CA   C N S 259 
PHE C    C N N 260 
PHE O    O N N 261 
PHE CB   C N N 262 
PHE CG   C Y N 263 
PHE CD1  C Y N 264 
PHE CD2  C Y N 265 
PHE CE1  C Y N 266 
PHE CE2  C Y N 267 
PHE CZ   C Y N 268 
PHE OXT  O N N 269 
PHE H    H N N 270 
PHE H2   H N N 271 
PHE HA   H N N 272 
PHE HB2  H N N 273 
PHE HB3  H N N 274 
PHE HD1  H N N 275 
PHE HD2  H N N 276 
PHE HE1  H N N 277 
PHE HE2  H N N 278 
PHE HZ   H N N 279 
PHE HXT  H N N 280 
PRO N    N N N 281 
PRO CA   C N S 282 
PRO C    C N N 283 
PRO O    O N N 284 
PRO CB   C N N 285 
PRO CG   C N N 286 
PRO CD   C N N 287 
PRO OXT  O N N 288 
PRO H    H N N 289 
PRO HA   H N N 290 
PRO HB2  H N N 291 
PRO HB3  H N N 292 
PRO HG2  H N N 293 
PRO HG3  H N N 294 
PRO HD2  H N N 295 
PRO HD3  H N N 296 
PRO HXT  H N N 297 
SER N    N N N 298 
SER CA   C N S 299 
SER C    C N N 300 
SER O    O N N 301 
SER CB   C N N 302 
SER OG   O N N 303 
SER OXT  O N N 304 
SER H    H N N 305 
SER H2   H N N 306 
SER HA   H N N 307 
SER HB2  H N N 308 
SER HB3  H N N 309 
SER HG   H N N 310 
SER HXT  H N N 311 
THR N    N N N 312 
THR CA   C N S 313 
THR C    C N N 314 
THR O    O N N 315 
THR CB   C N R 316 
THR OG1  O N N 317 
THR CG2  C N N 318 
THR OXT  O N N 319 
THR H    H N N 320 
THR H2   H N N 321 
THR HA   H N N 322 
THR HB   H N N 323 
THR HG1  H N N 324 
THR HG21 H N N 325 
THR HG22 H N N 326 
THR HG23 H N N 327 
THR HXT  H N N 328 
TYR N    N N N 329 
TYR CA   C N S 330 
TYR C    C N N 331 
TYR O    O N N 332 
TYR CB   C N N 333 
TYR CG   C Y N 334 
TYR CD1  C Y N 335 
TYR CD2  C Y N 336 
TYR CE1  C Y N 337 
TYR CE2  C Y N 338 
TYR CZ   C Y N 339 
TYR OH   O N N 340 
TYR OXT  O N N 341 
TYR H    H N N 342 
TYR H2   H N N 343 
TYR HA   H N N 344 
TYR HB2  H N N 345 
TYR HB3  H N N 346 
TYR HD1  H N N 347 
TYR HD2  H N N 348 
TYR HE1  H N N 349 
TYR HE2  H N N 350 
TYR HH   H N N 351 
TYR HXT  H N N 352 
VAL N    N N N 353 
VAL CA   C N S 354 
VAL C    C N N 355 
VAL O    O N N 356 
VAL CB   C N N 357 
VAL CG1  C N N 358 
VAL CG2  C N N 359 
VAL OXT  O N N 360 
VAL H    H N N 361 
VAL H2   H N N 362 
VAL HA   H N N 363 
VAL HB   H N N 364 
VAL HG11 H N N 365 
VAL HG12 H N N 366 
VAL HG13 H N N 367 
VAL HG21 H N N 368 
VAL HG22 H N N 369 
VAL HG23 H N N 370 
VAL HXT  H N N 371 
# 
loop_
_chem_comp_bond.comp_id 
_chem_comp_bond.atom_id_1 
_chem_comp_bond.atom_id_2 
_chem_comp_bond.value_order 
_chem_comp_bond.pdbx_aromatic_flag 
_chem_comp_bond.pdbx_stereo_config 
_chem_comp_bond.pdbx_ordinal 
ACT C   O    doub N N 1   
ACT C   OXT  sing N N 2   
ACT C   CH3  sing N N 3   
ACT CH3 H1   sing N N 4   
ACT CH3 H2   sing N N 5   
ACT CH3 H3   sing N N 6   
ALA N   CA   sing N N 7   
ALA N   H    sing N N 8   
ALA N   H2   sing N N 9   
ALA CA  C    sing N N 10  
ALA CA  CB   sing N N 11  
ALA CA  HA   sing N N 12  
ALA C   O    doub N N 13  
ALA C   OXT  sing N N 14  
ALA CB  HB1  sing N N 15  
ALA CB  HB2  sing N N 16  
ALA CB  HB3  sing N N 17  
ALA OXT HXT  sing N N 18  
ARG N   CA   sing N N 19  
ARG N   H    sing N N 20  
ARG N   H2   sing N N 21  
ARG CA  C    sing N N 22  
ARG CA  CB   sing N N 23  
ARG CA  HA   sing N N 24  
ARG C   O    doub N N 25  
ARG C   OXT  sing N N 26  
ARG CB  CG   sing N N 27  
ARG CB  HB2  sing N N 28  
ARG CB  HB3  sing N N 29  
ARG CG  CD   sing N N 30  
ARG CG  HG2  sing N N 31  
ARG CG  HG3  sing N N 32  
ARG CD  NE   sing N N 33  
ARG CD  HD2  sing N N 34  
ARG CD  HD3  sing N N 35  
ARG NE  CZ   sing N N 36  
ARG NE  HE   sing N N 37  
ARG CZ  NH1  sing N N 38  
ARG CZ  NH2  doub N N 39  
ARG NH1 HH11 sing N N 40  
ARG NH1 HH12 sing N N 41  
ARG NH2 HH21 sing N N 42  
ARG NH2 HH22 sing N N 43  
ARG OXT HXT  sing N N 44  
ASN N   CA   sing N N 45  
ASN N   H    sing N N 46  
ASN N   H2   sing N N 47  
ASN CA  C    sing N N 48  
ASN CA  CB   sing N N 49  
ASN CA  HA   sing N N 50  
ASN C   O    doub N N 51  
ASN C   OXT  sing N N 52  
ASN CB  CG   sing N N 53  
ASN CB  HB2  sing N N 54  
ASN CB  HB3  sing N N 55  
ASN CG  OD1  doub N N 56  
ASN CG  ND2  sing N N 57  
ASN ND2 HD21 sing N N 58  
ASN ND2 HD22 sing N N 59  
ASN OXT HXT  sing N N 60  
ASP N   CA   sing N N 61  
ASP N   H    sing N N 62  
ASP N   H2   sing N N 63  
ASP CA  C    sing N N 64  
ASP CA  CB   sing N N 65  
ASP CA  HA   sing N N 66  
ASP C   O    doub N N 67  
ASP C   OXT  sing N N 68  
ASP CB  CG   sing N N 69  
ASP CB  HB2  sing N N 70  
ASP CB  HB3  sing N N 71  
ASP CG  OD1  doub N N 72  
ASP CG  OD2  sing N N 73  
ASP OD2 HD2  sing N N 74  
ASP OXT HXT  sing N N 75  
CYS N   CA   sing N N 76  
CYS N   H    sing N N 77  
CYS N   H2   sing N N 78  
CYS CA  C    sing N N 79  
CYS CA  CB   sing N N 80  
CYS CA  HA   sing N N 81  
CYS C   O    doub N N 82  
CYS C   OXT  sing N N 83  
CYS CB  SG   sing N N 84  
CYS CB  HB2  sing N N 85  
CYS CB  HB3  sing N N 86  
CYS SG  HG   sing N N 87  
CYS OXT HXT  sing N N 88  
GLN N   CA   sing N N 89  
GLN N   H    sing N N 90  
GLN N   H2   sing N N 91  
GLN CA  C    sing N N 92  
GLN CA  CB   sing N N 93  
GLN CA  HA   sing N N 94  
GLN C   O    doub N N 95  
GLN C   OXT  sing N N 96  
GLN CB  CG   sing N N 97  
GLN CB  HB2  sing N N 98  
GLN CB  HB3  sing N N 99  
GLN CG  CD   sing N N 100 
GLN CG  HG2  sing N N 101 
GLN CG  HG3  sing N N 102 
GLN CD  OE1  doub N N 103 
GLN CD  NE2  sing N N 104 
GLN NE2 HE21 sing N N 105 
GLN NE2 HE22 sing N N 106 
GLN OXT HXT  sing N N 107 
GLU N   CA   sing N N 108 
GLU N   H    sing N N 109 
GLU N   H2   sing N N 110 
GLU CA  C    sing N N 111 
GLU CA  CB   sing N N 112 
GLU CA  HA   sing N N 113 
GLU C   O    doub N N 114 
GLU C   OXT  sing N N 115 
GLU CB  CG   sing N N 116 
GLU CB  HB2  sing N N 117 
GLU CB  HB3  sing N N 118 
GLU CG  CD   sing N N 119 
GLU CG  HG2  sing N N 120 
GLU CG  HG3  sing N N 121 
GLU CD  OE1  doub N N 122 
GLU CD  OE2  sing N N 123 
GLU OE2 HE2  sing N N 124 
GLU OXT HXT  sing N N 125 
GLY N   CA   sing N N 126 
GLY N   H    sing N N 127 
GLY N   H2   sing N N 128 
GLY CA  C    sing N N 129 
GLY CA  HA2  sing N N 130 
GLY CA  HA3  sing N N 131 
GLY C   O    doub N N 132 
GLY C   OXT  sing N N 133 
GLY OXT HXT  sing N N 134 
HIS N   CA   sing N N 135 
HIS N   H    sing N N 136 
HIS N   H2   sing N N 137 
HIS CA  C    sing N N 138 
HIS CA  CB   sing N N 139 
HIS CA  HA   sing N N 140 
HIS C   O    doub N N 141 
HIS C   OXT  sing N N 142 
HIS CB  CG   sing N N 143 
HIS CB  HB2  sing N N 144 
HIS CB  HB3  sing N N 145 
HIS CG  ND1  sing Y N 146 
HIS CG  CD2  doub Y N 147 
HIS ND1 CE1  doub Y N 148 
HIS ND1 HD1  sing N N 149 
HIS CD2 NE2  sing Y N 150 
HIS CD2 HD2  sing N N 151 
HIS CE1 NE2  sing Y N 152 
HIS CE1 HE1  sing N N 153 
HIS NE2 HE2  sing N N 154 
HIS OXT HXT  sing N N 155 
HOH O   H1   sing N N 156 
HOH O   H2   sing N N 157 
ILE N   CA   sing N N 158 
ILE N   H    sing N N 159 
ILE N   H2   sing N N 160 
ILE CA  C    sing N N 161 
ILE CA  CB   sing N N 162 
ILE CA  HA   sing N N 163 
ILE C   O    doub N N 164 
ILE C   OXT  sing N N 165 
ILE CB  CG1  sing N N 166 
ILE CB  CG2  sing N N 167 
ILE CB  HB   sing N N 168 
ILE CG1 CD1  sing N N 169 
ILE CG1 HG12 sing N N 170 
ILE CG1 HG13 sing N N 171 
ILE CG2 HG21 sing N N 172 
ILE CG2 HG22 sing N N 173 
ILE CG2 HG23 sing N N 174 
ILE CD1 HD11 sing N N 175 
ILE CD1 HD12 sing N N 176 
ILE CD1 HD13 sing N N 177 
ILE OXT HXT  sing N N 178 
LEU N   CA   sing N N 179 
LEU N   H    sing N N 180 
LEU N   H2   sing N N 181 
LEU CA  C    sing N N 182 
LEU CA  CB   sing N N 183 
LEU CA  HA   sing N N 184 
LEU C   O    doub N N 185 
LEU C   OXT  sing N N 186 
LEU CB  CG   sing N N 187 
LEU CB  HB2  sing N N 188 
LEU CB  HB3  sing N N 189 
LEU CG  CD1  sing N N 190 
LEU CG  CD2  sing N N 191 
LEU CG  HG   sing N N 192 
LEU CD1 HD11 sing N N 193 
LEU CD1 HD12 sing N N 194 
LEU CD1 HD13 sing N N 195 
LEU CD2 HD21 sing N N 196 
LEU CD2 HD22 sing N N 197 
LEU CD2 HD23 sing N N 198 
LEU OXT HXT  sing N N 199 
LYS N   CA   sing N N 200 
LYS N   H    sing N N 201 
LYS N   H2   sing N N 202 
LYS CA  C    sing N N 203 
LYS CA  CB   sing N N 204 
LYS CA  HA   sing N N 205 
LYS C   O    doub N N 206 
LYS C   OXT  sing N N 207 
LYS CB  CG   sing N N 208 
LYS CB  HB2  sing N N 209 
LYS CB  HB3  sing N N 210 
LYS CG  CD   sing N N 211 
LYS CG  HG2  sing N N 212 
LYS CG  HG3  sing N N 213 
LYS CD  CE   sing N N 214 
LYS CD  HD2  sing N N 215 
LYS CD  HD3  sing N N 216 
LYS CE  NZ   sing N N 217 
LYS CE  HE2  sing N N 218 
LYS CE  HE3  sing N N 219 
LYS NZ  HZ1  sing N N 220 
LYS NZ  HZ2  sing N N 221 
LYS NZ  HZ3  sing N N 222 
LYS OXT HXT  sing N N 223 
MET N   CA   sing N N 224 
MET N   H    sing N N 225 
MET N   H2   sing N N 226 
MET CA  C    sing N N 227 
MET CA  CB   sing N N 228 
MET CA  HA   sing N N 229 
MET C   O    doub N N 230 
MET C   OXT  sing N N 231 
MET CB  CG   sing N N 232 
MET CB  HB2  sing N N 233 
MET CB  HB3  sing N N 234 
MET CG  SD   sing N N 235 
MET CG  HG2  sing N N 236 
MET CG  HG3  sing N N 237 
MET SD  CE   sing N N 238 
MET CE  HE1  sing N N 239 
MET CE  HE2  sing N N 240 
MET CE  HE3  sing N N 241 
MET OXT HXT  sing N N 242 
PHE N   CA   sing N N 243 
PHE N   H    sing N N 244 
PHE N   H2   sing N N 245 
PHE CA  C    sing N N 246 
PHE CA  CB   sing N N 247 
PHE CA  HA   sing N N 248 
PHE C   O    doub N N 249 
PHE C   OXT  sing N N 250 
PHE CB  CG   sing N N 251 
PHE CB  HB2  sing N N 252 
PHE CB  HB3  sing N N 253 
PHE CG  CD1  doub Y N 254 
PHE CG  CD2  sing Y N 255 
PHE CD1 CE1  sing Y N 256 
PHE CD1 HD1  sing N N 257 
PHE CD2 CE2  doub Y N 258 
PHE CD2 HD2  sing N N 259 
PHE CE1 CZ   doub Y N 260 
PHE CE1 HE1  sing N N 261 
PHE CE2 CZ   sing Y N 262 
PHE CE2 HE2  sing N N 263 
PHE CZ  HZ   sing N N 264 
PHE OXT HXT  sing N N 265 
PRO N   CA   sing N N 266 
PRO N   CD   sing N N 267 
PRO N   H    sing N N 268 
PRO CA  C    sing N N 269 
PRO CA  CB   sing N N 270 
PRO CA  HA   sing N N 271 
PRO C   O    doub N N 272 
PRO C   OXT  sing N N 273 
PRO CB  CG   sing N N 274 
PRO CB  HB2  sing N N 275 
PRO CB  HB3  sing N N 276 
PRO CG  CD   sing N N 277 
PRO CG  HG2  sing N N 278 
PRO CG  HG3  sing N N 279 
PRO CD  HD2  sing N N 280 
PRO CD  HD3  sing N N 281 
PRO OXT HXT  sing N N 282 
SER N   CA   sing N N 283 
SER N   H    sing N N 284 
SER N   H2   sing N N 285 
SER CA  C    sing N N 286 
SER CA  CB   sing N N 287 
SER CA  HA   sing N N 288 
SER C   O    doub N N 289 
SER C   OXT  sing N N 290 
SER CB  OG   sing N N 291 
SER CB  HB2  sing N N 292 
SER CB  HB3  sing N N 293 
SER OG  HG   sing N N 294 
SER OXT HXT  sing N N 295 
THR N   CA   sing N N 296 
THR N   H    sing N N 297 
THR N   H2   sing N N 298 
THR CA  C    sing N N 299 
THR CA  CB   sing N N 300 
THR CA  HA   sing N N 301 
THR C   O    doub N N 302 
THR C   OXT  sing N N 303 
THR CB  OG1  sing N N 304 
THR CB  CG2  sing N N 305 
THR CB  HB   sing N N 306 
THR OG1 HG1  sing N N 307 
THR CG2 HG21 sing N N 308 
THR CG2 HG22 sing N N 309 
THR CG2 HG23 sing N N 310 
THR OXT HXT  sing N N 311 
TYR N   CA   sing N N 312 
TYR N   H    sing N N 313 
TYR N   H2   sing N N 314 
TYR CA  C    sing N N 315 
TYR CA  CB   sing N N 316 
TYR CA  HA   sing N N 317 
TYR C   O    doub N N 318 
TYR C   OXT  sing N N 319 
TYR CB  CG   sing N N 320 
TYR CB  HB2  sing N N 321 
TYR CB  HB3  sing N N 322 
TYR CG  CD1  doub Y N 323 
TYR CG  CD2  sing Y N 324 
TYR CD1 CE1  sing Y N 325 
TYR CD1 HD1  sing N N 326 
TYR CD2 CE2  doub Y N 327 
TYR CD2 HD2  sing N N 328 
TYR CE1 CZ   doub Y N 329 
TYR CE1 HE1  sing N N 330 
TYR CE2 CZ   sing Y N 331 
TYR CE2 HE2  sing N N 332 
TYR CZ  OH   sing N N 333 
TYR OH  HH   sing N N 334 
TYR OXT HXT  sing N N 335 
VAL N   CA   sing N N 336 
VAL N   H    sing N N 337 
VAL N   H2   sing N N 338 
VAL CA  C    sing N N 339 
VAL CA  CB   sing N N 340 
VAL CA  HA   sing N N 341 
VAL C   O    doub N N 342 
VAL C   OXT  sing N N 343 
VAL CB  CG1  sing N N 344 
VAL CB  CG2  sing N N 345 
VAL CB  HB   sing N N 346 
VAL CG1 HG11 sing N N 347 
VAL CG1 HG12 sing N N 348 
VAL CG1 HG13 sing N N 349 
VAL CG2 HG21 sing N N 350 
VAL CG2 HG22 sing N N 351 
VAL CG2 HG23 sing N N 352 
VAL OXT HXT  sing N N 353 
# 
_pdbx_initial_refinement_model.accession_code   ? 
_pdbx_initial_refinement_model.id               1 
_pdbx_initial_refinement_model.entity_id_list   ? 
_pdbx_initial_refinement_model.type             'experimental model' 
_pdbx_initial_refinement_model.source_name      Other 
_pdbx_initial_refinement_model.details          'INTERNAL SELENOMETHIONINE-SUBSTITUTED ID2 STRUCTURE AT 3.0A' 
# 
_atom_sites.entry_id                    4AYA 
_atom_sites.fract_transf_matrix[1][1]   -0.00599593 
_atom_sites.fract_transf_matrix[1][2]   0.01679502 
_atom_sites.fract_transf_matrix[1][3]   0.01350305 
_atom_sites.fract_transf_matrix[2][1]   0.00654516 
_atom_sites.fract_transf_matrix[2][2]   0.02089740 
_atom_sites.fract_transf_matrix[2][3]   -0.00455928 
_atom_sites.fract_transf_matrix[3][1]   -0.00742734 
_atom_sites.fract_transf_matrix[3][2]   0.00126378 
_atom_sites.fract_transf_matrix[3][3]   -0.00486994 
_atom_sites.fract_transf_vector[1]      -0.385222 
_atom_sites.fract_transf_vector[2]      0.322209 
_atom_sites.fract_transf_vector[3]      -0.138779 
# 
loop_
_atom_type.symbol 
C 
K 
N 
O 
S 
# 
loop_
_atom_site.group_PDB 
_atom_site.id 
_atom_site.type_symbol 
_atom_site.label_atom_id 
_atom_site.label_alt_id 
_atom_site.label_comp_id 
_atom_site.label_asym_id 
_atom_site.label_entity_id 
_atom_site.label_seq_id 
_atom_site.pdbx_PDB_ins_code 
_atom_site.Cartn_x 
_atom_site.Cartn_y 
_atom_site.Cartn_z 
_atom_site.occupancy 
_atom_site.B_iso_or_equiv 
_atom_site.pdbx_formal_charge 
_atom_site.auth_seq_id 
_atom_site.auth_comp_id 
_atom_site.auth_asym_id 
_atom_site.auth_atom_id 
_atom_site.pdbx_PDB_model_num 
ATOM   1   N N   . ASP A 1 31 ? 23.728  4.027   10.992  1.00 72.02 ? 30   ASP A N   1 
ATOM   2   C CA  . ASP A 1 31 ? 22.594  3.350   11.611  1.00 72.10 ? 30   ASP A CA  1 
ATOM   3   C C   . ASP A 1 31 ? 22.126  4.025   12.897  1.00 74.78 ? 30   ASP A C   1 
ATOM   4   O O   . ASP A 1 31 ? 22.934  4.462   13.716  1.00 74.10 ? 30   ASP A O   1 
ATOM   5   C CB  . ASP A 1 31 ? 22.932  1.887   11.919  1.00 63.92 ? 30   ASP A CB  1 
ATOM   6   C CG  . ASP A 1 31 ? 22.961  1.024   10.680  1.00 69.86 ? 30   ASP A CG  1 
ATOM   7   O OD1 . ASP A 1 31 ? 22.029  1.133   9.859   1.00 74.72 ? 30   ASP A OD1 1 
ATOM   8   O OD2 . ASP A 1 31 ? 23.917  0.235   10.520  1.00 73.62 ? 30   ASP A OD2 1 
ATOM   9   N N   . ASP A 1 32 ? 20.812  4.126   13.046  1.00 70.50 ? 31   ASP A N   1 
ATOM   10  C CA  . ASP A 1 32 ? 20.185  4.347   14.343  1.00 69.38 ? 31   ASP A CA  1 
ATOM   11  C C   . ASP A 1 32 ? 18.926  3.501   14.277  1.00 70.25 ? 31   ASP A C   1 
ATOM   12  O O   . ASP A 1 32 ? 17.839  4.012   14.004  1.00 64.76 ? 31   ASP A O   1 
ATOM   13  C CB  . ASP A 1 32 ? 19.865  5.824   14.578  1.00 69.47 ? 31   ASP A CB  1 
ATOM   14  C CG  . ASP A 1 32 ? 18.997  6.052   15.813  1.00 72.71 ? 31   ASP A CG  1 
ATOM   15  O OD1 . ASP A 1 32 ? 18.723  5.087   16.562  1.00 72.58 ? 31   ASP A OD1 1 
ATOM   16  O OD2 . ASP A 1 32 ? 18.589  7.210   16.039  1.00 73.89 ? 31   ASP A OD2 1 
ATOM   17  N N   . PRO A 1 33 ? 19.088  2.191   14.517  1.00 69.86 ? 32   PRO A N   1 
ATOM   18  C CA  . PRO A 1 33 ? 18.079  1.139   14.330  1.00 66.54 ? 32   PRO A CA  1 
ATOM   19  C C   . PRO A 1 33 ? 16.679  1.576   14.754  1.00 66.56 ? 32   PRO A C   1 
ATOM   20  O O   . PRO A 1 33 ? 15.724  1.432   13.975  1.00 62.50 ? 32   PRO A O   1 
ATOM   21  C CB  . PRO A 1 33 ? 18.581  0.017   15.244  1.00 65.56 ? 32   PRO A CB  1 
ATOM   22  C CG  . PRO A 1 33 ? 20.068  0.188   15.240  1.00 63.01 ? 32   PRO A CG  1 
ATOM   23  C CD  . PRO A 1 33 ? 20.335  1.666   15.110  1.00 61.07 ? 32   PRO A CD  1 
ATOM   24  N N   . MET A 1 34 ? 16.559  2.123   15.961  1.00 62.13 ? 33   MET A N   1 
ATOM   25  C CA  . MET A 1 34 ? 15.252  2.524   16.476  1.00 64.85 ? 33   MET A CA  1 
ATOM   26  C C   . MET A 1 34 ? 14.639  3.720   15.749  1.00 65.34 ? 33   MET A C   1 
ATOM   27  O O   . MET A 1 34 ? 13.414  3.831   15.656  1.00 63.11 ? 33   MET A O   1 
ATOM   28  C CB  . MET A 1 34 ? 15.298  2.779   17.985  1.00 64.96 ? 33   MET A CB  1 
ATOM   29  C CG  . MET A 1 34 ? 15.539  1.534   18.823  1.00 61.58 ? 33   MET A CG  1 
ATOM   30  S SD  . MET A 1 34 ? 14.623  0.060   18.297  1.00 77.81 ? 33   MET A SD  1 
ATOM   31  C CE  . MET A 1 34 ? 12.912  0.624   18.291  1.00 67.41 ? 33   MET A CE  1 
ATOM   32  N N   . SER A 1 35 ? 15.483  4.607   15.229  1.00 64.88 ? 34   SER A N   1 
ATOM   33  C CA  . SER A 1 35 ? 14.995  5.765   14.488  1.00 65.84 ? 34   SER A CA  1 
ATOM   34  C C   . SER A 1 35 ? 14.328  5.348   13.177  1.00 63.97 ? 34   SER A C   1 
ATOM   35  O O   . SER A 1 35 ? 13.241  5.833   12.832  1.00 61.77 ? 34   SER A O   1 
ATOM   36  C CB  . SER A 1 35 ? 16.138  6.737   14.199  1.00 66.16 ? 34   SER A CB  1 
ATOM   37  O OG  . SER A 1 35 ? 15.651  7.935   13.626  1.00 75.86 ? 34   SER A OG  1 
ATOM   38  N N   . LEU A 1 36 ? 14.991  4.465   12.437  1.00 61.72 ? 35   LEU A N   1 
ATOM   39  C CA  . LEU A 1 36 ? 14.408  3.934   11.210  1.00 60.72 ? 35   LEU A CA  1 
ATOM   40  C C   . LEU A 1 36 ? 13.106  3.166   11.520  1.00 59.59 ? 35   LEU A C   1 
ATOM   41  O O   . LEU A 1 36 ? 12.128  3.234   10.757  1.00 55.37 ? 35   LEU A O   1 
ATOM   42  C CB  . LEU A 1 36 ? 15.432  3.056   10.479  1.00 56.32 ? 35   LEU A CB  1 
ATOM   43  C CG  . LEU A 1 36 ? 14.933  2.176   9.331   1.00 60.53 ? 35   LEU A CG  1 
ATOM   44  C CD1 . LEU A 1 36 ? 14.252  3.002   8.234   1.00 58.85 ? 35   LEU A CD1 1 
ATOM   45  C CD2 . LEU A 1 36 ? 16.088  1.374   8.760   1.00 61.31 ? 35   LEU A CD2 1 
ATOM   46  N N   . LEU A 1 37 ? 13.085  2.465   12.654  1.00 55.34 ? 36   LEU A N   1 
ATOM   47  C CA  . LEU A 1 37 ? 11.892  1.725   13.067  1.00 57.39 ? 36   LEU A CA  1 
ATOM   48  C C   . LEU A 1 37 ? 10.721  2.636   13.439  1.00 57.20 ? 36   LEU A C   1 
ATOM   49  O O   . LEU A 1 37 ? 9.575   2.326   13.122  1.00 54.35 ? 36   LEU A O   1 
ATOM   50  C CB  . LEU A 1 37 ? 12.213  0.768   14.210  1.00 57.61 ? 36   LEU A CB  1 
ATOM   51  C CG  . LEU A 1 37 ? 12.324  -0.700  13.798  1.00 60.28 ? 36   LEU A CG  1 
ATOM   52  C CD1 . LEU A 1 37 ? 13.155  -0.870  12.540  1.00 61.14 ? 36   LEU A CD1 1 
ATOM   53  C CD2 . LEU A 1 37 ? 12.966  -1.466  14.903  1.00 64.89 ? 36   LEU A CD2 1 
ATOM   54  N N   . TYR A 1 38 ? 11.003  3.756   14.105  1.00 58.24 ? 37   TYR A N   1 
ATOM   55  C CA  . TYR A 1 38 ? 9.951   4.731   14.404  1.00 59.09 ? 37   TYR A CA  1 
ATOM   56  C C   . TYR A 1 38 ? 9.368   5.291   13.121  1.00 55.82 ? 37   TYR A C   1 
ATOM   57  O O   . TYR A 1 38 ? 8.159   5.517   13.023  1.00 58.01 ? 37   TYR A O   1 
ATOM   58  C CB  . TYR A 1 38 ? 10.480  5.878   15.269  1.00 59.12 ? 37   TYR A CB  1 
ATOM   59  C CG  . TYR A 1 38 ? 10.828  5.427   16.655  1.00 67.28 ? 37   TYR A CG  1 
ATOM   60  C CD1 . TYR A 1 38 ? 10.066  4.447   17.290  1.00 66.24 ? 37   TYR A CD1 1 
ATOM   61  C CD2 . TYR A 1 38 ? 11.926  5.954   17.327  1.00 65.88 ? 37   TYR A CD2 1 
ATOM   62  C CE1 . TYR A 1 38 ? 10.379  4.010   18.552  1.00 68.78 ? 37   TYR A CE1 1 
ATOM   63  C CE2 . TYR A 1 38 ? 12.251  5.521   18.595  1.00 69.55 ? 37   TYR A CE2 1 
ATOM   64  C CZ  . TYR A 1 38 ? 11.473  4.545   19.200  1.00 71.82 ? 37   TYR A CZ  1 
ATOM   65  O OH  . TYR A 1 38 ? 11.783  4.105   20.466  1.00 80.72 ? 37   TYR A OH  1 
ATOM   66  N N   . ASN A 1 39 ? 10.231  5.519   12.138  1.00 55.51 ? 38   ASN A N   1 
ATOM   67  C CA  . ASN A 1 39 ? 9.782   6.050   10.858  1.00 56.60 ? 38   ASN A CA  1 
ATOM   68  C C   . ASN A 1 39 ? 8.993   5.032   10.049  1.00 55.00 ? 38   ASN A C   1 
ATOM   69  O O   . ASN A 1 39 ? 8.042   5.398   9.350   1.00 54.12 ? 38   ASN A O   1 
ATOM   70  C CB  . ASN A 1 39 ? 10.962  6.573   10.046  1.00 56.61 ? 38   ASN A CB  1 
ATOM   71  C CG  . ASN A 1 39 ? 11.499  7.874   10.587  1.00 61.18 ? 38   ASN A CG  1 
ATOM   72  O OD1 . ASN A 1 39 ? 10.800  8.600   11.297  1.00 61.47 ? 38   ASN A OD1 1 
ATOM   73  N ND2 . ASN A 1 39 ? 12.750  8.180   10.254  1.00 62.12 ? 38   ASN A ND2 1 
ATOM   74  N N   . MET A 1 40 ? 9.395   3.763   10.126  1.00 49.84 ? 39   MET A N   1 
ATOM   75  C CA  . MET A 1 40 ? 8.614   2.703   9.501   1.00 53.19 ? 39   MET A CA  1 
ATOM   76  C C   . MET A 1 40 ? 7.269   2.646   10.180  1.00 52.51 ? 39   MET A C   1 
ATOM   77  O O   . MET A 1 40 ? 6.224   2.557   9.521   1.00 49.76 ? 39   MET A O   1 
ATOM   78  C CB  . MET A 1 40 ? 9.314   1.356   9.618   1.00 50.13 ? 39   MET A CB  1 
ATOM   79  C CG  . MET A 1 40 ? 10.500  1.227   8.687   1.00 53.93 ? 39   MET A CG  1 
ATOM   80  S SD  . MET A 1 40 ? 11.238  -0.407  8.783   1.00 55.16 ? 39   MET A SD  1 
ATOM   81  C CE  . MET A 1 40 ? 10.075  -1.361  7.796   1.00 53.02 ? 39   MET A CE  1 
ATOM   82  N N   . ASN A 1 41 ? 7.302   2.726   11.506  1.00 48.86 ? 40   ASN A N   1 
ATOM   83  C CA  . ASN A 1 41 ? 6.077   2.757   12.283  1.00 52.39 ? 40   ASN A CA  1 
ATOM   84  C C   . ASN A 1 41 ? 5.169   3.907   11.858  1.00 53.32 ? 40   ASN A C   1 
ATOM   85  O O   . ASN A 1 41 ? 3.960   3.723   11.728  1.00 53.40 ? 40   ASN A O   1 
ATOM   86  C CB  . ASN A 1 41 ? 6.390   2.802   13.779  1.00 55.29 ? 40   ASN A CB  1 
ATOM   87  C CG  . ASN A 1 41 ? 6.818   1.447   14.323  1.00 58.91 ? 40   ASN A CG  1 
ATOM   88  O OD1 . ASN A 1 41 ? 6.830   0.445   13.599  1.00 58.67 ? 40   ASN A OD1 1 
ATOM   89  N ND2 . ASN A 1 41 ? 7.180   1.410   15.597  1.00 59.80 ? 40   ASN A ND2 1 
ATOM   90  N N   . ASP A 1 42 ? 5.742   5.082   11.611  1.00 55.03 ? 41   ASP A N   1 
ATOM   91  C CA  . ASP A 1 42 ? 4.943   6.198   11.096  1.00 52.57 ? 41   ASP A CA  1 
ATOM   92  C C   . ASP A 1 42 ? 4.296   5.860   9.754   1.00 51.09 ? 41   ASP A C   1 
ATOM   93  O O   . ASP A 1 42 ? 3.137   6.200   9.523   1.00 54.76 ? 41   ASP A O   1 
ATOM   94  C CB  . ASP A 1 42 ? 5.768   7.487   11.004  1.00 51.30 ? 41   ASP A CB  1 
ATOM   95  C CG  . ASP A 1 42 ? 6.236   7.975   12.365  1.00 57.13 ? 41   ASP A CG  1 
ATOM   96  O OD1 . ASP A 1 42 ? 5.611   7.590   13.377  1.00 62.20 ? 41   ASP A OD1 1 
ATOM   97  O OD2 . ASP A 1 42 ? 7.226   8.741   12.426  1.00 60.20 ? 41   ASP A OD2 1 
ATOM   98  N N   . CYS A 1 43 ? 5.026   5.180   8.875   1.00 48.79 ? 42   CYS A N   1 
ATOM   99  C CA  . CYS A 1 43 ? 4.454   4.776   7.586   1.00 47.20 ? 42   CYS A CA  1 
ATOM   100 C C   . CYS A 1 43 ? 3.235   3.885   7.763   1.00 50.40 ? 42   CYS A C   1 
ATOM   101 O O   . CYS A 1 43 ? 2.209   4.065   7.096   1.00 48.51 ? 42   CYS A O   1 
ATOM   102 C CB  . CYS A 1 43 ? 5.498   4.071   6.726   1.00 45.70 ? 42   CYS A CB  1 
ATOM   103 S SG  . CYS A 1 43 ? 6.733   5.228   6.086   1.00 52.72 ? 42   CYS A SG  1 
ATOM   104 N N   . TYR A 1 44 ? 3.354   2.930   8.682   1.00 52.00 ? 43   TYR A N   1 
ATOM   105 C CA  . TYR A 1 44 ? 2.249   2.038   9.012   1.00 47.75 ? 43   TYR A CA  1 
ATOM   106 C C   . TYR A 1 44 ? 1.044   2.805   9.541   1.00 51.90 ? 43   TYR A C   1 
ATOM   107 O O   . TYR A 1 44 ? -0.086  2.523   9.144   1.00 49.28 ? 43   TYR A O   1 
ATOM   108 C CB  . TYR A 1 44 ? 2.701   0.959   10.007  1.00 48.51 ? 43   TYR A CB  1 
ATOM   109 C CG  . TYR A 1 44 ? 3.361   -0.221  9.324   1.00 47.59 ? 43   TYR A CG  1 
ATOM   110 C CD1 . TYR A 1 44 ? 2.594   -1.138  8.626   1.00 44.93 ? 43   TYR A CD1 1 
ATOM   111 C CD2 . TYR A 1 44 ? 4.747   -0.417  9.370   1.00 48.19 ? 43   TYR A CD2 1 
ATOM   112 C CE1 . TYR A 1 44 ? 3.166   -2.222  7.993   1.00 47.60 ? 43   TYR A CE1 1 
ATOM   113 C CE2 . TYR A 1 44 ? 5.337   -1.515  8.730   1.00 44.50 ? 43   TYR A CE2 1 
ATOM   114 C CZ  . TYR A 1 44 ? 4.525   -2.405  8.039   1.00 45.14 ? 43   TYR A CZ  1 
ATOM   115 O OH  . TYR A 1 44 ? 5.058   -3.496  7.389   1.00 46.79 ? 43   TYR A OH  1 
ATOM   116 N N   . SER A 1 45 ? 1.273   3.776   10.425  1.00 50.96 ? 44   SER A N   1 
ATOM   117 C CA  . SER A 1 45 ? 0.171   4.597   10.928  1.00 49.71 ? 44   SER A CA  1 
ATOM   118 C C   . SER A 1 45 ? -0.521  5.402   9.820   1.00 51.62 ? 44   SER A C   1 
ATOM   119 O O   . SER A 1 45 ? -1.745  5.557   9.831   1.00 51.64 ? 44   SER A O   1 
ATOM   120 C CB  . SER A 1 45 ? 0.646   5.528   12.038  1.00 51.16 ? 44   SER A CB  1 
ATOM   121 O OG  . SER A 1 45 ? 1.056   4.786   13.172  1.00 57.43 ? 44   SER A OG  1 
ATOM   122 N N   . LYS A 1 46 ? 0.259   5.911   8.869   1.00 51.77 ? 45   LYS A N   1 
ATOM   123 C CA  . LYS A 1 46 ? -0.305  6.646   7.740   1.00 50.79 ? 45   LYS A CA  1 
ATOM   124 C C   . LYS A 1 46 ? -1.201  5.727   6.916   1.00 53.12 ? 45   LYS A C   1 
ATOM   125 O O   . LYS A 1 46 ? -2.311  6.107   6.538   1.00 55.45 ? 45   LYS A O   1 
ATOM   126 C CB  . LYS A 1 46 ? 0.805   7.269   6.872   1.00 50.18 ? 45   LYS A CB  1 
ATOM   127 C CG  . LYS A 1 46 ? 0.313   8.293   5.813   1.00 56.90 ? 45   LYS A CG  1 
ATOM   128 C CD  . LYS A 1 46 ? -0.849  9.157   6.330   1.00 59.10 ? 45   LYS A CD  1 
ATOM   129 C CE  . LYS A 1 46 ? -0.837  10.577  5.753   1.00 70.83 ? 45   LYS A CE  1 
ATOM   130 N NZ  . LYS A 1 46 ? 0.081   11.507  6.499   1.00 71.46 ? 45   LYS A NZ  1 
ATOM   131 N N   . LEU A 1 47 ? -0.727  4.509   6.658   1.00 50.15 ? 46   LEU A N   1 
ATOM   132 C CA  . LEU A 1 47 ? -1.498  3.542   5.887   1.00 48.53 ? 46   LEU A CA  1 
ATOM   133 C C   . LEU A 1 47 ? -2.828  3.255   6.580   1.00 51.88 ? 46   LEU A C   1 
ATOM   134 O O   . LEU A 1 47 ? -3.864  3.110   5.924   1.00 51.10 ? 46   LEU A O   1 
ATOM   135 C CB  . LEU A 1 47 ? -0.685  2.264   5.666   1.00 46.22 ? 46   LEU A CB  1 
ATOM   136 C CG  . LEU A 1 47 ? 0.481   2.489   4.706   1.00 44.33 ? 46   LEU A CG  1 
ATOM   137 C CD1 . LEU A 1 47 ? 1.526   1.395   4.840   1.00 43.26 ? 46   LEU A CD1 1 
ATOM   138 C CD2 . LEU A 1 47 ? -0.039  2.576   3.276   1.00 41.94 ? 46   LEU A CD2 1 
ATOM   139 N N   . LYS A 1 48 ? -2.802  3.207   7.906   1.00 51.36 ? 47   LYS A N   1 
ATOM   140 C CA  . LYS A 1 48 ? -4.033  3.047   8.677   1.00 51.19 ? 47   LYS A CA  1 
ATOM   141 C C   . LYS A 1 48 ? -5.051  4.151   8.360   1.00 54.23 ? 47   LYS A C   1 
ATOM   142 O O   . LYS A 1 48 ? -6.244  3.877   8.286   1.00 51.51 ? 47   LYS A O   1 
ATOM   143 C CB  . LYS A 1 48 ? -3.730  3.013   10.178  1.00 51.98 ? 47   LYS A CB  1 
ATOM   144 C CG  . LYS A 1 48 ? -2.861  1.842   10.631  1.00 47.00 ? 47   LYS A CG  1 
ATOM   145 C CD  . LYS A 1 48 ? -2.797  1.766   12.163  1.00 52.25 ? 47   LYS A CD  1 
ATOM   146 C CE  . LYS A 1 48 ? -4.135  1.331   12.763  1.00 53.34 ? 47   LYS A CE  1 
ATOM   147 N NZ  . LYS A 1 48 ? -4.152  1.485   14.251  1.00 54.25 ? 47   LYS A NZ  1 
ATOM   148 N N   . GLU A 1 49 ? -4.584  5.389   8.175   1.00 54.12 ? 48   GLU A N   1 
ATOM   149 C CA  . GLU A 1 49 ? -5.468  6.509   7.826   1.00 57.12 ? 48   GLU A CA  1 
ATOM   150 C C   . GLU A 1 49 ? -5.964  6.410   6.400   1.00 55.31 ? 48   GLU A C   1 
ATOM   151 O O   . GLU A 1 49 ? -7.136  6.659   6.126   1.00 59.79 ? 48   GLU A O   1 
ATOM   152 C CB  . GLU A 1 49 ? -4.740  7.844   7.946   1.00 57.88 ? 48   GLU A CB  1 
ATOM   153 C CG  . GLU A 1 49 ? -4.262  8.209   9.319   1.00 61.83 ? 48   GLU A CG  1 
ATOM   154 C CD  . GLU A 1 49 ? -3.510  9.526   9.296   1.00 69.66 ? 48   GLU A CD  1 
ATOM   155 O OE1 . GLU A 1 49 ? -3.467  10.165  8.215   1.00 70.28 ? 48   GLU A OE1 1 
ATOM   156 O OE2 . GLU A 1 49 ? -2.964  9.922   10.351  1.00 73.59 ? 48   GLU A OE2 1 
ATOM   157 N N   . LEU A 1 50 ? -5.055  6.086   5.486   1.00 54.68 ? 49   LEU A N   1 
ATOM   158 C CA  . LEU A 1 50 ? -5.368  6.023   4.058   1.00 54.54 ? 49   LEU A CA  1 
ATOM   159 C C   . LEU A 1 50 ? -6.353  4.921   3.661   1.00 54.64 ? 49   LEU A C   1 
ATOM   160 O O   . LEU A 1 50 ? -7.142  5.103   2.721   1.00 50.64 ? 49   LEU A O   1 
ATOM   161 C CB  . LEU A 1 50 ? -4.083  5.871   3.234   1.00 51.29 ? 49   LEU A CB  1 
ATOM   162 C CG  . LEU A 1 50 ? -3.048  6.988   3.376   1.00 54.54 ? 49   LEU A CG  1 
ATOM   163 C CD1 . LEU A 1 50 ? -1.852  6.727   2.458   1.00 52.51 ? 49   LEU A CD1 1 
ATOM   164 C CD2 . LEU A 1 50 ? -3.680  8.326   3.069   1.00 56.28 ? 49   LEU A CD2 1 
ATOM   165 N N   . VAL A 1 51 ? -6.306  3.779   4.354   1.00 53.28 ? 50   VAL A N   1 
ATOM   166 C CA  . VAL A 1 51 ? -7.083  2.604   3.921   1.00 52.09 ? 50   VAL A CA  1 
ATOM   167 C C   . VAL A 1 51 ? -8.383  2.442   4.712   1.00 53.83 ? 50   VAL A C   1 
ATOM   168 O O   . VAL A 1 51 ? -8.345  2.106   5.898   1.00 51.22 ? 50   VAL A O   1 
ATOM   169 C CB  . VAL A 1 51 ? -6.254  1.308   4.013   1.00 49.72 ? 50   VAL A CB  1 
ATOM   170 C CG1 . VAL A 1 51 ? -7.016  0.156   3.383   1.00 48.60 ? 50   VAL A CG1 1 
ATOM   171 C CG2 . VAL A 1 51 ? -4.901  1.492   3.316   1.00 46.63 ? 50   VAL A CG2 1 
ATOM   172 N N   . PRO A 1 52 ? -9.536  2.671   4.047   1.00 49.95 ? 51   PRO A N   1 
ATOM   173 C CA  . PRO A 1 52 ? -10.851 2.690   4.706   1.00 54.92 ? 51   PRO A CA  1 
ATOM   174 C C   . PRO A 1 52 ? -11.122 1.437   5.528   1.00 50.02 ? 51   PRO A C   1 
ATOM   175 O O   . PRO A 1 52 ? -11.566 1.559   6.672   1.00 54.57 ? 51   PRO A O   1 
ATOM   176 C CB  . PRO A 1 52 ? -11.841 2.776   3.528   1.00 52.70 ? 51   PRO A CB  1 
ATOM   177 C CG  . PRO A 1 52 ? -11.077 3.440   2.444   1.00 54.88 ? 51   PRO A CG  1 
ATOM   178 C CD  . PRO A 1 52 ? -9.643  2.955   2.602   1.00 54.12 ? 51   PRO A CD  1 
ATOM   179 N N   . SER A 1 53 ? -10.833 0.264   4.965   1.00 50.45 ? 52   SER A N   1 
ATOM   180 C CA  . SER A 1 53 ? -11.047 -1.016  5.654   1.00 50.84 ? 52   SER A CA  1 
ATOM   181 C C   . SER A 1 53 ? -10.314 -1.172  6.992   1.00 54.93 ? 52   SER A C   1 
ATOM   182 O O   . SER A 1 53 ? -10.674 -2.043  7.793   1.00 54.67 ? 52   SER A O   1 
ATOM   183 C CB  . SER A 1 53 ? -10.664 -2.178  4.738   1.00 54.21 ? 52   SER A CB  1 
ATOM   184 O OG  . SER A 1 53 ? -9.268  -2.201  4.499   1.00 50.22 ? 52   SER A OG  1 
ATOM   185 N N   . ILE A 1 54 ? -9.296  -0.342  7.236   1.00 53.24 ? 53   ILE A N   1 
ATOM   186 C CA  . ILE A 1 54 ? -8.530  -0.405  8.486   1.00 52.43 ? 53   ILE A CA  1 
ATOM   187 C C   . ILE A 1 54 ? -9.150  0.439   9.611   1.00 55.33 ? 53   ILE A C   1 
ATOM   188 O O   . ILE A 1 54 ? -9.390  1.632   9.429   1.00 57.05 ? 53   ILE A O   1 
ATOM   189 C CB  . ILE A 1 54 ? -7.048  0.036   8.279   1.00 50.94 ? 53   ILE A CB  1 
ATOM   190 C CG1 . ILE A 1 54 ? -6.375  -0.812  7.188   1.00 49.04 ? 53   ILE A CG1 1 
ATOM   191 C CG2 . ILE A 1 54 ? -6.266  -0.045  9.591   1.00 53.04 ? 53   ILE A CG2 1 
ATOM   192 C CD1 . ILE A 1 54 ? -4.895  -0.530  6.992   1.00 50.27 ? 53   ILE A CD1 1 
ATOM   193 N N   . PRO A 1 55 ? -9.404  -0.181  10.781  1.00 58.77 ? 54   PRO A N   1 
ATOM   194 C CA  . PRO A 1 55 ? -9.897  0.543   11.968  1.00 61.37 ? 54   PRO A CA  1 
ATOM   195 C C   . PRO A 1 55 ? -8.796  1.395   12.595  1.00 61.22 ? 54   PRO A C   1 
ATOM   196 O O   . PRO A 1 55 ? -7.721  0.862   12.862  1.00 64.57 ? 54   PRO A O   1 
ATOM   197 C CB  . PRO A 1 55 ? -10.275 -0.583  12.947  1.00 61.04 ? 54   PRO A CB  1 
ATOM   198 C CG  . PRO A 1 55 ? -10.310 -1.852  12.125  1.00 63.78 ? 54   PRO A CG  1 
ATOM   199 C CD  . PRO A 1 55 ? -9.329  -1.638  11.011  1.00 58.34 ? 54   PRO A CD  1 
ATOM   200 N N   . GLN A 1 56 ? -9.052  2.677   12.839  1.00 65.73 ? 55   GLN A N   1 
ATOM   201 C CA  . GLN A 1 56 ? -8.028  3.566   13.381  1.00 67.67 ? 55   GLN A CA  1 
ATOM   202 C C   . GLN A 1 56 ? -8.098  3.680   14.892  1.00 72.25 ? 55   GLN A C   1 
ATOM   203 O O   . GLN A 1 56 ? -7.086  3.926   15.555  1.00 74.88 ? 55   GLN A O   1 
ATOM   204 C CB  . GLN A 1 56 ? -8.131  4.961   12.767  1.00 68.78 ? 55   GLN A CB  1 
ATOM   205 C CG  . GLN A 1 56 ? -7.748  5.032   11.311  1.00 66.32 ? 55   GLN A CG  1 
ATOM   206 C CD  . GLN A 1 56 ? -8.274  6.286   10.651  1.00 68.51 ? 55   GLN A CD  1 
ATOM   207 O OE1 . GLN A 1 56 ? -9.040  6.222   9.679   1.00 72.75 ? 55   GLN A OE1 1 
ATOM   208 N NE2 . GLN A 1 56 ? -7.871  7.443   11.177  1.00 66.76 ? 55   GLN A NE2 1 
ATOM   209 N N   . ASN A 1 57 ? -9.293  3.507   15.441  1.00 70.77 ? 56   ASN A N   1 
ATOM   210 C CA  . ASN A 1 57 ? -9.443  3.545   16.886  1.00 75.60 ? 56   ASN A CA  1 
ATOM   211 C C   . ASN A 1 57 ? -9.153  2.188   17.526  1.00 76.31 ? 56   ASN A C   1 
ATOM   212 O O   . ASN A 1 57 ? -9.809  1.783   18.489  1.00 77.63 ? 56   ASN A O   1 
ATOM   213 C CB  . ASN A 1 57 ? -10.831 4.063   17.266  1.00 78.91 ? 56   ASN A CB  1 
ATOM   214 C CG  . ASN A 1 57 ? -10.875 5.585   17.379  1.00 83.96 ? 56   ASN A CG  1 
ATOM   215 O OD1 . ASN A 1 57 ? -11.219 6.134   18.433  1.00 82.08 ? 56   ASN A OD1 1 
ATOM   216 N ND2 . ASN A 1 57 ? -10.512 6.272   16.296  1.00 80.55 ? 56   ASN A ND2 1 
ATOM   217 N N   . LYS A 1 58 ? -8.140  1.507   16.995  1.00 73.86 ? 57   LYS A N   1 
ATOM   218 C CA  . LYS A 1 58 ? -7.788  0.157   17.416  1.00 68.65 ? 57   LYS A CA  1 
ATOM   219 C C   . LYS A 1 58 ? -6.440  -0.227  16.810  1.00 65.54 ? 57   LYS A C   1 
ATOM   220 O O   . LYS A 1 58 ? -6.124  0.166   15.685  1.00 65.13 ? 57   LYS A O   1 
ATOM   221 C CB  . LYS A 1 58 ? -8.856  -0.831  16.950  1.00 66.31 ? 57   LYS A CB  1 
ATOM   222 C CG  . LYS A 1 58 ? -8.599  -2.260  17.372  1.00 68.22 ? 57   LYS A CG  1 
ATOM   223 C CD  . LYS A 1 58 ? -9.417  -3.227  16.536  1.00 65.72 ? 57   LYS A CD  1 
ATOM   224 C CE  . LYS A 1 58 ? -9.146  -4.658  16.973  1.00 70.88 ? 57   LYS A CE  1 
ATOM   225 N NZ  . LYS A 1 58 ? -10.035 -5.627  16.272  1.00 66.10 ? 57   LYS A NZ  1 
ATOM   226 N N   . LYS A 1 59 ? -5.645  -0.988  17.555  1.00 64.69 ? 58   LYS A N   1 
ATOM   227 C CA  . LYS A 1 59 ? -4.347  -1.424  17.058  1.00 61.44 ? 58   LYS A CA  1 
ATOM   228 C C   . LYS A 1 59 ? -4.488  -2.612  16.119  1.00 58.90 ? 58   LYS A C   1 
ATOM   229 O O   . LYS A 1 59 ? -5.299  -3.513  16.344  1.00 60.06 ? 58   LYS A O   1 
ATOM   230 C CB  . LYS A 1 59 ? -3.404  -1.748  18.210  1.00 62.50 ? 58   LYS A CB  1 
ATOM   231 C CG  . LYS A 1 59 ? -2.885  -0.504  18.930  1.00 68.05 ? 58   LYS A CG  1 
ATOM   232 C CD  . LYS A 1 59 ? -1.829  -0.849  19.971  1.00 66.55 ? 58   LYS A CD  1 
ATOM   233 C CE  . LYS A 1 59 ? -1.359  0.401   20.712  1.00 74.34 ? 58   LYS A CE  1 
ATOM   234 N NZ  . LYS A 1 59 ? -0.578  1.325   19.838  1.00 80.14 ? 58   LYS A NZ  1 
ATOM   235 N N   . VAL A 1 60 ? -3.705  -2.589  15.046  1.00 57.54 ? 59   VAL A N   1 
ATOM   236 C CA  . VAL A 1 60 ? -3.742  -3.629  14.028  1.00 52.22 ? 59   VAL A CA  1 
ATOM   237 C C   . VAL A 1 60 ? -2.298  -4.006  13.731  1.00 52.82 ? 59   VAL A C   1 
ATOM   238 O O   . VAL A 1 60 ? -1.420  -3.140  13.730  1.00 49.24 ? 59   VAL A O   1 
ATOM   239 C CB  . VAL A 1 60 ? -4.405  -3.118  12.744  1.00 51.77 ? 59   VAL A CB  1 
ATOM   240 C CG1 . VAL A 1 60 ? -4.466  -4.218  11.695  1.00 50.10 ? 59   VAL A CG1 1 
ATOM   241 C CG2 . VAL A 1 60 ? -5.805  -2.588  13.036  1.00 55.57 ? 59   VAL A CG2 1 
ATOM   242 N N   . SER A 1 61 ? -2.039  -5.287  13.487  1.00 49.21 ? 60   SER A N   1 
ATOM   243 C CA  . SER A 1 61 ? -0.668  -5.727  13.253  1.00 49.72 ? 60   SER A CA  1 
ATOM   244 C C   . SER A 1 61 ? -0.140  -5.219  11.913  1.00 48.11 ? 60   SER A C   1 
ATOM   245 O O   . SER A 1 61 ? -0.917  -4.937  10.986  1.00 47.35 ? 60   SER A O   1 
ATOM   246 C CB  . SER A 1 61 ? -0.561  -7.247  13.309  1.00 49.26 ? 60   SER A CB  1 
ATOM   247 O OG  . SER A 1 61 ? -1.384  -7.840  12.323  1.00 48.92 ? 60   SER A OG  1 
ATOM   248 N N   . LYS A 1 62 ? 1.182   -5.086  11.830  1.00 44.78 ? 61   LYS A N   1 
ATOM   249 C CA  . LYS A 1 62 ? 1.858   -4.673  10.605  1.00 47.23 ? 61   LYS A CA  1 
ATOM   250 C C   . LYS A 1 62 ? 1.472   -5.569  9.436   1.00 46.70 ? 61   LYS A C   1 
ATOM   251 O O   . LYS A 1 62 ? 1.200   -5.090  8.346   1.00 44.72 ? 61   LYS A O   1 
ATOM   252 C CB  . LYS A 1 62 ? 3.389   -4.666  10.795  1.00 46.02 ? 61   LYS A CB  1 
ATOM   253 C CG  . LYS A 1 62 ? 3.915   -3.528  11.668  1.00 46.34 ? 61   LYS A CG  1 
ATOM   254 C CD  . LYS A 1 62 ? 5.446   -3.526  11.660  1.00 49.92 ? 61   LYS A CD  1 
ATOM   255 C CE  . LYS A 1 62 ? 6.018   -2.330  12.412  1.00 49.50 ? 61   LYS A CE  1 
ATOM   256 N NZ  . LYS A 1 62 ? 7.515   -2.292  12.328  1.00 48.51 ? 61   LYS A NZ  1 
ATOM   257 N N   . MET A 1 63 ? 1.421   -6.875  9.660   1.00 47.00 ? 62   MET A N   1 
ATOM   258 C CA  . MET A 1 63 ? 1.046   -7.764  8.570   1.00 44.38 ? 62   MET A CA  1 
ATOM   259 C C   . MET A 1 63 ? -0.387  -7.560  8.100   1.00 43.67 ? 62   MET A C   1 
ATOM   260 O O   . MET A 1 63 ? -0.647  -7.529  6.896   1.00 43.67 ? 62   MET A O   1 
ATOM   261 C CB  . MET A 1 63 ? 1.260   -9.227  8.939   1.00 46.44 ? 62   MET A CB  1 
ATOM   262 C CG  . MET A 1 63 ? 1.089   -10.076 7.723   1.00 47.14 ? 62   MET A CG  1 
ATOM   263 S SD  . MET A 1 63 ? 1.519   -11.786 7.888   1.00 55.97 ? 62   MET A SD  1 
ATOM   264 C CE  . MET A 1 63 ? 0.991   -12.330 6.261   1.00 52.14 ? 62   MET A CE  1 
ATOM   265 N N   . GLU A 1 64 ? -1.319  -7.410  9.039   1.00 45.38 ? 63   GLU A N   1 
ATOM   266 C CA  . GLU A 1 64 ? -2.714  -7.210  8.644   1.00 46.78 ? 63   GLU A CA  1 
ATOM   267 C C   . GLU A 1 64 ? -2.861  -5.894  7.862   1.00 44.35 ? 63   GLU A C   1 
ATOM   268 O O   . GLU A 1 64 ? -3.596  -5.827  6.864   1.00 48.24 ? 63   GLU A O   1 
ATOM   269 C CB  . GLU A 1 64 ? -3.683  -7.241  9.841   1.00 45.18 ? 63   GLU A CB  1 
ATOM   270 C CG  . GLU A 1 64 ? -5.100  -6.900  9.359   1.00 45.49 ? 63   GLU A CG  1 
ATOM   271 C CD  . GLU A 1 64 ? -6.243  -7.253  10.311  1.00 52.12 ? 63   GLU A CD  1 
ATOM   272 O OE1 . GLU A 1 64 ? -6.002  -7.735  11.443  1.00 46.66 ? 63   GLU A OE1 1 
ATOM   273 O OE2 . GLU A 1 64 ? -7.411  -7.040  9.893   1.00 53.93 ? 63   GLU A OE2 1 
ATOM   274 N N   . ILE A 1 65 ? -2.146  -4.864  8.315   1.00 45.11 ? 64   ILE A N   1 
ATOM   275 C CA  . ILE A 1 65 ? -2.089  -3.584  7.604   1.00 47.55 ? 64   ILE A CA  1 
ATOM   276 C C   . ILE A 1 65 ? -1.662  -3.767  6.139   1.00 46.73 ? 64   ILE A C   1 
ATOM   277 O O   . ILE A 1 65 ? -2.351  -3.288  5.235   1.00 41.95 ? 64   ILE A O   1 
ATOM   278 C CB  . ILE A 1 65 ? -1.195  -2.542  8.348   1.00 45.53 ? 64   ILE A CB  1 
ATOM   279 C CG1 . ILE A 1 65 ? -1.850  -2.155  9.676   1.00 46.93 ? 64   ILE A CG1 1 
ATOM   280 C CG2 . ILE A 1 65 ? -0.962  -1.292  7.484   1.00 47.99 ? 64   ILE A CG2 1 
ATOM   281 C CD1 . ILE A 1 65 ? -0.968  -1.335  10.614  1.00 48.49 ? 64   ILE A CD1 1 
ATOM   282 N N   . LEU A 1 66 ? -0.557  -4.473  5.892   1.00 44.63 ? 65   LEU A N   1 
ATOM   283 C CA  . LEU A 1 66 ? -0.153  -4.721  4.494   1.00 44.15 ? 65   LEU A CA  1 
ATOM   284 C C   . LEU A 1 66 ? -1.234  -5.485  3.711   1.00 44.47 ? 65   LEU A C   1 
ATOM   285 O O   . LEU A 1 66 ? -1.470  -5.206  2.533   1.00 44.03 ? 65   LEU A O   1 
ATOM   286 C CB  . LEU A 1 66 ? 1.192   -5.444  4.409   1.00 42.30 ? 65   LEU A CB  1 
ATOM   287 C CG  . LEU A 1 66 ? 2.400   -4.727  5.037   1.00 44.51 ? 65   LEU A CG  1 
ATOM   288 C CD1 . LEU A 1 66 ? 3.673   -5.459  4.685   1.00 43.67 ? 65   LEU A CD1 1 
ATOM   289 C CD2 . LEU A 1 66 ? 2.492   -3.259  4.595   1.00 38.59 ? 65   LEU A CD2 1 
ATOM   290 N N   . GLN A 1 67 ? -1.900  -6.437  4.362   1.00 44.02 ? 66   GLN A N   1 
ATOM   291 C CA  . GLN A 1 67 ? -2.974  -7.192  3.705   1.00 44.76 ? 66   GLN A CA  1 
ATOM   292 C C   . GLN A 1 67 ? -4.154  -6.316  3.286   1.00 43.88 ? 66   GLN A C   1 
ATOM   293 O O   . GLN A 1 67 ? -4.687  -6.467  2.177   1.00 44.65 ? 66   GLN A O   1 
ATOM   294 C CB  . GLN A 1 67 ? -3.448  -8.335  4.612   1.00 46.83 ? 66   GLN A CB  1 
ATOM   295 C CG  . GLN A 1 67 ? -2.482  -9.514  4.684   1.00 44.36 ? 66   GLN A CG  1 
ATOM   296 C CD  . GLN A 1 67 ? -2.865  -10.492 5.774   1.00 43.93 ? 66   GLN A CD  1 
ATOM   297 O OE1 . GLN A 1 67 ? -3.281  -10.085 6.867   1.00 44.90 ? 66   GLN A OE1 1 
ATOM   298 N NE2 . GLN A 1 67 ? -2.717  -11.785 5.494   1.00 40.93 ? 66   GLN A NE2 1 
ATOM   299 N N   . HIS A 1 68 ? -4.569  -5.404  4.170   1.00 44.51 ? 67   HIS A N   1 
ATOM   300 C CA  . HIS A 1 68 ? -5.631  -4.445  3.836   1.00 46.19 ? 67   HIS A CA  1 
ATOM   301 C C   . HIS A 1 68 ? -5.165  -3.552  2.690   1.00 48.21 ? 67   HIS A C   1 
ATOM   302 O O   . HIS A 1 68 ? -5.930  -3.241  1.762   1.00 42.25 ? 67   HIS A O   1 
ATOM   303 C CB  . HIS A 1 68 ? -5.958  -3.556  5.035   1.00 44.67 ? 67   HIS A CB  1 
ATOM   304 C CG  . HIS A 1 68 ? -6.823  -4.207  6.067   1.00 49.54 ? 67   HIS A CG  1 
ATOM   305 N ND1 . HIS A 1 68 ? -8.134  -3.836  6.282   1.00 52.74 ? 67   HIS A ND1 1 
ATOM   306 C CD2 . HIS A 1 68 ? -6.562  -5.193  6.955   1.00 49.85 ? 67   HIS A CD2 1 
ATOM   307 C CE1 . HIS A 1 68 ? -8.643  -4.569  7.256   1.00 52.73 ? 67   HIS A CE1 1 
ATOM   308 N NE2 . HIS A 1 68 ? -7.709  -5.399  7.685   1.00 51.99 ? 67   HIS A NE2 1 
ATOM   309 N N   . VAL A 1 69 ? -3.908  -3.118  2.781   1.00 41.46 ? 68   VAL A N   1 
ATOM   310 C CA  . VAL A 1 69 ? -3.303  -2.271  1.755   1.00 40.10 ? 68   VAL A CA  1 
ATOM   311 C C   . VAL A 1 69 ? -3.322  -2.957  0.384   1.00 42.62 ? 68   VAL A C   1 
ATOM   312 O O   . VAL A 1 69 ? -3.718  -2.358  -0.618  1.00 45.34 ? 68   VAL A O   1 
ATOM   313 C CB  . VAL A 1 69 ? -1.856  -1.882  2.156   1.00 42.73 ? 68   VAL A CB  1 
ATOM   314 C CG1 . VAL A 1 69 ? -1.089  -1.352  0.944   1.00 42.40 ? 68   VAL A CG1 1 
ATOM   315 C CG2 . VAL A 1 69 ? -1.895  -0.840  3.260   1.00 38.49 ? 68   VAL A CG2 1 
ATOM   316 N N   . ILE A 1 70 ? -2.915  -4.221  0.342   1.00 40.21 ? 69   ILE A N   1 
ATOM   317 C CA  . ILE A 1 70 ? -2.857  -4.942  -0.925  1.00 40.43 ? 69   ILE A CA  1 
ATOM   318 C C   . ILE A 1 70 ? -4.265  -5.068  -1.548  1.00 46.60 ? 69   ILE A C   1 
ATOM   319 O O   . ILE A 1 70 ? -4.451  -4.801  -2.747  1.00 43.54 ? 69   ILE A O   1 
ATOM   320 C CB  . ILE A 1 70 ? -2.162  -6.313  -0.750  1.00 44.37 ? 69   ILE A CB  1 
ATOM   321 C CG1 . ILE A 1 70 ? -0.652  -6.113  -0.568  1.00 43.54 ? 69   ILE A CG1 1 
ATOM   322 C CG2 . ILE A 1 70 ? -2.438  -7.243  -1.932  1.00 45.15 ? 69   ILE A CG2 1 
ATOM   323 C CD1 . ILE A 1 70 ? 0.069   -7.304  0.024   1.00 42.35 ? 69   ILE A CD1 1 
ATOM   324 N N   . ASP A 1 71 ? -5.264  -5.434  -0.747  1.00 45.19 ? 70   ASP A N   1 
ATOM   325 C CA  . ASP A 1 71 ? -6.622  -5.586  -1.292  1.00 46.16 ? 70   ASP A CA  1 
ATOM   326 C C   . ASP A 1 71 ? -7.162  -4.256  -1.783  1.00 46.80 ? 70   ASP A C   1 
ATOM   327 O O   . ASP A 1 71 ? -7.861  -4.183  -2.796  1.00 52.56 ? 70   ASP A O   1 
ATOM   328 C CB  . ASP A 1 71 ? -7.577  -6.111  -0.226  1.00 47.16 ? 70   ASP A CB  1 
ATOM   329 C CG  . ASP A 1 71 ? -7.445  -7.590  -0.006  1.00 51.98 ? 70   ASP A CG  1 
ATOM   330 O OD1 . ASP A 1 71 ? -6.911  -8.283  -0.902  1.00 59.44 ? 70   ASP A OD1 1 
ATOM   331 O OD2 . ASP A 1 71 ? -7.886  -8.054  1.067   1.00 57.07 ? 70   ASP A OD2 1 
ATOM   332 N N   . TYR A 1 72 ? -6.865  -3.200  -1.038  1.00 45.34 ? 71   TYR A N   1 
ATOM   333 C CA  . TYR A 1 72 ? -7.363  -1.885  -1.385  1.00 46.83 ? 71   TYR A CA  1 
ATOM   334 C C   . TYR A 1 72 ? -6.755  -1.372  -2.702  1.00 50.95 ? 71   TYR A C   1 
ATOM   335 O O   . TYR A 1 72 ? -7.475  -0.841  -3.554  1.00 48.40 ? 71   TYR A O   1 
ATOM   336 C CB  . TYR A 1 72 ? -7.094  -0.940  -0.228  1.00 43.49 ? 71   TYR A CB  1 
ATOM   337 C CG  . TYR A 1 72 ? -7.627  0.450   -0.411  1.00 50.88 ? 71   TYR A CG  1 
ATOM   338 C CD1 . TYR A 1 72 ? -8.962  0.670   -0.762  1.00 52.42 ? 71   TYR A CD1 1 
ATOM   339 C CD2 . TYR A 1 72 ? -6.805  1.551   -0.203  1.00 47.28 ? 71   TYR A CD2 1 
ATOM   340 C CE1 . TYR A 1 72 ? -9.452  1.957   -0.915  1.00 51.33 ? 71   TYR A CE1 1 
ATOM   341 C CE2 . TYR A 1 72 ? -7.276  2.830   -0.353  1.00 49.62 ? 71   TYR A CE2 1 
ATOM   342 C CZ  . TYR A 1 72 ? -8.601  3.030   -0.706  1.00 53.11 ? 71   TYR A CZ  1 
ATOM   343 O OH  . TYR A 1 72 ? -9.055  4.315   -0.841  1.00 48.30 ? 71   TYR A OH  1 
ATOM   344 N N   . ILE A 1 73 ? -5.449  -1.562  -2.882  1.00 44.60 ? 72   ILE A N   1 
ATOM   345 C CA  . ILE A 1 73 ? -4.778  -1.173  -4.134  1.00 45.15 ? 72   ILE A CA  1 
ATOM   346 C C   . ILE A 1 73 ? -5.339  -1.947  -5.330  1.00 48.43 ? 72   ILE A C   1 
ATOM   347 O O   . ILE A 1 73 ? -5.595  -1.369  -6.400  1.00 47.54 ? 72   ILE A O   1 
ATOM   348 C CB  . ILE A 1 73 ? -3.249  -1.381  -4.051  1.00 45.12 ? 72   ILE A CB  1 
ATOM   349 C CG1 . ILE A 1 73 ? -2.630  -0.316  -3.147  1.00 45.18 ? 72   ILE A CG1 1 
ATOM   350 C CG2 . ILE A 1 73 ? -2.620  -1.316  -5.437  1.00 44.79 ? 72   ILE A CG2 1 
ATOM   351 C CD1 . ILE A 1 73 ? -1.176  -0.582  -2.776  1.00 46.51 ? 72   ILE A CD1 1 
ATOM   352 N N   . LEU A 1 74 ? -5.529  -3.251  -5.146  1.00 43.71 ? 73   LEU A N   1 
ATOM   353 C CA  . LEU A 1 74 ? -6.156  -4.099  -6.157  1.00 46.73 ? 73   LEU A CA  1 
ATOM   354 C C   . LEU A 1 74 ? -7.535  -3.564  -6.558  1.00 48.28 ? 73   LEU A C   1 
ATOM   355 O O   . LEU A 1 74 ? -7.840  -3.451  -7.753  1.00 50.32 ? 73   LEU A O   1 
ATOM   356 C CB  . LEU A 1 74 ? -6.259  -5.535  -5.636  1.00 46.48 ? 73   LEU A CB  1 
ATOM   357 C CG  . LEU A 1 74 ? -4.923  -6.272  -5.649  1.00 49.81 ? 73   LEU A CG  1 
ATOM   358 C CD1 . LEU A 1 74 ? -4.987  -7.637  -4.954  1.00 48.53 ? 73   LEU A CD1 1 
ATOM   359 C CD2 . LEU A 1 74 ? -4.490  -6.423  -7.094  1.00 50.08 ? 73   LEU A CD2 1 
ATOM   360 N N   . ASP A 1 75 ? -8.353  -3.223  -5.561  1.00 46.38 ? 74   ASP A N   1 
ATOM   361 C CA  . ASP A 1 75 ? -9.672  -2.646  -5.802  1.00 51.75 ? 74   ASP A CA  1 
ATOM   362 C C   . ASP A 1 75 ? -9.598  -1.369  -6.618  1.00 54.10 ? 74   ASP A C   1 
ATOM   363 O O   . ASP A 1 75 ? -10.342 -1.198  -7.584  1.00 57.20 ? 74   ASP A O   1 
ATOM   364 C CB  . ASP A 1 75 ? -10.372 -2.322  -4.480  1.00 50.69 ? 74   ASP A CB  1 
ATOM   365 C CG  . ASP A 1 75 ? -10.956 -3.532  -3.822  1.00 50.30 ? 74   ASP A CG  1 
ATOM   366 O OD1 . ASP A 1 75 ? -10.967 -4.609  -4.461  1.00 47.76 ? 74   ASP A OD1 1 
ATOM   367 O OD2 . ASP A 1 75 ? -11.407 -3.400  -2.662  1.00 54.05 ? 74   ASP A OD2 1 
ATOM   368 N N   . LEU A 1 76 ? -8.726  -0.461  -6.196  1.00 50.12 ? 75   LEU A N   1 
ATOM   369 C CA  . LEU A 1 76 ? -8.567  0.820   -6.873  1.00 50.96 ? 75   LEU A CA  1 
ATOM   370 C C   . LEU A 1 76 ? -8.097  0.606   -8.307  1.00 52.40 ? 75   LEU A C   1 
ATOM   371 O O   . LEU A 1 76 ? -8.564  1.282   -9.219  1.00 54.77 ? 75   LEU A O   1 
ATOM   372 C CB  . LEU A 1 76 ? -7.591  1.721   -6.116  1.00 50.55 ? 75   LEU A CB  1 
ATOM   373 C CG  . LEU A 1 76 ? -8.017  2.194   -4.727  1.00 51.97 ? 75   LEU A CG  1 
ATOM   374 C CD1 . LEU A 1 76 ? -6.826  2.767   -3.959  1.00 49.70 ? 75   LEU A CD1 1 
ATOM   375 C CD2 . LEU A 1 76 ? -9.083  3.241   -4.842  1.00 51.62 ? 75   LEU A CD2 1 
ATOM   376 N N   . GLN A 1 77 ? -7.195  -0.350  -8.516  1.00 50.43 ? 76   GLN A N   1 
ATOM   377 C CA  . GLN A 1 77 ? -6.739  -0.655  -9.873  1.00 51.20 ? 76   GLN A CA  1 
ATOM   378 C C   . GLN A 1 77 ? -7.879  -1.159  -10.770 1.00 58.36 ? 76   GLN A C   1 
ATOM   379 O O   . GLN A 1 77 ? -8.030  -0.687  -11.895 1.00 56.00 ? 76   GLN A O   1 
ATOM   380 C CB  . GLN A 1 77 ? -5.574  -1.641  -9.862  1.00 49.45 ? 76   GLN A CB  1 
ATOM   381 C CG  . GLN A 1 77 ? -4.308  -1.063  -9.216  1.00 47.80 ? 76   GLN A CG  1 
ATOM   382 C CD  . GLN A 1 77 ? -3.178  -2.066  -9.150  1.00 52.80 ? 76   GLN A CD  1 
ATOM   383 O OE1 . GLN A 1 77 ? -3.408  -3.277  -9.119  1.00 55.12 ? 76   GLN A OE1 1 
ATOM   384 N NE2 . GLN A 1 77 ? -1.945  -1.568  -9.134  1.00 51.50 ? 76   GLN A NE2 1 
ATOM   385 N N   . ILE A 1 78 ? -8.673  -2.107  -10.277 1.00 54.72 ? 77   ILE A N   1 
ATOM   386 C CA  . ILE A 1 78 ? -9.780  -2.635  -11.065 1.00 57.68 ? 77   ILE A CA  1 
ATOM   387 C C   . ILE A 1 78 ? -10.776 -1.512  -11.377 1.00 58.72 ? 77   ILE A C   1 
ATOM   388 O O   . ILE A 1 78 ? -11.246 -1.377  -12.504 1.00 58.33 ? 77   ILE A O   1 
ATOM   389 C CB  . ILE A 1 78 ? -10.514 -3.789  -10.351 1.00 57.80 ? 77   ILE A CB  1 
ATOM   390 C CG1 . ILE A 1 78 ? -9.543  -4.909  -9.980  1.00 57.11 ? 77   ILE A CG1 1 
ATOM   391 C CG2 . ILE A 1 78 ? -11.634 -4.332  -11.247 1.00 62.84 ? 77   ILE A CG2 1 
ATOM   392 C CD1 . ILE A 1 78 ? -8.766  -5.485  -11.161 1.00 59.84 ? 77   ILE A CD1 1 
ATOM   393 N N   . ALA A 1 79 ? -11.078 -0.714  -10.357 1.00 58.61 ? 78   ALA A N   1 
ATOM   394 C CA  . ALA A 1 79 ? -11.929 0.456   -10.489 1.00 58.81 ? 78   ALA A CA  1 
ATOM   395 C C   . ALA A 1 79 ? -11.472 1.358   -11.638 1.00 63.05 ? 78   ALA A C   1 
ATOM   396 O O   . ALA A 1 79 ? -12.236 1.641   -12.575 1.00 60.43 ? 78   ALA A O   1 
ATOM   397 C CB  . ALA A 1 79 ? -11.934 1.228   -9.194  1.00 54.88 ? 78   ALA A CB  1 
ATOM   398 N N   . LEU A 1 80 ? -10.220 1.801   -11.564 1.00 58.29 ? 79   LEU A N   1 
ATOM   399 C CA  . LEU A 1 80 ? -9.690  2.774   -12.518 1.00 57.86 ? 79   LEU A CA  1 
ATOM   400 C C   . LEU A 1 80 ? -9.400  2.188   -13.904 1.00 59.89 ? 79   LEU A C   1 
ATOM   401 O O   . LEU A 1 80 ? -9.549  2.866   -14.923 1.00 62.32 ? 79   LEU A O   1 
ATOM   402 C CB  . LEU A 1 80 ? -8.431  3.428   -11.938 1.00 59.51 ? 79   LEU A CB  1 
ATOM   403 C CG  . LEU A 1 80 ? -8.682  4.100   -10.588 1.00 58.03 ? 79   LEU A CG  1 
ATOM   404 C CD1 . LEU A 1 80 ? -7.443  4.783   -10.032 1.00 56.89 ? 79   LEU A CD1 1 
ATOM   405 C CD2 . LEU A 1 80 ? -9.816  5.091   -10.710 1.00 58.38 ? 79   LEU A CD2 1 
ATOM   406 N N   . ASP A 1 81 ? -8.992  0.926   -13.939 1.00 60.26 ? 80   ASP A N   1 
ATOM   407 C CA  . ASP A 1 81 ? -8.615  0.280   -15.191 1.00 61.35 ? 80   ASP A CA  1 
ATOM   408 C C   . ASP A 1 81 ? -9.832  -0.138  -16.018 1.00 64.66 ? 80   ASP A C   1 
ATOM   409 O O   . ASP A 1 81 ? -9.816  -0.023  -17.245 1.00 65.66 ? 80   ASP A O   1 
ATOM   410 C CB  . ASP A 1 81 ? -7.703  -0.923  -14.900 1.00 67.79 ? 80   ASP A CB  1 
ATOM   411 C CG  . ASP A 1 81 ? -7.442  -1.788  -16.127 1.00 77.79 ? 80   ASP A CG  1 
ATOM   412 O OD1 . ASP A 1 81 ? -6.520  -1.459  -16.912 1.00 83.07 ? 80   ASP A OD1 1 
ATOM   413 O OD2 . ASP A 1 81 ? -8.150  -2.810  -16.297 1.00 79.06 ? 80   ASP A OD2 1 
ATOM   414 N N   . SER A 1 82 ? -10.887 -0.600  -15.347 1.00 61.50 ? 81   SER A N   1 
ATOM   415 C CA  . SER A 1 82 ? -12.056 -1.154  -16.035 1.00 61.48 ? 81   SER A CA  1 
ATOM   416 C C   . SER A 1 82 ? -13.367 -0.368  -15.832 1.00 62.93 ? 81   SER A C   1 
ATOM   417 O O   . SER A 1 82 ? -13.853 0.295   -16.756 1.00 59.73 ? 81   SER A O   1 
ATOM   418 C CB  . SER A 1 82 ? -12.257 -2.619  -15.634 1.00 63.86 ? 81   SER A CB  1 
ATOM   419 O OG  . SER A 1 82 ? -12.610 -2.724  -14.266 1.00 66.86 ? 81   SER A OG  1 
ATOM   420 N N   . HIS A 1 83 ? -13.942 -0.458  -14.632 1.00 62.92 ? 82   HIS A N   1 
ATOM   421 C CA  . HIS A 1 83 ? -15.275 0.098   -14.356 1.00 59.50 ? 82   HIS A CA  1 
ATOM   422 C C   . HIS A 1 83 ? -15.437 1.573   -14.677 1.00 56.03 ? 82   HIS A C   1 
ATOM   423 O O   . HIS A 1 83 ? -16.501 2.001   -15.120 1.00 54.97 ? 82   HIS A O   1 
ATOM   424 C CB  . HIS A 1 83 ? -15.636 -0.092  -12.886 1.00 59.44 ? 82   HIS A CB  1 
ATOM   425 C CG  . HIS A 1 83 ? -15.939 -1.507  -12.520 1.00 62.79 ? 82   HIS A CG  1 
ATOM   426 N ND1 . HIS A 1 83 ? -14.970 -2.484  -12.456 1.00 65.29 ? 82   HIS A ND1 1 
ATOM   427 C CD2 . HIS A 1 83 ? -17.107 -2.107  -12.194 1.00 61.78 ? 82   HIS A CD2 1 
ATOM   428 C CE1 . HIS A 1 83 ? -15.530 -3.631  -12.105 1.00 68.52 ? 82   HIS A CE1 1 
ATOM   429 N NE2 . HIS A 1 83 ? -16.826 -3.427  -11.942 1.00 69.14 ? 82   HIS A NE2 1 
ATOM   430 N N   . LEU A 1 84 ? -14.399 2.355   -14.415 1.00 52.46 ? 83   LEU A N   1 
ATOM   431 C CA  . LEU A 1 84 ? -14.505 3.799   -14.578 1.00 59.45 ? 83   LEU A CA  1 
ATOM   432 C C   . LEU A 1 84 ? -14.180 4.241   -15.997 1.00 55.75 ? 83   LEU A C   1 
ATOM   433 O O   . LEU A 1 84 ? -14.011 5.431   -16.262 1.00 57.46 ? 83   LEU A O   1 
ATOM   434 C CB  . LEU A 1 84 ? -13.632 4.542   -13.559 1.00 57.47 ? 83   LEU A CB  1 
ATOM   435 C CG  . LEU A 1 84 ? -14.145 4.439   -12.127 1.00 60.48 ? 83   LEU A CG  1 
ATOM   436 C CD1 . LEU A 1 84 ? -13.367 5.359   -11.181 1.00 61.51 ? 83   LEU A CD1 1 
ATOM   437 C CD2 . LEU A 1 84 ? -15.632 4.728   -12.072 1.00 61.98 ? 83   LEU A CD2 1 
ATOM   438 N N   . LYS A 1 85 ? -14.095 3.277   -16.906 1.00 54.94 ? 84   LYS A N   1 
ATOM   439 C CA  . LYS A 1 85 ? -13.926 3.590   -18.319 1.00 55.65 ? 84   LYS A CA  1 
ATOM   440 C C   . LYS A 1 85 ? -15.282 3.766   -18.996 1.00 55.47 ? 84   LYS A C   1 
ATOM   441 O O   . LYS A 1 85 ? -16.206 2.984   -18.752 1.00 53.10 ? 84   LYS A O   1 
ATOM   442 C CB  . LYS A 1 85 ? -13.161 2.473   -19.025 1.00 58.03 ? 84   LYS A CB  1 
ATOM   443 C CG  . LYS A 1 85 ? -11.744 2.232   -18.489 1.00 60.87 ? 84   LYS A CG  1 
ATOM   444 C CD  . LYS A 1 85 ? -10.806 3.383   -18.828 1.00 59.28 ? 84   LYS A CD  1 
ATOM   445 C CE  . LYS A 1 85 ? -9.345  2.945   -18.685 1.00 68.35 ? 84   LYS A CE  1 
ATOM   446 N NZ  . LYS A 1 85 ? -8.392  4.043   -19.036 1.00 76.56 ? 84   LYS A NZ  1 
ATOM   447 N N   . PRO A 1 86 ? -15.397 4.791   -19.857 1.00 54.60 ? 85   PRO A N   1 
ATOM   448 C CA  . PRO A 1 86 ? -16.611 5.016   -20.652 1.00 54.81 ? 85   PRO A CA  1 
ATOM   449 C C   . PRO A 1 86 ? -16.945 3.789   -21.500 1.00 54.69 ? 85   PRO A C   1 
ATOM   450 O O   . PRO A 1 86 ? -18.119 3.510   -21.758 1.00 50.75 ? 85   PRO A O   1 
ATOM   451 C CB  . PRO A 1 86 ? -16.221 6.185   -21.563 1.00 55.56 ? 85   PRO A CB  1 
ATOM   452 C CG  . PRO A 1 86 ? -15.123 6.898   -20.827 1.00 58.96 ? 85   PRO A CG  1 
ATOM   453 C CD  . PRO A 1 86 ? -14.365 5.819   -20.104 1.00 55.59 ? 85   PRO A CD  1 
ATOM   454 N N   . SER A 1 87 ? -15.911 3.057   -21.911 1.00 56.31 ? 86   SER A N   1 
ATOM   455 C CA  . SER A 1 87 ? -16.088 1.880   -22.758 1.00 58.13 ? 86   SER A CA  1 
ATOM   456 C C   . SER A 1 87 ? -16.460 0.601   -21.997 1.00 55.34 ? 86   SER A C   1 
ATOM   457 O O   . SER A 1 87 ? -16.803 -0.410  -22.621 1.00 56.28 ? 86   SER A O   1 
ATOM   458 C CB  . SER A 1 87 ? -14.841 1.660   -23.617 1.00 61.89 ? 86   SER A CB  1 
ATOM   459 O OG  . SER A 1 87 ? -14.716 2.716   -24.558 1.00 69.30 ? 86   SER A OG  1 
ATOM   460 N N   . PHE A 1 88 ? -16.409 0.653   -20.666 1.00 52.36 ? 87   PHE A N   1 
ATOM   461 C CA  . PHE A 1 88 ? -16.778 -0.499  -19.845 1.00 52.81 ? 87   PHE A CA  1 
ATOM   462 C C   . PHE A 1 88 ? -18.119 -1.094  -20.235 1.00 53.27 ? 87   PHE A C   1 
ATOM   463 O O   . PHE A 1 88 ? -19.117 -0.372  -20.310 1.00 53.64 ? 87   PHE A O   1 
ATOM   464 C CB  . PHE A 1 88 ? -16.863 -0.132  -18.372 1.00 52.17 ? 87   PHE A CB  1 
ATOM   465 C CG  . PHE A 1 88 ? -17.142 -1.308  -17.501 1.00 54.05 ? 87   PHE A CG  1 
ATOM   466 C CD1 . PHE A 1 88 ? -16.107 -2.154  -17.130 1.00 57.36 ? 87   PHE A CD1 1 
ATOM   467 C CD2 . PHE A 1 88 ? -18.442 -1.604  -17.087 1.00 54.32 ? 87   PHE A CD2 1 
ATOM   468 C CE1 . PHE A 1 88 ? -16.348 -3.261  -16.335 1.00 59.42 ? 87   PHE A CE1 1 
ATOM   469 C CE2 . PHE A 1 88 ? -18.697 -2.714  -16.291 1.00 58.10 ? 87   PHE A CE2 1 
ATOM   470 C CZ  . PHE A 1 88 ? -17.647 -3.544  -15.916 1.00 59.86 ? 87   PHE A CZ  1 
ATOM   471 N N   . LEU A 1 89 ? -18.146 -2.412  -20.433 1.00 53.53 ? 88   LEU A N   1 
ATOM   472 C CA  . LEU A 1 89 ? -19.361 -3.109  -20.849 1.00 55.16 ? 88   LEU A CA  1 
ATOM   473 C C   . LEU A 1 89 ? -20.191 -3.612  -19.667 1.00 54.70 ? 88   LEU A C   1 
ATOM   474 O O   . LEU A 1 89 ? -21.418 -3.449  -19.655 1.00 57.95 ? 88   LEU A O   1 
ATOM   475 C CB  . LEU A 1 89 ? -19.012 -4.265  -21.797 1.00 56.63 ? 88   LEU A CB  1 
ATOM   476 C CG  . LEU A 1 89 ? -18.398 -3.882  -23.148 1.00 55.87 ? 88   LEU A CG  1 
ATOM   477 C CD1 . LEU A 1 89 ? -17.932 -5.123  -23.900 1.00 56.28 ? 88   LEU A CD1 1 
ATOM   478 C CD2 . LEU A 1 89 ? -19.392 -3.112  -23.982 1.00 55.21 ? 88   LEU A CD2 1 
ATOM   479 N N   . LEU B 1 36 ? -2.824  -16.362 -1.957  1.00 71.27 ? 35   LEU B N   1 
ATOM   480 C CA  . LEU B 1 36 ? -3.004  -15.910 -0.578  1.00 65.13 ? 35   LEU B CA  1 
ATOM   481 C C   . LEU B 1 36 ? -1.689  -15.399 0.028   1.00 65.71 ? 35   LEU B C   1 
ATOM   482 O O   . LEU B 1 36 ? -0.602  -15.898 -0.295  1.00 64.80 ? 35   LEU B O   1 
ATOM   483 C CB  . LEU B 1 36 ? -3.595  -17.028 0.296   1.00 62.20 ? 35   LEU B CB  1 
ATOM   484 C CG  . LEU B 1 36 ? -5.003  -17.567 -0.007  1.00 65.87 ? 35   LEU B CG  1 
ATOM   485 C CD1 . LEU B 1 36 ? -5.383  -18.690 0.950   1.00 61.60 ? 35   LEU B CD1 1 
ATOM   486 C CD2 . LEU B 1 36 ? -6.047  -16.471 0.057   1.00 66.50 ? 35   LEU B CD2 1 
ATOM   487 N N   . LEU B 1 37 ? -1.796  -14.401 0.905   1.00 63.01 ? 36   LEU B N   1 
ATOM   488 C CA  . LEU B 1 37 ? -0.629  -13.802 1.557   1.00 58.93 ? 36   LEU B CA  1 
ATOM   489 C C   . LEU B 1 37 ? -0.394  -14.462 2.911   1.00 57.21 ? 36   LEU B C   1 
ATOM   490 O O   . LEU B 1 37 ? -1.029  -14.086 3.909   1.00 52.47 ? 36   LEU B O   1 
ATOM   491 C CB  . LEU B 1 37 ? -0.847  -12.293 1.737   1.00 54.96 ? 36   LEU B CB  1 
ATOM   492 C CG  . LEU B 1 37 ? -1.186  -11.523 0.458   1.00 57.63 ? 36   LEU B CG  1 
ATOM   493 C CD1 . LEU B 1 37 ? -1.875  -10.204 0.791   1.00 51.17 ? 36   LEU B CD1 1 
ATOM   494 C CD2 . LEU B 1 37 ? 0.068   -11.287 -0.380  1.00 51.41 ? 36   LEU B CD2 1 
ATOM   495 N N   . TYR B 1 38 ? 0.521   -15.435 2.941   1.00 58.19 ? 37   TYR B N   1 
ATOM   496 C CA  . TYR B 1 38 ? 0.766   -16.237 4.142   1.00 56.85 ? 37   TYR B CA  1 
ATOM   497 C C   . TYR B 1 38 ? 1.844   -15.678 5.072   1.00 56.90 ? 37   TYR B C   1 
ATOM   498 O O   . TYR B 1 38 ? 1.894   -16.047 6.249   1.00 52.78 ? 37   TYR B O   1 
ATOM   499 C CB  . TYR B 1 38 ? 1.149   -17.671 3.764   1.00 56.59 ? 37   TYR B CB  1 
ATOM   500 C CG  . TYR B 1 38 ? 0.104   -18.424 2.986   1.00 56.42 ? 37   TYR B CG  1 
ATOM   501 C CD1 . TYR B 1 38 ? -1.151  -18.670 3.524   1.00 54.74 ? 37   TYR B CD1 1 
ATOM   502 C CD2 . TYR B 1 38 ? 0.382   -18.916 1.717   1.00 60.81 ? 37   TYR B CD2 1 
ATOM   503 C CE1 . TYR B 1 38 ? -2.114  -19.377 2.805   1.00 57.55 ? 37   TYR B CE1 1 
ATOM   504 C CE2 . TYR B 1 38 ? -0.565  -19.624 0.995   1.00 60.30 ? 37   TYR B CE2 1 
ATOM   505 C CZ  . TYR B 1 38 ? -1.808  -19.851 1.543   1.00 60.91 ? 37   TYR B CZ  1 
ATOM   506 O OH  . TYR B 1 38 ? -2.747  -20.551 0.817   1.00 65.34 ? 37   TYR B OH  1 
ATOM   507 N N   . ASN B 1 39 ? 2.712   -14.814 4.552   1.00 56.66 ? 38   ASN B N   1 
ATOM   508 C CA  . ASN B 1 39 ? 3.792   -14.249 5.370   1.00 55.60 ? 38   ASN B CA  1 
ATOM   509 C C   . ASN B 1 39 ? 4.171   -12.813 4.989   1.00 54.57 ? 38   ASN B C   1 
ATOM   510 O O   . ASN B 1 39 ? 3.695   -12.282 3.979   1.00 49.83 ? 38   ASN B O   1 
ATOM   511 C CB  . ASN B 1 39 ? 5.027   -15.163 5.368   1.00 55.87 ? 38   ASN B CB  1 
ATOM   512 C CG  . ASN B 1 39 ? 5.560   -15.415 3.974   1.00 57.31 ? 38   ASN B CG  1 
ATOM   513 O OD1 . ASN B 1 39 ? 6.194   -14.542 3.374   1.00 58.59 ? 38   ASN B OD1 1 
ATOM   514 N ND2 . ASN B 1 39 ? 5.313   -16.615 3.449   1.00 62.09 ? 38   ASN B ND2 1 
ATOM   515 N N   . MET B 1 40 ? 5.031   -12.204 5.807   1.00 53.17 ? 39   MET B N   1 
ATOM   516 C CA  . MET B 1 40 ? 5.378   -10.785 5.688   1.00 53.98 ? 39   MET B CA  1 
ATOM   517 C C   . MET B 1 40 ? 6.097   -10.506 4.357   1.00 53.87 ? 39   MET B C   1 
ATOM   518 O O   . MET B 1 40 ? 5.774   -9.534  3.656   1.00 50.10 ? 39   MET B O   1 
ATOM   519 C CB  . MET B 1 40 ? 6.244   -10.359 6.888   1.00 55.04 ? 39   MET B CB  1 
ATOM   520 C CG  . MET B 1 40 ? 6.126   -8.886  7.304   1.00 54.55 ? 39   MET B CG  1 
ATOM   521 S SD  . MET B 1 40 ? 4.422   -8.270  7.476   1.00 52.98 ? 39   MET B SD  1 
ATOM   522 C CE  . MET B 1 40 ? 4.744   -6.557  7.921   1.00 47.98 ? 39   MET B CE  1 
ATOM   523 N N   . ASN B 1 41 ? 7.050   -11.369 4.002   1.00 52.66 ? 40   ASN B N   1 
ATOM   524 C CA  . ASN B 1 41 ? 7.803   -11.200 2.760   1.00 53.83 ? 40   ASN B CA  1 
ATOM   525 C C   . ASN B 1 41 ? 6.904   -11.312 1.525   1.00 52.65 ? 40   ASN B C   1 
ATOM   526 O O   . ASN B 1 41 ? 7.111   -10.608 0.535   1.00 52.25 ? 40   ASN B O   1 
ATOM   527 C CB  . ASN B 1 41 ? 8.989   -12.172 2.686   1.00 56.73 ? 40   ASN B CB  1 
ATOM   528 C CG  . ASN B 1 41 ? 10.110  -11.816 3.672   1.00 67.01 ? 40   ASN B CG  1 
ATOM   529 O OD1 . ASN B 1 41 ? 10.313  -10.645 4.018   1.00 68.02 ? 40   ASN B OD1 1 
ATOM   530 N ND2 . ASN B 1 41 ? 10.844  -12.835 4.126   1.00 71.03 ? 40   ASN B ND2 1 
ATOM   531 N N   . ASP B 1 42 ? 5.899   -12.184 1.591   1.00 50.73 ? 41   ASP B N   1 
ATOM   532 C CA  . ASP B 1 42 ? 4.915   -12.312 0.522   1.00 49.45 ? 41   ASP B CA  1 
ATOM   533 C C   . ASP B 1 42 ? 4.157   -11.001 0.328   1.00 48.43 ? 41   ASP B C   1 
ATOM   534 O O   . ASP B 1 42 ? 3.769   -10.656 -0.797  1.00 47.01 ? 41   ASP B O   1 
ATOM   535 C CB  . ASP B 1 42 ? 3.909   -13.413 0.857   1.00 54.54 ? 41   ASP B CB  1 
ATOM   536 C CG  . ASP B 1 42 ? 4.457   -14.811 0.626   1.00 57.03 ? 41   ASP B CG  1 
ATOM   537 O OD1 . ASP B 1 42 ? 5.678   -14.961 0.397   1.00 60.82 ? 41   ASP B OD1 1 
ATOM   538 O OD2 . ASP B 1 42 ? 3.646   -15.762 0.690   1.00 63.42 ? 41   ASP B OD2 1 
ATOM   539 N N   . CYS B 1 43 ? 3.927   -10.283 1.428   1.00 43.82 ? 42   CYS B N   1 
ATOM   540 C CA  . CYS B 1 43 ? 3.235   -8.994  1.372   1.00 43.07 ? 42   CYS B CA  1 
ATOM   541 C C   . CYS B 1 43 ? 4.105   -7.917  0.726   1.00 45.26 ? 42   CYS B C   1 
ATOM   542 O O   . CYS B 1 43 ? 3.665   -7.244  -0.198  1.00 41.73 ? 42   CYS B O   1 
ATOM   543 C CB  . CYS B 1 43 ? 2.787   -8.554  2.765   1.00 46.11 ? 42   CYS B CB  1 
ATOM   544 S SG  . CYS B 1 43 ? 1.345   -9.476  3.393   1.00 48.64 ? 42   CYS B SG  1 
ATOM   545 N N   . TYR B 1 44 ? 5.342   -7.769  1.195   1.00 43.05 ? 43   TYR B N   1 
ATOM   546 C CA  . TYR B 1 44 ? 6.263   -6.820  0.580   1.00 42.91 ? 43   TYR B CA  1 
ATOM   547 C C   . TYR B 1 44 ? 6.501   -7.139  -0.895  1.00 40.50 ? 43   TYR B C   1 
ATOM   548 O O   . TYR B 1 44 ? 6.507   -6.239  -1.720  1.00 42.98 ? 43   TYR B O   1 
ATOM   549 C CB  . TYR B 1 44 ? 7.605   -6.759  1.345   1.00 41.13 ? 43   TYR B CB  1 
ATOM   550 C CG  . TYR B 1 44 ? 7.537   -5.951  2.615   1.00 43.27 ? 43   TYR B CG  1 
ATOM   551 C CD1 . TYR B 1 44 ? 7.395   -4.569  2.568   1.00 46.59 ? 43   TYR B CD1 1 
ATOM   552 C CD2 . TYR B 1 44 ? 7.633   -6.558  3.861   1.00 45.81 ? 43   TYR B CD2 1 
ATOM   553 C CE1 . TYR B 1 44 ? 7.344   -3.812  3.736   1.00 45.04 ? 43   TYR B CE1 1 
ATOM   554 C CE2 . TYR B 1 44 ? 7.580   -5.808  5.032   1.00 48.12 ? 43   TYR B CE2 1 
ATOM   555 C CZ  . TYR B 1 44 ? 7.433   -4.435  4.954   1.00 46.59 ? 43   TYR B CZ  1 
ATOM   556 O OH  . TYR B 1 44 ? 7.370   -3.676  6.102   1.00 46.02 ? 43   TYR B OH  1 
ATOM   557 N N   . SER B 1 45 ? 6.693   -8.413  -1.235  1.00 41.37 ? 44   SER B N   1 
ATOM   558 C CA  . SER B 1 45 ? 6.898   -8.797  -2.634  1.00 44.55 ? 44   SER B CA  1 
ATOM   559 C C   . SER B 1 45 ? 5.705   -8.477  -3.512  1.00 45.69 ? 44   SER B C   1 
ATOM   560 O O   . SER B 1 45 ? 5.862   -8.040  -4.656  1.00 46.11 ? 44   SER B O   1 
ATOM   561 C CB  . SER B 1 45 ? 7.229   -10.281 -2.747  1.00 50.44 ? 44   SER B CB  1 
ATOM   562 O OG  . SER B 1 45 ? 8.328   -10.581 -1.915  1.00 55.44 ? 44   SER B OG  1 
ATOM   563 N N   . LYS B 1 46 ? 4.507   -8.677  -2.974  1.00 43.60 ? 45   LYS B N   1 
ATOM   564 C CA  . LYS B 1 46 ? 3.296   -8.366  -3.725  1.00 46.25 ? 45   LYS B CA  1 
ATOM   565 C C   . LYS B 1 46 ? 3.244   -6.875  -4.015  1.00 45.47 ? 45   LYS B C   1 
ATOM   566 O O   . LYS B 1 46 ? 2.839   -6.456  -5.100  1.00 43.28 ? 45   LYS B O   1 
ATOM   567 C CB  . LYS B 1 46 ? 2.048   -8.774  -2.933  1.00 47.18 ? 45   LYS B CB  1 
ATOM   568 C CG  . LYS B 1 46 ? 0.741   -8.566  -3.697  1.00 47.78 ? 45   LYS B CG  1 
ATOM   569 C CD  . LYS B 1 46 ? 0.754   -9.475  -4.915  1.00 52.80 ? 45   LYS B CD  1 
ATOM   570 C CE  . LYS B 1 46 ? -0.433  -9.246  -5.812  1.00 59.38 ? 45   LYS B CE  1 
ATOM   571 N NZ  . LYS B 1 46 ? -0.325  -10.159 -6.985  1.00 68.14 ? 45   LYS B NZ  1 
ATOM   572 N N   . LEU B 1 47 ? 3.653   -6.071  -3.036  1.00 43.29 ? 46   LEU B N   1 
ATOM   573 C CA  . LEU B 1 47 ? 3.574   -4.623  -3.186  1.00 46.94 ? 46   LEU B CA  1 
ATOM   574 C C   . LEU B 1 47 ? 4.556   -4.151  -4.256  1.00 48.68 ? 46   LEU B C   1 
ATOM   575 O O   . LEU B 1 47 ? 4.236   -3.263  -5.048  1.00 47.46 ? 46   LEU B O   1 
ATOM   576 C CB  . LEU B 1 47 ? 3.803   -3.922  -1.837  1.00 42.80 ? 46   LEU B CB  1 
ATOM   577 C CG  . LEU B 1 47 ? 2.618   -4.114  -0.886  1.00 45.00 ? 46   LEU B CG  1 
ATOM   578 C CD1 . LEU B 1 47 ? 2.939   -3.705  0.532   1.00 44.36 ? 46   LEU B CD1 1 
ATOM   579 C CD2 . LEU B 1 47 ? 1.404   -3.329  -1.415  1.00 40.09 ? 46   LEU B CD2 1 
ATOM   580 N N   . LYS B 1 48 ? 5.733   -4.772  -4.307  1.00 45.66 ? 47   LYS B N   1 
ATOM   581 C CA  . LYS B 1 48 ? 6.679   -4.472  -5.387  1.00 49.51 ? 47   LYS B CA  1 
ATOM   582 C C   . LYS B 1 48 ? 6.066   -4.690  -6.772  1.00 48.81 ? 47   LYS B C   1 
ATOM   583 O O   . LYS B 1 48 ? 6.285   -3.888  -7.673  1.00 49.35 ? 47   LYS B O   1 
ATOM   584 C CB  . LYS B 1 48 ? 7.970   -5.278  -5.228  1.00 46.97 ? 47   LYS B CB  1 
ATOM   585 C CG  . LYS B 1 48 ? 8.573   -5.134  -3.853  1.00 46.71 ? 47   LYS B CG  1 
ATOM   586 C CD  . LYS B 1 48 ? 9.721   -6.120  -3.618  1.00 55.02 ? 47   LYS B CD  1 
ATOM   587 C CE  . LYS B 1 48 ? 10.932  -5.810  -4.473  1.00 53.47 ? 47   LYS B CE  1 
ATOM   588 N NZ  . LYS B 1 48 ? 12.046  -6.779  -4.221  1.00 59.94 ? 47   LYS B NZ  1 
ATOM   589 N N   . GLU B 1 49 ? 5.285   -5.755  -6.949  1.00 49.58 ? 48   GLU B N   1 
ATOM   590 C CA  . GLU B 1 49 ? 4.637   -6.001  -8.243  1.00 53.75 ? 48   GLU B CA  1 
ATOM   591 C C   . GLU B 1 49 ? 3.578   -4.978  -8.574  1.00 51.94 ? 48   GLU B C   1 
ATOM   592 O O   . GLU B 1 49 ? 3.455   -4.558  -9.729  1.00 56.55 ? 48   GLU B O   1 
ATOM   593 C CB  . GLU B 1 49 ? 3.958   -7.363  -8.263  1.00 53.47 ? 48   GLU B CB  1 
ATOM   594 C CG  . GLU B 1 49 ? 4.912   -8.516  -8.331  1.00 60.33 ? 48   GLU B CG  1 
ATOM   595 C CD  . GLU B 1 49 ? 4.195   -9.822  -8.125  1.00 66.41 ? 48   GLU B CD  1 
ATOM   596 O OE1 . GLU B 1 49 ? 3.034   -9.936  -8.595  1.00 66.36 ? 48   GLU B OE1 1 
ATOM   597 O OE2 . GLU B 1 49 ? 4.788   -10.720 -7.483  1.00 67.99 ? 48   GLU B OE2 1 
ATOM   598 N N   . LEU B 1 50 ? 2.795   -4.609  -7.562  1.00 51.58 ? 49   LEU B N   1 
ATOM   599 C CA  . LEU B 1 50 ? 1.606   -3.776  -7.746  1.00 49.01 ? 49   LEU B CA  1 
ATOM   600 C C   . LEU B 1 50 ? 1.903   -2.300  -7.977  1.00 51.02 ? 49   LEU B C   1 
ATOM   601 O O   . LEU B 1 50 ? 1.148   -1.609  -8.673  1.00 49.49 ? 49   LEU B O   1 
ATOM   602 C CB  . LEU B 1 50 ? 0.681   -3.880  -6.528  1.00 50.00 ? 49   LEU B CB  1 
ATOM   603 C CG  . LEU B 1 50 ? -0.024  -5.190  -6.187  1.00 50.31 ? 49   LEU B CG  1 
ATOM   604 C CD1 . LEU B 1 50 ? -1.011  -4.954  -5.045  1.00 47.59 ? 49   LEU B CD1 1 
ATOM   605 C CD2 . LEU B 1 50 ? -0.723  -5.744  -7.406  1.00 55.12 ? 49   LEU B CD2 1 
ATOM   606 N N   . VAL B 1 51 ? 2.963   -1.807  -7.349  1.00 45.51 ? 50   VAL B N   1 
ATOM   607 C CA  . VAL B 1 51 ? 3.274   -0.384  -7.390  1.00 46.66 ? 50   VAL B CA  1 
ATOM   608 C C   . VAL B 1 51 ? 4.273   -0.140  -8.509  1.00 46.06 ? 50   VAL B C   1 
ATOM   609 O O   . VAL B 1 51 ? 5.389   -0.666  -8.471  1.00 43.66 ? 50   VAL B O   1 
ATOM   610 C CB  . VAL B 1 51 ? 3.823   0.092   -6.040  1.00 46.94 ? 50   VAL B CB  1 
ATOM   611 C CG1 . VAL B 1 51 ? 4.061   1.584   -6.066  1.00 45.76 ? 50   VAL B CG1 1 
ATOM   612 C CG2 . VAL B 1 51 ? 2.833   -0.256  -4.935  1.00 43.41 ? 50   VAL B CG2 1 
ATOM   613 N N   . PRO B 1 52 ? 3.851   0.607   -9.546  1.00 49.32 ? 51   PRO B N   1 
ATOM   614 C CA  . PRO B 1 52 ? 4.687   0.856   -10.728 1.00 47.71 ? 51   PRO B CA  1 
ATOM   615 C C   . PRO B 1 52 ? 6.062   1.435   -10.370 1.00 45.59 ? 51   PRO B C   1 
ATOM   616 O O   . PRO B 1 52 ? 7.064   1.027   -10.962 1.00 49.40 ? 51   PRO B O   1 
ATOM   617 C CB  . PRO B 1 52 ? 3.867   1.880   -11.521 1.00 48.15 ? 51   PRO B CB  1 
ATOM   618 C CG  . PRO B 1 52 ? 2.444   1.576   -11.149 1.00 52.14 ? 51   PRO B CG  1 
ATOM   619 C CD  . PRO B 1 52 ? 2.487   1.148   -9.707  1.00 47.00 ? 51   PRO B CD  1 
ATOM   620 N N   . SER B 1 53 ? 6.106   2.343   -9.397  1.00 45.00 ? 52   SER B N   1 
ATOM   621 C CA  . SER B 1 53 ? 7.350   3.025   -9.013  1.00 45.18 ? 52   SER B CA  1 
ATOM   622 C C   . SER B 1 53 ? 8.357   2.194   -8.212  1.00 47.83 ? 52   SER B C   1 
ATOM   623 O O   . SER B 1 53 ? 9.483   2.662   -7.958  1.00 45.04 ? 52   SER B O   1 
ATOM   624 C CB  . SER B 1 53 ? 7.029   4.288   -8.216  1.00 47.66 ? 52   SER B CB  1 
ATOM   625 O OG  . SER B 1 53 ? 6.427   3.962   -6.977  1.00 47.52 ? 52   SER B OG  1 
ATOM   626 N N   . ILE B 1 54 ? 7.978   0.986   -7.794  1.00 43.68 ? 53   ILE B N   1 
ATOM   627 C CA  . ILE B 1 54 ? 8.912   0.142   -7.030  1.00 43.46 ? 53   ILE B CA  1 
ATOM   628 C C   . ILE B 1 54 ? 9.660   -0.805  -7.969  1.00 45.50 ? 53   ILE B C   1 
ATOM   629 O O   . ILE B 1 54 ? 9.055   -1.669  -8.613  1.00 44.61 ? 53   ILE B O   1 
ATOM   630 C CB  . ILE B 1 54 ? 8.207   -0.665  -5.907  1.00 44.57 ? 53   ILE B CB  1 
ATOM   631 C CG1 . ILE B 1 54 ? 7.449   0.269   -4.969  1.00 43.74 ? 53   ILE B CG1 1 
ATOM   632 C CG2 . ILE B 1 54 ? 9.222   -1.514  -5.114  1.00 45.74 ? 53   ILE B CG2 1 
ATOM   633 C CD1 . ILE B 1 54 ? 6.635   -0.447  -3.897  1.00 44.06 ? 53   ILE B CD1 1 
ATOM   634 N N   . PRO B 1 55 ? 10.991  -0.653  -8.045  1.00 44.15 ? 54   PRO B N   1 
ATOM   635 C CA  . PRO B 1 55 ? 11.782  -1.466  -8.975  1.00 47.99 ? 54   PRO B CA  1 
ATOM   636 C C   . PRO B 1 55 ? 11.731  -2.931  -8.571  1.00 51.21 ? 54   PRO B C   1 
ATOM   637 O O   . PRO B 1 55 ? 11.740  -3.226  -7.363  1.00 51.70 ? 54   PRO B O   1 
ATOM   638 C CB  . PRO B 1 55 ? 13.214  -0.928  -8.783  1.00 49.79 ? 54   PRO B CB  1 
ATOM   639 C CG  . PRO B 1 55 ? 13.042  0.434   -8.171  1.00 50.45 ? 54   PRO B CG  1 
ATOM   640 C CD  . PRO B 1 55 ? 11.818  0.320   -7.306  1.00 48.90 ? 54   PRO B CD  1 
ATOM   641 N N   . GLN B 1 56 ? 11.687  -3.836  -9.544  1.00 48.99 ? 55   GLN B N   1 
ATOM   642 C CA  . GLN B 1 56 ? 11.698  -5.260  -9.221  1.00 53.78 ? 55   GLN B CA  1 
ATOM   643 C C   . GLN B 1 56 ? 13.008  -5.970  -9.586  1.00 55.56 ? 55   GLN B C   1 
ATOM   644 O O   . GLN B 1 56 ? 13.102  -7.190  -9.485  1.00 60.19 ? 55   GLN B O   1 
ATOM   645 C CB  . GLN B 1 56 ? 10.493  -5.951  -9.862  1.00 53.87 ? 55   GLN B CB  1 
ATOM   646 C CG  . GLN B 1 56 ? 9.178   -5.233  -9.548  1.00 52.41 ? 55   GLN B CG  1 
ATOM   647 C CD  . GLN B 1 56 ? 7.968   -5.838  -10.238 1.00 54.74 ? 55   GLN B CD  1 
ATOM   648 O OE1 . GLN B 1 56 ? 7.139   -5.120  -10.810 1.00 57.41 ? 55   GLN B OE1 1 
ATOM   649 N NE2 . GLN B 1 56 ? 7.840   -7.153  -10.164 1.00 57.20 ? 55   GLN B NE2 1 
ATOM   650 N N   . ASN B 1 57 ? 14.021  -5.205  -9.986  1.00 51.83 ? 56   ASN B N   1 
ATOM   651 C CA  . ASN B 1 57 ? 15.300  -5.793  -10.388 1.00 54.14 ? 56   ASN B CA  1 
ATOM   652 C C   . ASN B 1 57 ? 16.505  -5.119  -9.761  1.00 54.07 ? 56   ASN B C   1 
ATOM   653 O O   . ASN B 1 57 ? 17.625  -5.226  -10.276 1.00 59.20 ? 56   ASN B O   1 
ATOM   654 C CB  . ASN B 1 57 ? 15.444  -5.796  -11.912 1.00 57.55 ? 56   ASN B CB  1 
ATOM   655 C CG  . ASN B 1 57 ? 14.328  -6.552  -12.597 1.00 59.98 ? 56   ASN B CG  1 
ATOM   656 O OD1 . ASN B 1 57 ? 14.401  -7.769  -12.757 1.00 65.01 ? 56   ASN B OD1 1 
ATOM   657 N ND2 . ASN B 1 57 ? 13.285  -5.834  -13.005 1.00 57.38 ? 56   ASN B ND2 1 
ATOM   658 N N   . LYS B 1 58 ? 16.275  -4.408  -8.662  1.00 52.16 ? 57   LYS B N   1 
ATOM   659 C CA  . LYS B 1 58 ? 17.372  -3.951  -7.815  1.00 54.71 ? 57   LYS B CA  1 
ATOM   660 C C   . LYS B 1 58 ? 16.899  -3.907  -6.375  1.00 56.73 ? 57   LYS B C   1 
ATOM   661 O O   . LYS B 1 58 ? 15.694  -3.988  -6.098  1.00 53.77 ? 57   LYS B O   1 
ATOM   662 C CB  . LYS B 1 58 ? 17.908  -2.587  -8.259  1.00 55.34 ? 57   LYS B CB  1 
ATOM   663 C CG  . LYS B 1 58 ? 16.991  -1.405  -7.985  1.00 52.26 ? 57   LYS B CG  1 
ATOM   664 C CD  . LYS B 1 58 ? 17.486  -0.183  -8.763  1.00 56.29 ? 57   LYS B CD  1 
ATOM   665 C CE  . LYS B 1 58 ? 16.889  1.114   -8.229  1.00 55.39 ? 57   LYS B CE  1 
ATOM   666 N NZ  . LYS B 1 58 ? 17.596  1.584   -7.002  1.00 59.62 ? 57   LYS B NZ  1 
ATOM   667 N N   . LYS B 1 59 ? 17.842  -3.790  -5.451  1.00 57.29 ? 58   LYS B N   1 
ATOM   668 C CA  . LYS B 1 59 ? 17.465  -3.839  -4.051  1.00 56.33 ? 58   LYS B CA  1 
ATOM   669 C C   . LYS B 1 59 ? 16.754  -2.574  -3.597  1.00 51.72 ? 58   LYS B C   1 
ATOM   670 O O   . LYS B 1 59 ? 17.156  -1.442  -3.914  1.00 48.15 ? 58   LYS B O   1 
ATOM   671 C CB  . LYS B 1 59 ? 18.644  -4.213  -3.147  1.00 55.23 ? 58   LYS B CB  1 
ATOM   672 C CG  . LYS B 1 59 ? 18.794  -5.742  -3.006  1.00 64.71 ? 58   LYS B CG  1 
ATOM   673 C CD  . LYS B 1 59 ? 17.445  -6.430  -2.662  1.00 65.47 ? 58   LYS B CD  1 
ATOM   674 C CE  . LYS B 1 59 ? 17.237  -7.727  -3.466  1.00 66.98 ? 58   LYS B CE  1 
ATOM   675 N NZ  . LYS B 1 59 ? 15.879  -8.341  -3.273  1.00 67.08 ? 58   LYS B NZ  1 
ATOM   676 N N   . VAL B 1 60 ? 15.666  -2.798  -2.875  1.00 49.81 ? 59   VAL B N   1 
ATOM   677 C CA  . VAL B 1 60 ? 14.859  -1.727  -2.334  1.00 49.62 ? 59   VAL B CA  1 
ATOM   678 C C   . VAL B 1 60 ? 14.619  -2.120  -0.883  1.00 44.20 ? 59   VAL B C   1 
ATOM   679 O O   . VAL B 1 60 ? 14.556  -3.313  -0.576  1.00 47.33 ? 59   VAL B O   1 
ATOM   680 C CB  . VAL B 1 60 ? 13.536  -1.574  -3.147  1.00 49.67 ? 59   VAL B CB  1 
ATOM   681 C CG1 . VAL B 1 60 ? 12.659  -2.807  -2.993  1.00 53.09 ? 59   VAL B CG1 1 
ATOM   682 C CG2 . VAL B 1 60 ? 12.773  -0.320  -2.727  1.00 51.71 ? 59   VAL B CG2 1 
ATOM   683 N N   . SER B 1 61 ? 14.559  -1.145  0.021   1.00 42.42 ? 60   SER B N   1 
ATOM   684 C CA  . SER B 1 61 ? 14.316  -1.443  1.426   1.00 46.33 ? 60   SER B CA  1 
ATOM   685 C C   . SER B 1 61 ? 12.827  -1.495  1.731   1.00 48.08 ? 60   SER B C   1 
ATOM   686 O O   . SER B 1 61 ? 12.005  -0.899  1.007   1.00 45.49 ? 60   SER B O   1 
ATOM   687 C CB  . SER B 1 61 ? 14.969  -0.393  2.322   1.00 49.06 ? 60   SER B CB  1 
ATOM   688 O OG  . SER B 1 61 ? 14.318  0.852   2.167   1.00 46.25 ? 60   SER B OG  1 
ATOM   689 N N   . LYS B 1 62 ? 12.478  -2.207  2.800   1.00 45.97 ? 61   LYS B N   1 
ATOM   690 C CA  . LYS B 1 62 ? 11.110  -2.220  3.291   1.00 47.60 ? 61   LYS B CA  1 
ATOM   691 C C   . LYS B 1 62 ? 10.623  -0.789  3.460   1.00 47.24 ? 61   LYS B C   1 
ATOM   692 O O   . LYS B 1 62 ? 9.510   -0.470  3.072   1.00 46.36 ? 61   LYS B O   1 
ATOM   693 C CB  . LYS B 1 62 ? 11.014  -2.977  4.620   1.00 44.94 ? 61   LYS B CB  1 
ATOM   694 C CG  . LYS B 1 62 ? 11.398  -4.433  4.506   1.00 46.30 ? 61   LYS B CG  1 
ATOM   695 C CD  . LYS B 1 62 ? 10.958  -5.229  5.723   1.00 47.77 ? 61   LYS B CD  1 
ATOM   696 C CE  . LYS B 1 62 ? 11.199  -6.723  5.519   1.00 49.10 ? 61   LYS B CE  1 
ATOM   697 N NZ  . LYS B 1 62 ? 10.672  -7.528  6.664   1.00 53.68 ? 61   LYS B NZ  1 
ATOM   698 N N   . MET B 1 63 ? 11.461  0.075   4.021   1.00 44.24 ? 62   MET B N   1 
ATOM   699 C CA  . MET B 1 63 ? 11.075  1.475   4.242   1.00 46.25 ? 62   MET B CA  1 
ATOM   700 C C   . MET B 1 63 ? 10.692  2.162   2.929   1.00 50.09 ? 62   MET B C   1 
ATOM   701 O O   . MET B 1 63 ? 9.678   2.869   2.852   1.00 46.75 ? 62   MET B O   1 
ATOM   702 C CB  . MET B 1 63 ? 12.210  2.239   4.931   1.00 49.94 ? 62   MET B CB  1 
ATOM   703 C CG  . MET B 1 63 ? 11.900  3.695   5.227   1.00 54.69 ? 62   MET B CG  1 
ATOM   704 S SD  . MET B 1 63 ? 10.470  3.911   6.304   1.00 63.88 ? 62   MET B SD  1 
ATOM   705 C CE  . MET B 1 63 ? 10.603  5.652   6.695   1.00 63.90 ? 62   MET B CE  1 
ATOM   706 N N   . GLU B 1 64 ? 11.491  1.933   1.890   1.00 48.56 ? 63   GLU B N   1 
ATOM   707 C CA  . GLU B 1 64 ? 11.209  2.535   0.593   1.00 48.33 ? 63   GLU B CA  1 
ATOM   708 C C   . GLU B 1 64 ? 9.894   2.006   0.047   1.00 47.27 ? 63   GLU B C   1 
ATOM   709 O O   . GLU B 1 64 ? 9.100   2.766   -0.505  1.00 45.25 ? 63   GLU B O   1 
ATOM   710 C CB  . GLU B 1 64 ? 12.353  2.275   -0.394  1.00 49.15 ? 63   GLU B CB  1 
ATOM   711 C CG  . GLU B 1 64 ? 13.564  3.200   -0.200  1.00 56.28 ? 63   GLU B CG  1 
ATOM   712 C CD  . GLU B 1 64 ? 14.772  2.771   -1.027  1.00 64.38 ? 63   GLU B CD  1 
ATOM   713 O OE1 . GLU B 1 64 ? 14.994  1.542   -1.170  1.00 60.10 ? 63   GLU B OE1 1 
ATOM   714 O OE2 . GLU B 1 64 ? 15.505  3.661   -1.518  1.00 71.84 ? 63   GLU B OE2 1 
ATOM   715 N N   . ILE B 1 65 ? 9.668   0.702   0.201   1.00 43.60 ? 64   ILE B N   1 
ATOM   716 C CA  . ILE B 1 65 ? 8.411   0.097   -0.224  1.00 45.88 ? 64   ILE B CA  1 
ATOM   717 C C   . ILE B 1 65 ? 7.234   0.804   0.426   1.00 44.19 ? 64   ILE B C   1 
ATOM   718 O O   . ILE B 1 65 ? 6.315   1.217   -0.267  1.00 45.52 ? 64   ILE B O   1 
ATOM   719 C CB  . ILE B 1 65 ? 8.370   -1.437  0.033   1.00 44.01 ? 64   ILE B CB  1 
ATOM   720 C CG1 . ILE B 1 65 ? 9.405   -2.130  -0.849  1.00 42.75 ? 64   ILE B CG1 1 
ATOM   721 C CG2 . ILE B 1 65 ? 6.973   -1.997  -0.242  1.00 45.12 ? 64   ILE B CG2 1 
ATOM   722 C CD1 . ILE B 1 65 ? 9.617   -3.623  -0.553  1.00 45.02 ? 64   ILE B CD1 1 
ATOM   723 N N   . LEU B 1 66 ? 7.278   0.993   1.739   1.00 42.67 ? 65   LEU B N   1 
ATOM   724 C CA  . LEU B 1 66 ? 6.168   1.654   2.429   1.00 45.08 ? 65   LEU B CA  1 
ATOM   725 C C   . LEU B 1 66 ? 5.889   3.051   1.868   1.00 48.16 ? 65   LEU B C   1 
ATOM   726 O O   . LEU B 1 66 ? 4.723   3.430   1.646   1.00 42.11 ? 65   LEU B O   1 
ATOM   727 C CB  . LEU B 1 66 ? 6.427   1.719   3.939   1.00 44.32 ? 65   LEU B CB  1 
ATOM   728 C CG  . LEU B 1 66 ? 6.553   0.379   4.665   1.00 44.24 ? 65   LEU B CG  1 
ATOM   729 C CD1 . LEU B 1 66 ? 7.004   0.603   6.100   1.00 44.13 ? 65   LEU B CD1 1 
ATOM   730 C CD2 . LEU B 1 66 ? 5.243   -0.388  4.643   1.00 41.88 ? 65   LEU B CD2 1 
ATOM   731 N N   . GLN B 1 67 ? 6.955   3.808   1.615   1.00 45.10 ? 66   GLN B N   1 
ATOM   732 C CA  . GLN B 1 67 ? 6.813   5.181   1.131   1.00 47.18 ? 66   GLN B CA  1 
ATOM   733 C C   . GLN B 1 67 ? 6.237   5.238   -0.279  1.00 45.42 ? 66   GLN B C   1 
ATOM   734 O O   . GLN B 1 67 ? 5.340   6.032   -0.545  1.00 49.23 ? 66   GLN B O   1 
ATOM   735 C CB  . GLN B 1 67 ? 8.164   5.899   1.185   1.00 51.28 ? 66   GLN B CB  1 
ATOM   736 C CG  . GLN B 1 67 ? 8.766   5.950   2.579   1.00 51.60 ? 66   GLN B CG  1 
ATOM   737 C CD  . GLN B 1 67 ? 10.054  6.729   2.609   1.00 61.68 ? 66   GLN B CD  1 
ATOM   738 O OE1 . GLN B 1 67 ? 11.138  6.170   2.428   1.00 55.90 ? 66   GLN B OE1 1 
ATOM   739 N NE2 . GLN B 1 67 ? 9.944   8.036   2.822   1.00 67.17 ? 66   GLN B NE2 1 
ATOM   740 N N   . HIS B 1 68 ? 6.739   4.399   -1.183  1.00 43.31 ? 67   HIS B N   1 
ATOM   741 C CA  . HIS B 1 68 ? 6.161   4.306   -2.523  1.00 47.33 ? 67   HIS B CA  1 
ATOM   742 C C   . HIS B 1 68 ? 4.701   3.850   -2.517  1.00 45.86 ? 67   HIS B C   1 
ATOM   743 O O   . HIS B 1 68 ? 3.903   4.292   -3.335  1.00 44.67 ? 67   HIS B O   1 
ATOM   744 C CB  . HIS B 1 68 ? 6.968   3.340   -3.384  1.00 46.04 ? 67   HIS B CB  1 
ATOM   745 C CG  . HIS B 1 68 ? 8.264   3.903   -3.854  1.00 50.44 ? 67   HIS B CG  1 
ATOM   746 N ND1 . HIS B 1 68 ? 8.420   4.464   -5.105  1.00 50.01 ? 67   HIS B ND1 1 
ATOM   747 C CD2 . HIS B 1 68 ? 9.469   4.012   -3.244  1.00 52.30 ? 67   HIS B CD2 1 
ATOM   748 C CE1 . HIS B 1 68 ? 9.662   4.885   -5.244  1.00 54.13 ? 67   HIS B CE1 1 
ATOM   749 N NE2 . HIS B 1 68 ? 10.323  4.620   -4.128  1.00 54.13 ? 67   HIS B NE2 1 
ATOM   750 N N   . VAL B 1 69 ? 4.369   2.929   -1.618  1.00 43.50 ? 68   VAL B N   1 
ATOM   751 C CA  . VAL B 1 69 ? 2.998   2.461   -1.476  1.00 45.88 ? 68   VAL B CA  1 
ATOM   752 C C   . VAL B 1 69 ? 2.111   3.614   -1.049  1.00 45.03 ? 68   VAL B C   1 
ATOM   753 O O   . VAL B 1 69 ? 1.026   3.829   -1.604  1.00 45.44 ? 68   VAL B O   1 
ATOM   754 C CB  . VAL B 1 69 ? 2.913   1.315   -0.463  1.00 43.24 ? 68   VAL B CB  1 
ATOM   755 C CG1 . VAL B 1 69 ? 1.444   1.058   -0.081  1.00 42.04 ? 68   VAL B CG1 1 
ATOM   756 C CG2 . VAL B 1 69 ? 3.535   0.071   -1.063  1.00 38.34 ? 68   VAL B CG2 1 
ATOM   757 N N   . ILE B 1 70 ? 2.586   4.379   -0.075  1.00 44.95 ? 69   ILE B N   1 
ATOM   758 C CA  . ILE B 1 70 ? 1.831   5.537   0.387   1.00 46.20 ? 69   ILE B CA  1 
ATOM   759 C C   . ILE B 1 70 ? 1.567   6.527   -0.749  1.00 50.40 ? 69   ILE B C   1 
ATOM   760 O O   . ILE B 1 70 ? 0.423   6.937   -0.975  1.00 47.05 ? 69   ILE B O   1 
ATOM   761 C CB  . ILE B 1 70 ? 2.533   6.223   1.554   1.00 45.88 ? 69   ILE B CB  1 
ATOM   762 C CG1 . ILE B 1 70 ? 2.362   5.374   2.809   1.00 47.94 ? 69   ILE B CG1 1 
ATOM   763 C CG2 . ILE B 1 70 ? 1.937   7.589   1.820   1.00 45.01 ? 69   ILE B CG2 1 
ATOM   764 C CD1 . ILE B 1 70 ? 3.156   5.877   3.997   1.00 47.58 ? 69   ILE B CD1 1 
ATOM   765 N N   . ASP B 1 71 ? 2.616   6.887   -1.483  1.00 49.24 ? 70   ASP B N   1 
ATOM   766 C CA  . ASP B 1 71 ? 2.451   7.836   -2.576  1.00 49.94 ? 70   ASP B CA  1 
ATOM   767 C C   . ASP B 1 71 ? 1.506   7.295   -3.635  1.00 50.45 ? 70   ASP B C   1 
ATOM   768 O O   . ASP B 1 71 ? 0.727   8.039   -4.215  1.00 50.07 ? 70   ASP B O   1 
ATOM   769 C CB  . ASP B 1 71 ? 3.790   8.171   -3.224  1.00 49.92 ? 70   ASP B CB  1 
ATOM   770 C CG  . ASP B 1 71 ? 3.712   9.426   -4.076  1.00 51.32 ? 70   ASP B CG  1 
ATOM   771 O OD1 . ASP B 1 71 ? 3.686   10.521  -3.479  1.00 48.89 ? 70   ASP B OD1 1 
ATOM   772 O OD2 . ASP B 1 71 ? 3.659   9.326   -5.326  1.00 53.54 ? 70   ASP B OD2 1 
ATOM   773 N N   . TYR B 1 72 ? 1.587   5.995   -3.881  1.00 48.42 ? 71   TYR B N   1 
ATOM   774 C CA  . TYR B 1 72 ? 0.789   5.373   -4.907  1.00 47.61 ? 71   TYR B CA  1 
ATOM   775 C C   . TYR B 1 72 ? -0.688  5.401   -4.524  1.00 52.32 ? 71   TYR B C   1 
ATOM   776 O O   . TYR B 1 72 ? -1.546  5.651   -5.363  1.00 50.67 ? 71   TYR B O   1 
ATOM   777 C CB  . TYR B 1 72 ? 1.269   3.949   -5.149  1.00 45.70 ? 71   TYR B CB  1 
ATOM   778 C CG  . TYR B 1 72 ? 0.569   3.265   -6.292  1.00 49.26 ? 71   TYR B CG  1 
ATOM   779 C CD1 . TYR B 1 72 ? 0.387   3.911   -7.508  1.00 49.36 ? 71   TYR B CD1 1 
ATOM   780 C CD2 . TYR B 1 72 ? 0.106   1.964   -6.165  1.00 48.87 ? 71   TYR B CD2 1 
ATOM   781 C CE1 . TYR B 1 72 ? -0.257  3.272   -8.568  1.00 50.67 ? 71   TYR B CE1 1 
ATOM   782 C CE2 . TYR B 1 72 ? -0.525  1.323   -7.208  1.00 48.45 ? 71   TYR B CE2 1 
ATOM   783 C CZ  . TYR B 1 72 ? -0.698  1.979   -8.404  1.00 49.13 ? 71   TYR B CZ  1 
ATOM   784 O OH  . TYR B 1 72 ? -1.322  1.334   -9.440  1.00 52.19 ? 71   TYR B OH  1 
ATOM   785 N N   . ILE B 1 73 ? -0.978  5.160   -3.250  1.00 50.85 ? 72   ILE B N   1 
ATOM   786 C CA  . ILE B 1 73 ? -2.350  5.213   -2.762  1.00 49.84 ? 72   ILE B CA  1 
ATOM   787 C C   . ILE B 1 73 ? -2.939  6.624   -2.908  1.00 52.74 ? 72   ILE B C   1 
ATOM   788 O O   . ILE B 1 73 ? -4.083  6.801   -3.362  1.00 51.65 ? 72   ILE B O   1 
ATOM   789 C CB  . ILE B 1 73 ? -2.442  4.738   -1.302  1.00 45.83 ? 72   ILE B CB  1 
ATOM   790 C CG1 . ILE B 1 73 ? -2.156  3.237   -1.229  1.00 45.99 ? 72   ILE B CG1 1 
ATOM   791 C CG2 . ILE B 1 73 ? -3.824  5.025   -0.729  1.00 49.82 ? 72   ILE B CG2 1 
ATOM   792 C CD1 . ILE B 1 73 ? -2.138  2.671   0.190   1.00 43.68 ? 72   ILE B CD1 1 
ATOM   793 N N   . LEU B 1 74 ? -2.153  7.623   -2.528  1.00 50.85 ? 73   LEU B N   1 
ATOM   794 C CA  . LEU B 1 74 ? -2.580  9.010   -2.655  1.00 54.46 ? 73   LEU B CA  1 
ATOM   795 C C   . LEU B 1 74 ? -2.912  9.348   -4.108  1.00 55.47 ? 73   LEU B C   1 
ATOM   796 O O   . LEU B 1 74 ? -3.905  10.024  -4.374  1.00 58.13 ? 73   LEU B O   1 
ATOM   797 C CB  . LEU B 1 74 ? -1.508  9.944   -2.101  1.00 51.94 ? 73   LEU B CB  1 
ATOM   798 C CG  . LEU B 1 74 ? -1.260  9.772   -0.606  1.00 51.43 ? 73   LEU B CG  1 
ATOM   799 C CD1 . LEU B 1 74 ? -0.056  10.578  -0.156  1.00 49.32 ? 73   LEU B CD1 1 
ATOM   800 C CD2 . LEU B 1 74 ? -2.504  10.168  0.183   1.00 49.96 ? 73   LEU B CD2 1 
ATOM   801 N N   . ASP B 1 75 ? -2.093  8.862   -5.041  1.00 53.22 ? 74   ASP B N   1 
ATOM   802 C CA  . ASP B 1 75 ? -2.368  9.017   -6.470  1.00 56.08 ? 74   ASP B CA  1 
ATOM   803 C C   . ASP B 1 75 ? -3.641  8.290   -6.923  1.00 56.90 ? 74   ASP B C   1 
ATOM   804 O O   . ASP B 1 75 ? -4.472  8.873   -7.609  1.00 54.86 ? 74   ASP B O   1 
ATOM   805 C CB  . ASP B 1 75 ? -1.178  8.537   -7.299  1.00 56.63 ? 74   ASP B CB  1 
ATOM   806 C CG  . ASP B 1 75 ? -0.105  9.592   -7.444  1.00 63.56 ? 74   ASP B CG  1 
ATOM   807 O OD1 . ASP B 1 75 ? -0.253  10.692  -6.853  1.00 63.07 ? 74   ASP B OD1 1 
ATOM   808 O OD2 . ASP B 1 75 ? 0.894   9.308   -8.146  1.00 64.38 ? 74   ASP B OD2 1 
ATOM   809 N N   . LEU B 1 76 ? -3.793  7.020   -6.555  1.00 51.86 ? 75   LEU B N   1 
ATOM   810 C CA  . LEU B 1 76 ? -5.003  6.278   -6.902  1.00 52.46 ? 75   LEU B CA  1 
ATOM   811 C C   . LEU B 1 76 ? -6.268  6.930   -6.330  1.00 55.37 ? 75   LEU B C   1 
ATOM   812 O O   . LEU B 1 76 ? -7.312  6.940   -6.982  1.00 57.52 ? 75   LEU B O   1 
ATOM   813 C CB  . LEU B 1 76 ? -4.909  4.828   -6.433  1.00 54.66 ? 75   LEU B CB  1 
ATOM   814 C CG  . LEU B 1 76 ? -3.893  3.910   -7.111  1.00 53.10 ? 75   LEU B CG  1 
ATOM   815 C CD1 . LEU B 1 76 ? -3.742  2.622   -6.312  1.00 49.73 ? 75   LEU B CD1 1 
ATOM   816 C CD2 . LEU B 1 76 ? -4.318  3.596   -8.520  1.00 48.06 ? 75   LEU B CD2 1 
ATOM   817 N N   . GLN B 1 77 ? -6.177  7.483   -5.124  1.00 53.88 ? 76   GLN B N   1 
ATOM   818 C CA  . GLN B 1 77 ? -7.344  8.102   -4.495  1.00 54.12 ? 76   GLN B CA  1 
ATOM   819 C C   . GLN B 1 77 ? -7.798  9.390   -5.185  1.00 60.14 ? 76   GLN B C   1 
ATOM   820 O O   . GLN B 1 77 ? -8.995  9.618   -5.335  1.00 55.63 ? 76   GLN B O   1 
ATOM   821 C CB  . GLN B 1 77 ? -7.098  8.360   -3.012  1.00 51.55 ? 76   GLN B CB  1 
ATOM   822 C CG  . GLN B 1 77 ? -7.026  7.090   -2.170  1.00 56.00 ? 76   GLN B CG  1 
ATOM   823 C CD  . GLN B 1 77 ? -6.736  7.385   -0.717  1.00 55.32 ? 76   GLN B CD  1 
ATOM   824 O OE1 . GLN B 1 77 ? -6.147  8.419   -0.388  1.00 58.93 ? 76   GLN B OE1 1 
ATOM   825 N NE2 . GLN B 1 77 ? -7.153  6.483   0.166   1.00 54.30 ? 76   GLN B NE2 1 
ATOM   826 N N   . ILE B 1 78 ? -6.856  10.240  -5.592  1.00 57.85 ? 77   ILE B N   1 
ATOM   827 C CA  . ILE B 1 78 ? -7.230  11.465  -6.290  1.00 59.78 ? 77   ILE B CA  1 
ATOM   828 C C   . ILE B 1 78 ? -7.865  11.120  -7.640  1.00 61.42 ? 77   ILE B C   1 
ATOM   829 O O   . ILE B 1 78 ? -8.840  11.745  -8.057  1.00 63.79 ? 77   ILE B O   1 
ATOM   830 C CB  . ILE B 1 78 ? -6.040  12.445  -6.453  1.00 62.38 ? 77   ILE B CB  1 
ATOM   831 C CG1 . ILE B 1 78 ? -4.923  11.829  -7.292  1.00 61.56 ? 77   ILE B CG1 1 
ATOM   832 C CG2 . ILE B 1 78 ? -5.492  12.866  -5.092  1.00 58.08 ? 77   ILE B CG2 1 
ATOM   833 C CD1 . ILE B 1 78 ? -3.727  12.741  -7.477  1.00 64.36 ? 77   ILE B CD1 1 
ATOM   834 N N   . ALA B 1 79 ? -7.330  10.101  -8.306  1.00 58.72 ? 78   ALA B N   1 
ATOM   835 C CA  . ALA B 1 79 ? -7.914  9.623   -9.555  1.00 63.00 ? 78   ALA B CA  1 
ATOM   836 C C   . ALA B 1 79 ? -9.334  9.106   -9.326  1.00 62.82 ? 78   ALA B C   1 
ATOM   837 O O   . ALA B 1 79 ? -10.249 9.412   -10.097 1.00 63.92 ? 78   ALA B O   1 
ATOM   838 C CB  . ALA B 1 79 ? -7.043  8.544   -10.170 1.00 58.39 ? 78   ALA B CB  1 
ATOM   839 N N   . LEU B 1 80 ? -9.517  8.322   -8.266  1.00 57.75 ? 79   LEU B N   1 
ATOM   840 C CA  . LEU B 1 80 ? -10.834 7.795   -7.942  1.00 56.69 ? 79   LEU B CA  1 
ATOM   841 C C   . LEU B 1 80 ? -11.786 8.939   -7.622  1.00 62.75 ? 79   LEU B C   1 
ATOM   842 O O   . LEU B 1 80 ? -12.917 8.967   -8.115  1.00 60.13 ? 79   LEU B O   1 
ATOM   843 C CB  . LEU B 1 80 ? -10.765 6.833   -6.760  1.00 56.66 ? 79   LEU B CB  1 
ATOM   844 C CG  . LEU B 1 80 ? -12.063 6.134   -6.354  1.00 55.03 ? 79   LEU B CG  1 
ATOM   845 C CD1 . LEU B 1 80 ? -12.376 4.995   -7.304  1.00 54.74 ? 79   LEU B CD1 1 
ATOM   846 C CD2 . LEU B 1 80 ? -11.973 5.622   -4.930  1.00 55.33 ? 79   LEU B CD2 1 
ATOM   847 N N   . ASP B 1 81 ? -11.326 9.884   -6.807  1.00 59.81 ? 80   ASP B N   1 
ATOM   848 C CA  . ASP B 1 81 ? -12.177 10.984  -6.362  1.00 62.16 ? 80   ASP B CA  1 
ATOM   849 C C   . ASP B 1 81 ? -12.758 11.777  -7.538  1.00 66.84 ? 80   ASP B C   1 
ATOM   850 O O   . ASP B 1 81 ? -13.939 12.150  -7.521  1.00 67.01 ? 80   ASP B O   1 
ATOM   851 C CB  . ASP B 1 81 ? -11.431 11.890  -5.379  1.00 62.52 ? 80   ASP B CB  1 
ATOM   852 C CG  . ASP B 1 81 ? -11.170 11.210  -4.041  1.00 69.21 ? 80   ASP B CG  1 
ATOM   853 O OD1 . ASP B 1 81 ? -11.827 10.181  -3.755  1.00 70.37 ? 80   ASP B OD1 1 
ATOM   854 O OD2 . ASP B 1 81 ? -10.305 11.703  -3.276  1.00 71.87 ? 80   ASP B OD2 1 
ATOM   855 N N   . SER B 1 82 ? -11.940 11.991  -8.568  1.00 64.69 ? 81   SER B N   1 
ATOM   856 C CA  . SER B 1 82 ? -12.401 12.585  -9.828  1.00 67.77 ? 81   SER B CA  1 
ATOM   857 C C   . SER B 1 82 ? -13.691 11.969  -10.391 1.00 68.57 ? 81   SER B C   1 
ATOM   858 O O   . SER B 1 82 ? -14.408 12.614  -11.169 1.00 73.20 ? 81   SER B O   1 
ATOM   859 C CB  . SER B 1 82 ? -11.297 12.515  -10.878 1.00 66.86 ? 81   SER B CB  1 
ATOM   860 O OG  . SER B 1 82 ? -10.213 13.329  -10.493 1.00 73.47 ? 81   SER B OG  1 
ATOM   861 N N   . HIS B 1 83 ? -13.982 10.729  -10.002 1.00 64.29 ? 82   HIS B N   1 
ATOM   862 C CA  . HIS B 1 83 ? -15.262 10.101  -10.330 1.00 62.69 ? 82   HIS B CA  1 
ATOM   863 C C   . HIS B 1 83 ? -16.178 10.061  -9.109  1.00 61.91 ? 82   HIS B C   1 
ATOM   864 O O   . HIS B 1 83 ? -16.026 9.206   -8.228  1.00 59.77 ? 82   HIS B O   1 
ATOM   865 C CB  . HIS B 1 83 ? -15.057 8.678   -10.853 1.00 64.56 ? 82   HIS B CB  1 
ATOM   866 C CG  . HIS B 1 83 ? -14.235 8.596   -12.105 1.00 68.70 ? 82   HIS B CG  1 
ATOM   867 N ND1 . HIS B 1 83 ? -12.898 8.931   -12.144 1.00 67.94 ? 82   HIS B ND1 1 
ATOM   868 C CD2 . HIS B 1 83 ? -14.561 8.201   -13.360 1.00 67.83 ? 82   HIS B CD2 1 
ATOM   869 C CE1 . HIS B 1 83 ? -12.435 8.748   -13.370 1.00 69.89 ? 82   HIS B CE1 1 
ATOM   870 N NE2 . HIS B 1 83 ? -13.425 8.307   -14.126 1.00 69.87 ? 82   HIS B NE2 1 
HETATM 871 K K   . K   C 2 .  ? -8.921  3.748   7.936   1.00 54.28 ? 1089 K   A K   1 
HETATM 872 C C   . ACT D 3 .  ? 8.359   -4.875  9.108   1.00 55.56 ? 1090 ACT A C   1 
HETATM 873 O O   . ACT D 3 .  ? 8.502   -4.915  7.873   1.00 57.09 ? 1090 ACT A O   1 
HETATM 874 O OXT . ACT D 3 .  ? 8.335   -3.722  9.634   1.00 57.05 ? 1090 ACT A OXT 1 
HETATM 875 C CH3 . ACT D 3 .  ? 8.224   -6.159  9.874   1.00 52.12 ? 1090 ACT A CH3 1 
HETATM 876 K K   . K   E 2 .  ? 6.751   -2.450  -9.792  1.00 49.29 ? 1083 K   B K   1 
HETATM 877 O O   . HOH F 4 .  ? -9.555  5.691   5.659   1.00 57.98 ? 2001 HOH A O   1 
HETATM 878 O O   . HOH F 4 .  ? -10.183 -0.081  2.053   1.00 53.82 ? 2002 HOH A O   1 
HETATM 879 O O   . HOH F 4 .  ? -12.860 -3.409  8.152   1.00 53.63 ? 2003 HOH A O   1 
HETATM 880 O O   . HOH F 4 .  ? -8.477  -3.139  1.989   1.00 46.22 ? 2004 HOH A O   1 
HETATM 881 O O   . HOH F 4 .  ? -0.603  -10.345 12.561  1.00 55.12 ? 2005 HOH A O   1 
HETATM 882 O O   . HOH F 4 .  ? -11.554 4.910   -1.529  1.00 55.59 ? 2006 HOH A O   1 
HETATM 883 O O   . HOH F 4 .  ? -15.735 -3.944  -20.628 1.00 57.41 ? 2007 HOH A O   1 
HETATM 884 O O   . HOH G 4 .  ? 5.711   -13.608 8.273   1.00 57.23 ? 2001 HOH B O   1 
HETATM 885 O O   . HOH G 4 .  ? 8.046   -13.044 6.342   1.00 56.63 ? 2002 HOH B O   1 
HETATM 886 O O   . HOH G 4 .  ? 13.439  -4.921  -6.158  1.00 54.29 ? 2003 HOH B O   1 
HETATM 887 O O   . HOH G 4 .  ? 4.731   -5.636  -11.915 1.00 57.83 ? 2004 HOH B O   1 
HETATM 888 O O   . HOH G 4 .  ? 3.821   3.944   -8.387  1.00 50.70 ? 2005 HOH B O   1 
HETATM 889 O O   . HOH G 4 .  ? 9.835   0.822   -11.171 1.00 48.75 ? 2006 HOH B O   1 
HETATM 890 O O   . HOH G 4 .  ? 8.880   -1.563  -11.444 1.00 53.96 ? 2007 HOH B O   1 
HETATM 891 O O   . HOH G 4 .  ? 4.437   5.373   -5.902  1.00 46.85 ? 2008 HOH B O   1 
HETATM 892 O O   . HOH G 4 .  ? 16.552  -9.501  -11.844 1.00 62.45 ? 2009 HOH B O   1 
HETATM 893 O O   . HOH G 4 .  ? 19.148  0.358   -4.838  1.00 61.53 ? 2010 HOH B O   1 
HETATM 894 O O   . HOH G 4 .  ? 13.761  -0.596  5.682   1.00 50.00 ? 2011 HOH B O   1 
HETATM 895 O O   . HOH G 4 .  ? 14.611  -3.831  4.141   1.00 49.75 ? 2012 HOH B O   1 
HETATM 896 O O   . HOH G 4 .  ? 5.491   8.671   0.646   1.00 54.70 ? 2013 HOH B O   1 
HETATM 897 O O   . HOH G 4 .  ? -5.238  11.344  -2.258  1.00 57.06 ? 2014 HOH B O   1 
HETATM 898 O O   . HOH G 4 .  ? -17.053 10.919  -6.416  1.00 66.54 ? 2015 HOH B O   1 
HETATM 899 O O   . HOH G 4 .  ? -11.220 7.779   -2.198  1.00 56.15 ? 2016 HOH B O   1 
HETATM 900 O O   . HOH G 4 .  ? -15.021 12.557  -14.086 1.00 63.74 ? 2017 HOH B O   1 
# 
